data_2HWU
#
_entry.id   2HWU
#
_cell.length_a   88.880
_cell.length_b   123.990
_cell.length_c   134.160
_cell.angle_alpha   90.00
_cell.angle_beta   90.00
_cell.angle_gamma   90.00
#
_symmetry.space_group_name_H-M   'P 21 21 21'
#
loop_
_entity.id
_entity.type
_entity.pdbx_description
1 polymer 'Uridine phosphorylase'
2 non-polymer 'PHOSPHATE ION'
3 non-polymer URIDINE
4 water water
#
_entity_poly.entity_id   1
_entity_poly.type   'polypeptide(L)'
_entity_poly.pdbx_seq_one_letter_code
;MSKSDVFHLGLTKNDLQGAQLAIVPGDPERVEKIAALMDKPVKLASHREFTSWRAELDGKAVIVCSTGIGGPSTSIAVEE
LAQLGIRTFLRIGTTGAIQPHINVGDVLVTTASVRLDGASLHFAPMEFPAVADFACTTALVEAAKSIGATTHVGVTASSD
TFYPGQERYDTYSGRVVRRFKGSMEEWQAMGVMNYEMESATLLTMCASQGLRAGMVAGVIVNRTQQEIPNAETMKQTESH
AVKIVVEAARRLL
;
_entity_poly.pdbx_strand_id   A,B,C,D,E,F
#
loop_
_chem_comp.id
_chem_comp.type
_chem_comp.name
_chem_comp.formula
PO4 non-polymer 'PHOSPHATE ION' 'O4 P -3'
URI non-polymer URIDINE 'C9 H12 N2 O6'
#
# COMPACT_ATOMS: atom_id res chain seq x y z
N MET A 1 1.61 2.38 39.70
CA MET A 1 1.93 1.62 40.93
C MET A 1 2.17 2.48 42.18
N SER A 2 1.60 3.68 42.19
CA SER A 2 1.44 4.43 43.43
C SER A 2 -0.06 4.47 43.72
N LYS A 3 -0.60 3.27 43.94
CA LYS A 3 -2.04 2.99 43.90
C LYS A 3 -2.65 3.31 42.53
N SER A 4 -2.35 2.44 41.57
CA SER A 4 -2.87 2.57 40.21
C SER A 4 -2.97 1.21 39.52
N ASP A 5 -4.14 0.93 38.96
CA ASP A 5 -4.38 -0.31 38.21
C ASP A 5 -3.86 -0.18 36.77
N VAL A 6 -3.44 1.03 36.39
CA VAL A 6 -2.99 1.32 35.03
C VAL A 6 -1.65 2.07 35.04
N PHE A 7 -0.93 2.01 33.92
CA PHE A 7 0.42 2.58 33.85
C PHE A 7 0.44 4.11 33.78
N HIS A 8 -0.38 4.69 32.90
CA HIS A 8 -0.34 6.13 32.65
C HIS A 8 -1.34 6.93 33.47
N LEU A 9 -2.62 6.58 33.37
CA LEU A 9 -3.71 7.40 33.91
C LEU A 9 -3.68 7.57 35.42
N GLY A 10 -3.00 6.67 36.12
CA GLY A 10 -2.85 6.74 37.58
C GLY A 10 -4.15 6.53 38.32
N LEU A 11 -4.95 5.57 37.86
CA LEU A 11 -6.28 5.32 38.42
C LEU A 11 -6.49 3.86 38.82
N THR A 12 -7.44 3.64 39.73
CA THR A 12 -7.83 2.30 40.17
C THR A 12 -9.30 2.05 39.83
N LYS A 13 -9.71 0.78 39.80
CA LYS A 13 -11.12 0.43 39.56
C LYS A 13 -12.04 1.07 40.60
N ASN A 14 -11.55 1.24 41.82
CA ASN A 14 -12.31 1.88 42.90
C ASN A 14 -12.61 3.35 42.62
N ASP A 15 -11.60 4.08 42.13
CA ASP A 15 -11.76 5.50 41.76
C ASP A 15 -12.99 5.72 40.89
N LEU A 16 -13.33 4.73 40.09
CA LEU A 16 -14.44 4.82 39.13
C LEU A 16 -15.82 4.63 39.76
N GLN A 17 -15.89 3.88 40.86
CA GLN A 17 -17.15 3.57 41.54
C GLN A 17 -18.17 2.91 40.60
N GLY A 18 -17.69 1.98 39.77
CA GLY A 18 -18.54 1.26 38.83
C GLY A 18 -18.99 2.09 37.63
N ALA A 19 -18.28 3.19 37.38
CA ALA A 19 -18.53 4.03 36.20
C ALA A 19 -18.18 3.25 34.95
N GLN A 20 -19.11 3.17 34.01
CA GLN A 20 -18.92 2.42 32.78
C GLN A 20 -18.87 3.30 31.54
N LEU A 21 -19.16 4.59 31.73
CA LEU A 21 -19.06 5.58 30.67
C LEU A 21 -18.01 6.62 31.01
N ALA A 22 -17.24 7.02 29.99
CA ALA A 22 -16.25 8.07 30.14
C ALA A 22 -16.36 9.11 29.04
N ILE A 23 -16.57 10.37 29.43
CA ILE A 23 -16.47 11.49 28.51
C ILE A 23 -14.99 11.78 28.32
N VAL A 24 -14.53 11.82 27.07
CA VAL A 24 -13.10 11.96 26.79
C VAL A 24 -12.74 13.21 25.96
N PRO A 25 -12.49 14.34 26.64
CA PRO A 25 -11.99 15.55 25.97
C PRO A 25 -10.51 15.40 25.59
N GLY A 26 -9.99 16.35 24.83
CA GLY A 26 -8.59 16.33 24.42
C GLY A 26 -7.67 17.14 25.33
N ASP A 27 -8.21 18.20 25.91
CA ASP A 27 -7.45 19.15 26.72
C ASP A 27 -7.62 18.89 28.22
N PRO A 28 -6.51 18.64 28.94
CA PRO A 28 -6.52 18.42 30.41
C PRO A 28 -7.23 19.52 31.20
N GLU A 29 -7.19 20.75 30.69
CA GLU A 29 -7.83 21.89 31.35
C GLU A 29 -9.35 21.89 31.18
N ARG A 30 -9.83 21.27 30.11
CA ARG A 30 -11.26 21.23 29.81
C ARG A 30 -12.02 20.23 30.70
N VAL A 31 -11.28 19.34 31.35
CA VAL A 31 -11.84 18.22 32.12
C VAL A 31 -12.68 18.69 33.32
N GLU A 32 -12.15 19.64 34.07
CA GLU A 32 -12.83 20.23 35.23
C GLU A 32 -14.11 20.97 34.81
N LYS A 33 -14.04 21.65 33.67
CA LYS A 33 -15.17 22.42 33.14
C LYS A 33 -16.34 21.51 32.76
N ILE A 34 -16.01 20.35 32.20
CA ILE A 34 -17.01 19.36 31.77
C ILE A 34 -17.65 18.64 32.96
N ALA A 35 -16.84 18.25 33.93
CA ALA A 35 -17.34 17.62 35.16
C ALA A 35 -18.22 18.58 35.96
N ALA A 36 -18.03 19.88 35.75
CA ALA A 36 -18.81 20.93 36.42
C ALA A 36 -20.25 21.05 35.91
N LEU A 37 -20.59 20.28 34.87
CA LEU A 37 -21.96 20.23 34.36
C LEU A 37 -22.73 19.05 34.97
N MET A 38 -22.08 18.37 35.92
CA MET A 38 -22.64 17.17 36.53
C MET A 38 -22.57 17.23 38.06
N ASP A 39 -23.18 16.26 38.72
CA ASP A 39 -23.23 16.24 40.19
C ASP A 39 -21.96 15.67 40.81
N LYS A 40 -21.68 16.11 42.04
CA LYS A 40 -20.52 15.71 42.84
C LYS A 40 -19.23 15.39 42.07
N PRO A 41 -18.74 16.34 41.25
CA PRO A 41 -17.48 16.10 40.55
C PRO A 41 -16.26 16.21 41.46
N VAL A 42 -15.31 15.29 41.28
CA VAL A 42 -14.09 15.26 42.08
C VAL A 42 -12.87 14.88 41.22
N LYS A 43 -11.78 15.60 41.43
CA LYS A 43 -10.50 15.30 40.77
C LYS A 43 -9.94 13.99 41.28
N LEU A 44 -9.61 13.10 40.36
CA LEU A 44 -9.07 11.78 40.71
C LEU A 44 -7.55 11.76 40.59
N ALA A 45 -7.07 12.02 39.37
CA ALA A 45 -5.64 12.03 39.10
C ALA A 45 -5.29 13.00 37.98
N SER A 46 -4.01 13.34 37.90
CA SER A 46 -3.48 14.16 36.82
C SER A 46 -2.02 13.79 36.55
N HIS A 47 -1.82 12.99 35.50
CA HIS A 47 -0.47 12.62 35.06
C HIS A 47 -0.33 12.82 33.56
N ARG A 48 0.81 13.39 33.16
CA ARG A 48 1.07 13.72 31.76
C ARG A 48 -0.08 14.55 31.18
N GLU A 49 -0.58 14.17 30.01
CA GLU A 49 -1.72 14.88 29.42
C GLU A 49 -3.07 14.32 29.87
N PHE A 50 -3.05 13.35 30.77
CA PHE A 50 -4.27 12.71 31.24
C PHE A 50 -4.71 13.23 32.59
N THR A 51 -5.71 14.11 32.57
CA THR A 51 -6.36 14.59 33.79
C THR A 51 -7.72 13.92 33.84
N SER A 52 -8.03 13.29 34.98
CA SER A 52 -9.30 12.58 35.14
C SER A 52 -10.11 13.06 36.34
N TRP A 53 -11.43 13.13 36.13
CA TRP A 53 -12.39 13.53 37.15
C TRP A 53 -13.52 12.51 37.17
N ARG A 54 -14.10 12.31 38.35
CA ARG A 54 -15.33 11.52 38.46
C ARG A 54 -16.48 12.43 38.84
N ALA A 55 -17.62 12.23 38.19
CA ALA A 55 -18.83 12.97 38.51
C ALA A 55 -20.03 12.03 38.51
N GLU A 56 -21.20 12.56 38.84
CA GLU A 56 -22.43 11.79 38.84
C GLU A 56 -23.43 12.39 37.86
N LEU A 57 -24.09 11.52 37.09
CA LEU A 57 -25.09 11.93 36.14
C LEU A 57 -26.35 11.10 36.36
N ASP A 58 -27.45 11.79 36.65
CA ASP A 58 -28.70 11.15 37.06
C ASP A 58 -28.47 10.04 38.10
N GLY A 59 -27.61 10.32 39.08
CA GLY A 59 -27.33 9.40 40.17
C GLY A 59 -26.17 8.42 39.96
N LYS A 60 -25.76 8.23 38.71
CA LYS A 60 -24.74 7.22 38.38
C LYS A 60 -23.38 7.83 38.05
N ALA A 61 -22.32 7.12 38.45
CA ALA A 61 -20.94 7.59 38.31
C ALA A 61 -20.46 7.64 36.87
N VAL A 62 -19.71 8.70 36.54
CA VAL A 62 -19.24 8.97 35.18
C VAL A 62 -17.81 9.52 35.24
N ILE A 63 -16.98 9.12 34.29
CA ILE A 63 -15.60 9.59 34.20
C ILE A 63 -15.45 10.68 33.14
N VAL A 64 -14.70 11.73 33.48
CA VAL A 64 -14.21 12.68 32.49
C VAL A 64 -12.69 12.59 32.49
N CYS A 65 -12.11 12.19 31.37
CA CYS A 65 -10.67 12.00 31.25
C CYS A 65 -10.14 12.54 29.93
N SER A 66 -9.14 13.40 30.01
CA SER A 66 -8.50 13.95 28.81
C SER A 66 -7.66 12.90 28.10
N THR A 67 -7.54 13.05 26.78
CA THR A 67 -6.78 12.12 25.97
C THR A 67 -5.45 12.72 25.53
N GLY A 68 -5.40 14.05 25.43
CA GLY A 68 -4.27 14.73 24.82
C GLY A 68 -4.53 14.85 23.33
N ILE A 69 -3.64 15.53 22.62
CA ILE A 69 -3.77 15.70 21.18
C ILE A 69 -3.23 14.49 20.41
N GLY A 70 -4.10 13.91 19.58
CA GLY A 70 -3.70 12.85 18.67
C GLY A 70 -4.11 11.44 19.07
N GLY A 71 -4.01 10.52 18.12
CA GLY A 71 -4.35 9.12 18.32
C GLY A 71 -3.52 8.36 19.34
N PRO A 72 -2.18 8.52 19.30
CA PRO A 72 -1.30 7.79 20.23
C PRO A 72 -1.68 7.94 21.70
N SER A 73 -1.85 9.18 22.15
CA SER A 73 -2.20 9.44 23.56
C SER A 73 -3.65 9.09 23.85
N THR A 74 -4.50 9.17 22.83
CA THR A 74 -5.90 8.77 22.95
C THR A 74 -5.99 7.26 23.17
N SER A 75 -5.24 6.50 22.37
CA SER A 75 -5.24 5.04 22.46
C SER A 75 -4.78 4.55 23.84
N ILE A 76 -3.84 5.28 24.44
CA ILE A 76 -3.39 4.98 25.80
C ILE A 76 -4.54 5.21 26.78
N ALA A 77 -5.16 6.38 26.70
CA ALA A 77 -6.28 6.75 27.57
C ALA A 77 -7.45 5.79 27.44
N VAL A 78 -7.86 5.51 26.20
CA VAL A 78 -8.99 4.61 25.94
C VAL A 78 -8.70 3.18 26.44
N GLU A 79 -7.52 2.65 26.10
CA GLU A 79 -7.10 1.32 26.54
C GLU A 79 -7.11 1.19 28.06
N GLU A 80 -6.50 2.16 28.73
CA GLU A 80 -6.36 2.09 30.18
C GLU A 80 -7.68 2.28 30.94
N LEU A 81 -8.53 3.16 30.42
CA LEU A 81 -9.89 3.33 30.96
C LEU A 81 -10.71 2.04 30.79
N ALA A 82 -10.52 1.38 29.65
CA ALA A 82 -11.20 0.12 29.35
C ALA A 82 -10.79 -0.99 30.32
N GLN A 83 -9.52 -0.99 30.70
CA GLN A 83 -9.02 -1.93 31.71
C GLN A 83 -9.71 -1.66 33.04
N LEU A 84 -9.89 -0.38 33.36
CA LEU A 84 -10.51 0.05 34.61
C LEU A 84 -12.00 -0.29 34.68
N GLY A 85 -12.64 -0.41 33.52
CA GLY A 85 -14.03 -0.85 33.45
C GLY A 85 -14.94 -0.04 32.56
N ILE A 86 -14.38 0.94 31.85
CA ILE A 86 -15.15 1.78 30.94
C ILE A 86 -15.48 1.02 29.65
N ARG A 87 -16.76 1.08 29.26
CA ARG A 87 -17.23 0.40 28.05
C ARG A 87 -17.78 1.37 27.01
N THR A 88 -18.12 2.58 27.45
CA THR A 88 -18.65 3.61 26.55
C THR A 88 -17.85 4.91 26.64
N PHE A 89 -17.36 5.36 25.49
CA PHE A 89 -16.54 6.56 25.40
C PHE A 89 -17.24 7.59 24.52
N LEU A 90 -17.46 8.78 25.08
CA LEU A 90 -17.98 9.89 24.30
C LEU A 90 -16.91 10.97 24.21
N ARG A 91 -16.43 11.23 23.02
CA ARG A 91 -15.44 12.29 22.82
C ARG A 91 -16.12 13.62 22.51
N ILE A 92 -15.68 14.66 23.21
CA ILE A 92 -16.09 16.02 22.94
C ILE A 92 -14.84 16.83 22.59
N GLY A 93 -14.80 17.33 21.37
CA GLY A 93 -13.64 18.09 20.90
C GLY A 93 -13.98 19.39 20.22
N THR A 94 -12.94 20.06 19.72
CA THR A 94 -13.09 21.21 18.86
C THR A 94 -12.75 20.75 17.44
N THR A 95 -13.24 21.49 16.45
CA THR A 95 -13.02 21.12 15.05
C THR A 95 -13.01 22.33 14.12
N GLY A 96 -12.37 22.14 12.97
CA GLY A 96 -12.43 23.11 11.88
C GLY A 96 -13.24 22.54 10.74
N ALA A 97 -14.34 23.20 10.40
CA ALA A 97 -15.22 22.73 9.33
C ALA A 97 -14.67 23.10 7.96
N ILE A 98 -14.96 22.25 6.97
CA ILE A 98 -14.45 22.47 5.60
C ILE A 98 -15.57 22.71 4.57
N GLN A 99 -16.83 22.60 5.00
CA GLN A 99 -17.96 22.88 4.14
C GLN A 99 -18.41 24.33 4.30
N PRO A 100 -18.76 24.99 3.18
CA PRO A 100 -19.23 26.39 3.24
C PRO A 100 -20.53 26.54 4.02
N HIS A 101 -21.35 25.49 4.04
CA HIS A 101 -22.65 25.54 4.70
C HIS A 101 -22.60 25.32 6.21
N ILE A 102 -21.43 24.95 6.73
CA ILE A 102 -21.25 24.73 8.17
C ILE A 102 -20.58 25.95 8.82
N ASN A 103 -21.33 26.63 9.68
CA ASN A 103 -20.85 27.85 10.34
C ASN A 103 -20.16 27.60 11.68
N VAL A 104 -19.36 28.56 12.12
CA VAL A 104 -18.71 28.50 13.44
C VAL A 104 -19.80 28.50 14.51
N GLY A 105 -19.62 27.66 15.52
CA GLY A 105 -20.61 27.51 16.59
C GLY A 105 -21.57 26.36 16.34
N ASP A 106 -21.56 25.83 15.11
CA ASP A 106 -22.33 24.64 14.76
C ASP A 106 -21.76 23.43 15.50
N VAL A 107 -22.62 22.42 15.72
CA VAL A 107 -22.22 21.20 16.41
C VAL A 107 -22.21 20.05 15.41
N LEU A 108 -21.10 19.30 15.38
CA LEU A 108 -20.96 18.20 14.44
C LEU A 108 -20.87 16.86 15.14
N VAL A 109 -21.67 15.90 14.68
CA VAL A 109 -21.63 14.54 15.17
C VAL A 109 -21.05 13.65 14.08
N THR A 110 -20.06 12.82 14.46
CA THR A 110 -19.37 11.97 13.50
C THR A 110 -19.98 10.57 13.42
N THR A 111 -20.34 10.15 12.22
CA THR A 111 -20.78 8.77 11.98
C THR A 111 -19.56 7.87 11.81
N ALA A 112 -18.59 8.34 11.02
CA ALA A 112 -17.33 7.63 10.79
C ALA A 112 -16.26 8.59 10.30
N SER A 113 -15.00 8.16 10.41
CA SER A 113 -13.87 9.05 10.11
C SER A 113 -12.99 8.58 8.96
N VAL A 114 -12.40 9.55 8.27
CA VAL A 114 -11.38 9.27 7.26
C VAL A 114 -10.08 9.07 8.03
N ARG A 115 -9.50 7.87 7.89
CA ARG A 115 -8.34 7.47 8.67
C ARG A 115 -7.03 8.04 8.12
N LEU A 116 -6.75 9.28 8.48
CA LEU A 116 -5.50 9.94 8.11
C LEU A 116 -4.54 9.88 9.29
N ASP A 117 -4.79 8.91 10.17
CA ASP A 117 -4.00 8.69 11.36
C ASP A 117 -3.20 7.39 11.22
N GLY A 118 -2.35 7.12 12.20
CA GLY A 118 -1.54 5.90 12.19
C GLY A 118 -1.95 4.88 13.23
N ALA A 119 -2.45 5.36 14.37
CA ALA A 119 -2.78 4.50 15.51
C ALA A 119 -3.94 3.54 15.25
N SER A 120 -4.88 3.94 14.39
CA SER A 120 -6.02 3.09 14.03
C SER A 120 -5.57 1.77 13.42
N LEU A 121 -4.48 1.83 12.67
CA LEU A 121 -3.89 0.67 11.99
C LEU A 121 -3.29 -0.34 12.97
N HIS A 122 -3.13 0.08 14.22
CA HIS A 122 -2.62 -0.78 15.29
C HIS A 122 -3.75 -1.61 15.91
N PHE A 123 -4.97 -1.43 15.39
CA PHE A 123 -6.14 -2.14 15.89
C PHE A 123 -6.91 -2.85 14.78
N ALA A 124 -6.79 -2.32 13.56
CA ALA A 124 -7.45 -2.90 12.38
C ALA A 124 -6.82 -2.34 11.10
N PRO A 125 -6.74 -3.16 10.04
CA PRO A 125 -6.21 -2.66 8.76
C PRO A 125 -7.08 -1.55 8.16
N MET A 126 -6.52 -0.82 7.20
CA MET A 126 -7.15 0.38 6.63
C MET A 126 -8.56 0.17 6.06
N GLU A 127 -8.88 -1.08 5.69
CA GLU A 127 -10.19 -1.41 5.12
C GLU A 127 -11.32 -1.36 6.16
N PHE A 128 -10.97 -1.56 7.43
CA PHE A 128 -11.94 -1.53 8.53
C PHE A 128 -12.47 -0.11 8.73
N PRO A 129 -13.80 0.03 8.89
CA PRO A 129 -14.41 1.35 9.04
C PRO A 129 -14.18 1.97 10.41
N ALA A 130 -13.78 3.24 10.43
CA ALA A 130 -13.67 4.01 11.66
C ALA A 130 -15.04 4.52 12.07
N VAL A 131 -15.96 3.59 12.33
CA VAL A 131 -17.36 3.92 12.60
C VAL A 131 -17.66 4.08 14.09
N ALA A 132 -18.56 5.01 14.39
CA ALA A 132 -19.04 5.22 15.74
C ALA A 132 -20.15 4.22 16.06
N ASP A 133 -20.37 3.98 17.36
CA ASP A 133 -21.44 3.11 17.83
C ASP A 133 -22.79 3.76 17.50
N PHE A 134 -23.78 2.93 17.16
CA PHE A 134 -25.10 3.44 16.79
C PHE A 134 -25.81 4.15 17.94
N ALA A 135 -25.82 3.52 19.12
CA ALA A 135 -26.49 4.08 20.29
C ALA A 135 -25.82 5.39 20.74
N CYS A 136 -24.51 5.48 20.56
CA CYS A 136 -23.76 6.67 20.92
C CYS A 136 -24.08 7.85 20.00
N THR A 137 -24.21 7.57 18.72
CA THR A 137 -24.56 8.59 17.73
C THR A 137 -26.02 9.01 17.90
N THR A 138 -26.91 8.03 18.08
CA THR A 138 -28.33 8.28 18.36
C THR A 138 -28.50 9.18 19.58
N ALA A 139 -27.74 8.90 20.64
CA ALA A 139 -27.79 9.68 21.88
C ALA A 139 -27.36 11.13 21.65
N LEU A 140 -26.31 11.33 20.86
CA LEU A 140 -25.79 12.66 20.57
C LEU A 140 -26.73 13.50 19.72
N VAL A 141 -27.33 12.88 18.71
CA VAL A 141 -28.27 13.56 17.81
C VAL A 141 -29.51 14.03 18.57
N GLU A 142 -30.05 13.13 19.41
CA GLU A 142 -31.20 13.44 20.24
C GLU A 142 -30.87 14.53 21.25
N ALA A 143 -29.68 14.45 21.83
CA ALA A 143 -29.18 15.43 22.79
C ALA A 143 -29.00 16.80 22.13
N ALA A 144 -28.60 16.80 20.87
CA ALA A 144 -28.49 18.04 20.08
C ALA A 144 -29.85 18.70 19.89
N LYS A 145 -30.89 17.89 19.72
CA LYS A 145 -32.27 18.37 19.63
C LYS A 145 -32.76 18.91 20.98
N SER A 146 -32.32 18.28 22.07
CA SER A 146 -32.69 18.71 23.41
C SER A 146 -32.07 20.07 23.78
N ILE A 147 -30.83 20.28 23.36
CA ILE A 147 -30.12 21.55 23.60
C ILE A 147 -30.57 22.59 22.58
N GLY A 148 -30.85 22.15 21.36
CA GLY A 148 -31.37 23.00 20.31
C GLY A 148 -30.31 23.59 19.40
N ALA A 149 -29.22 22.85 19.22
CA ALA A 149 -28.09 23.31 18.43
C ALA A 149 -28.34 23.21 16.93
N THR A 150 -27.50 23.88 16.15
CA THR A 150 -27.43 23.66 14.71
C THR A 150 -26.46 22.51 14.48
N THR A 151 -27.01 21.34 14.15
CA THR A 151 -26.24 20.11 14.13
C THR A 151 -26.09 19.53 12.72
N HIS A 152 -24.90 19.03 12.43
CA HIS A 152 -24.67 18.26 11.21
C HIS A 152 -24.15 16.87 11.56
N VAL A 153 -24.65 15.88 10.84
CA VAL A 153 -24.31 14.48 11.09
C VAL A 153 -23.65 13.92 9.83
N GLY A 154 -22.41 13.43 9.96
CA GLY A 154 -21.71 12.84 8.82
C GLY A 154 -20.25 12.49 9.03
N VAL A 155 -19.51 12.48 7.92
CA VAL A 155 -18.12 12.02 7.91
C VAL A 155 -17.14 13.12 8.32
N THR A 156 -16.18 12.74 9.15
CA THR A 156 -15.12 13.63 9.62
C THR A 156 -13.77 13.10 9.13
N ALA A 157 -12.88 14.00 8.74
CA ALA A 157 -11.51 13.63 8.43
C ALA A 157 -10.63 13.76 9.67
N SER A 158 -10.08 12.63 10.11
CA SER A 158 -9.25 12.58 11.32
C SER A 158 -7.78 12.46 10.96
N SER A 159 -7.03 13.53 11.23
CA SER A 159 -5.63 13.65 10.82
C SER A 159 -4.64 13.51 11.98
N ASP A 160 -3.45 13.00 11.67
CA ASP A 160 -2.38 12.89 12.68
C ASP A 160 -1.52 14.14 12.82
N THR A 161 -1.82 15.16 12.02
CA THR A 161 -1.16 16.47 12.15
C THR A 161 -2.19 17.59 12.11
N PHE A 162 -1.86 18.69 12.75
CA PHE A 162 -2.70 19.89 12.73
C PHE A 162 -2.50 20.65 11.43
N TYR A 163 -1.31 20.53 10.84
CA TYR A 163 -0.91 21.40 9.73
C TYR A 163 -0.98 20.76 8.33
N PRO A 164 0.03 19.95 7.94
CA PRO A 164 0.03 19.46 6.54
C PRO A 164 -1.07 18.45 6.23
N GLY A 165 -1.45 17.64 7.21
CA GLY A 165 -2.54 16.68 7.05
C GLY A 165 -3.90 17.34 6.88
N GLN A 166 -4.02 18.56 7.39
CA GLN A 166 -5.22 19.36 7.23
C GLN A 166 -4.98 20.46 6.20
N GLU A 167 -4.04 20.19 5.29
CA GLU A 167 -3.60 21.08 4.21
C GLU A 167 -3.47 22.56 4.60
N ARG A 168 -2.76 22.80 5.70
CA ARG A 168 -2.39 24.15 6.11
C ARG A 168 -1.03 24.51 5.53
N TYR A 169 -0.97 25.64 4.81
CA TYR A 169 0.25 26.09 4.17
C TYR A 169 0.92 27.17 5.00
N ASP A 170 0.18 27.69 5.96
CA ASP A 170 0.62 28.72 6.89
C ASP A 170 1.58 28.15 7.94
N THR A 171 2.67 27.55 7.45
CA THR A 171 3.61 26.82 8.29
C THR A 171 5.03 27.32 8.09
N TYR A 172 5.97 26.82 8.89
CA TYR A 172 7.39 27.10 8.73
C TYR A 172 7.89 26.70 7.34
N SER A 173 7.40 25.56 6.87
CA SER A 173 7.81 24.97 5.60
C SER A 173 7.11 25.63 4.41
N GLY A 174 5.79 25.66 4.44
CA GLY A 174 5.00 26.17 3.33
C GLY A 174 4.71 25.10 2.29
N ARG A 175 5.39 23.96 2.40
CA ARG A 175 5.15 22.83 1.51
C ARG A 175 4.21 21.82 2.16
N VAL A 176 3.53 21.03 1.32
CA VAL A 176 2.68 19.93 1.76
C VAL A 176 3.00 18.70 0.91
N VAL A 177 3.25 17.57 1.59
CA VAL A 177 3.59 16.31 0.92
C VAL A 177 2.52 15.89 -0.08
N ARG A 178 2.95 15.32 -1.19
CA ARG A 178 2.07 14.94 -2.31
C ARG A 178 0.73 14.35 -1.90
N ARG A 179 0.74 13.48 -0.89
CA ARG A 179 -0.47 12.81 -0.40
C ARG A 179 -1.59 13.77 -0.05
N PHE A 180 -1.24 14.87 0.63
CA PHE A 180 -2.23 15.83 1.13
C PHE A 180 -2.37 17.09 0.28
N LYS A 181 -1.62 17.17 -0.82
CA LYS A 181 -1.72 18.29 -1.76
C LYS A 181 -3.07 18.23 -2.46
N GLY A 182 -3.85 19.30 -2.31
CA GLY A 182 -5.20 19.38 -2.89
C GLY A 182 -6.16 18.39 -2.28
N SER A 183 -5.87 17.96 -1.05
CA SER A 183 -6.67 16.97 -0.35
C SER A 183 -7.96 17.53 0.21
N MET A 184 -7.90 18.73 0.80
CA MET A 184 -9.07 19.36 1.40
C MET A 184 -10.22 19.47 0.40
N GLU A 185 -9.91 19.93 -0.80
CA GLU A 185 -10.88 20.02 -1.90
C GLU A 185 -11.52 18.66 -2.18
N GLU A 186 -10.71 17.61 -2.22
CA GLU A 186 -11.19 16.25 -2.45
C GLU A 186 -12.14 15.80 -1.34
N TRP A 187 -11.75 16.05 -0.09
CA TRP A 187 -12.61 15.74 1.06
C TRP A 187 -13.90 16.55 1.01
N GLN A 188 -13.80 17.82 0.62
CA GLN A 188 -14.95 18.70 0.47
C GLN A 188 -15.97 18.11 -0.50
N ALA A 189 -15.51 17.76 -1.70
CA ALA A 189 -16.34 17.14 -2.72
C ALA A 189 -16.93 15.81 -2.26
N MET A 190 -16.23 15.14 -1.34
CA MET A 190 -16.69 13.89 -0.77
C MET A 190 -17.62 14.09 0.43
N GLY A 191 -17.95 15.36 0.71
CA GLY A 191 -18.93 15.70 1.75
C GLY A 191 -18.43 15.58 3.18
N VAL A 192 -17.11 15.46 3.35
CA VAL A 192 -16.49 15.44 4.68
C VAL A 192 -16.78 16.78 5.36
N MET A 193 -17.23 16.71 6.61
CA MET A 193 -17.70 17.90 7.32
C MET A 193 -16.55 18.74 7.88
N ASN A 194 -15.53 18.07 8.41
CA ASN A 194 -14.54 18.74 9.24
C ASN A 194 -13.22 17.99 9.39
N TYR A 195 -12.23 18.71 9.90
CA TYR A 195 -10.96 18.14 10.33
C TYR A 195 -10.87 18.14 11.84
N GLU A 196 -10.39 17.03 12.40
CA GLU A 196 -9.90 16.98 13.78
C GLU A 196 -8.80 15.91 13.86
N MET A 197 -8.40 15.51 15.06
CA MET A 197 -7.19 14.71 15.20
C MET A 197 -7.28 13.38 15.98
N GLU A 198 -8.43 13.06 16.54
CA GLU A 198 -8.53 11.90 17.43
C GLU A 198 -9.58 10.85 17.07
N SER A 199 -10.63 11.26 16.36
CA SER A 199 -11.79 10.39 16.10
C SER A 199 -11.43 9.05 15.46
N ALA A 200 -10.66 9.08 14.38
CA ALA A 200 -10.31 7.85 13.65
C ALA A 200 -9.70 6.77 14.53
N THR A 201 -8.80 7.17 15.43
CA THR A 201 -8.18 6.24 16.37
C THR A 201 -9.21 5.72 17.38
N LEU A 202 -9.91 6.65 18.03
CA LEU A 202 -10.93 6.30 19.03
C LEU A 202 -11.98 5.36 18.44
N LEU A 203 -12.56 5.76 17.31
CA LEU A 203 -13.67 5.02 16.70
C LEU A 203 -13.27 3.64 16.21
N THR A 204 -12.05 3.52 15.66
CA THR A 204 -11.55 2.23 15.17
C THR A 204 -11.29 1.25 16.32
N MET A 205 -10.50 1.69 17.31
CA MET A 205 -10.11 0.85 18.43
C MET A 205 -11.27 0.46 19.34
N CYS A 206 -12.34 1.26 19.34
CA CYS A 206 -13.51 0.93 20.13
C CYS A 206 -14.42 -0.04 19.40
N ALA A 207 -14.71 0.25 18.12
CA ALA A 207 -15.55 -0.62 17.28
C ALA A 207 -14.90 -1.98 16.99
N SER A 208 -13.58 -2.04 17.11
CA SER A 208 -12.83 -3.28 16.84
C SER A 208 -12.53 -4.08 18.10
N GLN A 209 -13.10 -3.67 19.24
CA GLN A 209 -12.86 -4.34 20.52
C GLN A 209 -14.11 -4.44 21.40
N GLY A 210 -15.28 -4.28 20.79
CA GLY A 210 -16.55 -4.38 21.52
C GLY A 210 -16.83 -3.22 22.46
N LEU A 211 -16.16 -2.09 22.24
CA LEU A 211 -16.41 -0.88 23.01
C LEU A 211 -17.30 0.08 22.21
N ARG A 212 -18.22 0.75 22.91
CA ARG A 212 -19.08 1.74 22.26
C ARG A 212 -18.43 3.10 22.31
N ALA A 213 -18.43 3.80 21.17
CA ALA A 213 -17.80 5.11 21.08
C ALA A 213 -18.61 6.11 20.26
N GLY A 214 -18.73 7.32 20.80
CA GLY A 214 -19.37 8.43 20.11
C GLY A 214 -18.39 9.57 19.91
N MET A 215 -18.73 10.47 18.99
CA MET A 215 -17.87 11.60 18.68
C MET A 215 -18.69 12.86 18.38
N VAL A 216 -18.51 13.88 19.20
CA VAL A 216 -19.12 15.19 18.97
C VAL A 216 -18.07 16.30 19.08
N ALA A 217 -18.20 17.31 18.22
CA ALA A 217 -17.28 18.44 18.24
C ALA A 217 -17.98 19.74 17.87
N GLY A 218 -17.48 20.84 18.43
CA GLY A 218 -17.97 22.18 18.11
C GLY A 218 -17.04 22.85 17.11
N VAL A 219 -17.64 23.51 16.11
CA VAL A 219 -16.87 24.20 15.07
C VAL A 219 -16.32 25.52 15.61
N ILE A 220 -15.00 25.64 15.64
CA ILE A 220 -14.34 26.86 16.12
C ILE A 220 -13.71 27.69 14.99
N VAL A 221 -13.73 27.15 13.78
CA VAL A 221 -13.24 27.84 12.58
C VAL A 221 -13.77 27.17 11.30
N ASN A 222 -14.09 27.99 10.31
CA ASN A 222 -14.42 27.47 8.98
C ASN A 222 -13.30 27.75 8.00
N ARG A 223 -12.81 26.69 7.36
CA ARG A 223 -11.63 26.74 6.51
C ARG A 223 -11.88 27.37 5.13
N THR A 224 -13.11 27.75 4.87
CA THR A 224 -13.46 28.43 3.61
C THR A 224 -13.87 29.89 3.81
N GLN A 225 -14.35 30.21 5.01
CA GLN A 225 -14.77 31.58 5.35
C GLN A 225 -13.59 32.49 5.69
N GLN A 226 -13.76 33.79 5.44
CA GLN A 226 -12.72 34.79 5.65
C GLN A 226 -12.66 35.25 7.11
N GLU A 227 -13.82 35.57 7.67
CA GLU A 227 -13.92 36.09 9.03
C GLU A 227 -13.73 34.98 10.07
N ILE A 228 -12.75 35.17 10.97
CA ILE A 228 -12.43 34.21 12.02
C ILE A 228 -12.87 34.75 13.39
N PRO A 229 -13.69 33.98 14.13
CA PRO A 229 -14.39 34.40 15.36
C PRO A 229 -13.50 35.01 16.45
N ASN A 230 -14.11 35.76 17.37
CA ASN A 230 -13.40 36.58 18.35
C ASN A 230 -12.75 35.83 19.52
N ALA A 231 -12.42 36.58 20.57
CA ALA A 231 -11.73 36.05 21.77
C ALA A 231 -12.35 34.75 22.30
N GLU A 232 -13.67 34.74 22.42
CA GLU A 232 -14.38 33.53 22.84
C GLU A 232 -14.70 32.62 21.63
N THR A 233 -13.65 32.23 20.91
CA THR A 233 -13.78 31.32 19.77
C THR A 233 -14.34 29.98 20.23
N MET A 234 -13.87 29.53 21.40
CA MET A 234 -14.33 28.29 22.00
C MET A 234 -15.40 28.52 23.09
N LYS A 235 -15.15 29.49 23.96
CA LYS A 235 -15.96 29.73 25.18
C LYS A 235 -17.44 29.30 25.14
N GLN A 236 -18.20 29.77 24.16
CA GLN A 236 -19.62 29.40 24.07
C GLN A 236 -19.95 28.44 22.91
N THR A 237 -18.93 28.09 22.11
CA THR A 237 -19.02 26.97 21.19
C THR A 237 -18.81 25.68 21.98
N GLU A 238 -17.86 25.75 22.92
CA GLU A 238 -17.61 24.69 23.90
C GLU A 238 -18.90 24.41 24.68
N SER A 239 -19.53 25.47 25.17
CA SER A 239 -20.74 25.39 25.99
C SER A 239 -21.89 24.63 25.31
N HIS A 240 -21.95 24.69 23.98
CA HIS A 240 -22.95 23.96 23.21
C HIS A 240 -22.61 22.48 23.07
N ALA A 241 -21.40 22.20 22.58
CA ALA A 241 -20.94 20.83 22.36
C ALA A 241 -20.75 20.05 23.67
N VAL A 242 -20.26 20.74 24.70
CA VAL A 242 -20.07 20.15 26.03
C VAL A 242 -21.42 19.83 26.68
N LYS A 243 -22.40 20.72 26.52
CA LYS A 243 -23.73 20.52 27.07
C LYS A 243 -24.43 19.34 26.39
N ILE A 244 -24.06 19.09 25.14
CA ILE A 244 -24.62 17.98 24.35
C ILE A 244 -24.01 16.63 24.72
N VAL A 245 -22.69 16.56 24.82
CA VAL A 245 -22.00 15.31 25.18
C VAL A 245 -22.45 14.79 26.54
N VAL A 246 -22.71 15.71 27.46
CA VAL A 246 -23.21 15.38 28.80
C VAL A 246 -24.65 14.87 28.72
N GLU A 247 -25.46 15.53 27.90
CA GLU A 247 -26.87 15.15 27.70
C GLU A 247 -27.00 13.80 27.00
N ALA A 248 -26.09 13.54 26.07
CA ALA A 248 -26.02 12.26 25.36
C ALA A 248 -25.67 11.13 26.32
N ALA A 249 -24.78 11.43 27.27
CA ALA A 249 -24.33 10.46 28.26
C ALA A 249 -25.46 10.00 29.20
N ARG A 250 -26.41 10.89 29.46
CA ARG A 250 -27.57 10.57 30.29
C ARG A 250 -28.34 9.36 29.75
N ARG A 251 -28.43 9.28 28.43
CA ARG A 251 -29.20 8.25 27.74
C ARG A 251 -28.33 7.04 27.37
N LEU A 252 -27.22 6.86 28.08
CA LEU A 252 -26.32 5.73 27.83
C LEU A 252 -25.82 5.07 29.12
N LEU A 253 -26.44 5.43 30.24
CA LEU A 253 -26.02 4.93 31.55
C LEU A 253 -26.70 3.62 31.89
N SER B 4 35.48 -22.88 -4.34
CA SER B 4 34.67 -21.66 -4.07
C SER B 4 33.58 -21.92 -3.03
N ASP B 5 33.42 -20.99 -2.10
CA ASP B 5 32.44 -21.12 -1.02
C ASP B 5 31.13 -20.41 -1.34
N VAL B 6 31.18 -19.48 -2.30
CA VAL B 6 30.02 -18.67 -2.67
C VAL B 6 29.72 -18.81 -4.16
N PHE B 7 28.44 -18.68 -4.52
CA PHE B 7 27.97 -19.00 -5.88
C PHE B 7 28.44 -18.03 -6.97
N HIS B 8 28.43 -16.73 -6.68
CA HIS B 8 28.70 -15.72 -7.71
C HIS B 8 30.12 -15.15 -7.71
N LEU B 9 30.66 -14.88 -6.52
CA LEU B 9 31.93 -14.18 -6.39
C LEU B 9 33.14 -15.02 -6.76
N GLY B 10 33.02 -16.34 -6.60
CA GLY B 10 34.11 -17.28 -6.87
C GLY B 10 35.26 -17.08 -5.90
N LEU B 11 34.95 -17.13 -4.61
CA LEU B 11 35.93 -16.85 -3.55
C LEU B 11 35.80 -17.80 -2.37
N THR B 12 36.91 -17.98 -1.66
CA THR B 12 36.94 -18.76 -0.43
C THR B 12 37.27 -17.81 0.74
N LYS B 13 36.88 -18.22 1.96
CA LYS B 13 37.17 -17.43 3.17
C LYS B 13 38.66 -17.11 3.28
N ASN B 14 39.50 -18.01 2.75
CA ASN B 14 40.94 -17.88 2.79
C ASN B 14 41.49 -16.73 1.94
N ASP B 15 40.80 -16.44 0.84
CA ASP B 15 41.14 -15.33 -0.05
C ASP B 15 41.09 -13.99 0.70
N LEU B 16 40.29 -13.94 1.76
CA LEU B 16 40.08 -12.73 2.55
C LEU B 16 41.21 -12.47 3.54
N GLN B 17 41.87 -13.54 4.00
CA GLN B 17 43.00 -13.45 4.94
C GLN B 17 42.61 -12.75 6.25
N GLY B 18 41.40 -13.03 6.73
CA GLY B 18 40.88 -12.39 7.93
C GLY B 18 40.31 -11.01 7.70
N ALA B 19 40.09 -10.65 6.43
CA ALA B 19 39.50 -9.37 6.08
C ALA B 19 38.06 -9.31 6.56
N GLN B 20 37.72 -8.23 7.25
CA GLN B 20 36.37 -8.04 7.76
C GLN B 20 35.74 -6.78 7.17
N LEU B 21 36.52 -6.03 6.41
CA LEU B 21 36.04 -4.82 5.75
C LEU B 21 36.15 -4.94 4.24
N ALA B 22 35.09 -4.53 3.55
CA ALA B 22 35.09 -4.48 2.10
C ALA B 22 34.67 -3.10 1.61
N ILE B 23 35.58 -2.44 0.90
CA ILE B 23 35.24 -1.27 0.11
C ILE B 23 34.55 -1.80 -1.13
N VAL B 24 33.33 -1.35 -1.39
CA VAL B 24 32.54 -1.90 -2.49
C VAL B 24 32.13 -0.86 -3.55
N PRO B 25 32.92 -0.75 -4.63
CA PRO B 25 32.55 0.12 -5.75
C PRO B 25 31.45 -0.50 -6.59
N GLY B 26 30.82 0.31 -7.43
CA GLY B 26 29.83 -0.18 -8.38
C GLY B 26 30.51 -0.79 -9.58
N ASP B 27 31.40 -0.01 -10.20
CA ASP B 27 32.10 -0.40 -11.41
C ASP B 27 33.27 -1.36 -11.13
N PRO B 28 33.22 -2.58 -11.71
CA PRO B 28 34.32 -3.56 -11.63
C PRO B 28 35.66 -3.04 -12.17
N GLU B 29 35.59 -2.12 -13.13
CA GLU B 29 36.79 -1.54 -13.75
C GLU B 29 37.48 -0.51 -12.84
N ARG B 30 36.90 -0.29 -11.66
CA ARG B 30 37.40 0.71 -10.71
C ARG B 30 37.94 0.06 -9.44
N VAL B 31 37.83 -1.27 -9.36
CA VAL B 31 38.29 -2.04 -8.21
C VAL B 31 39.80 -1.98 -8.04
N GLU B 32 40.52 -2.28 -9.13
CA GLU B 32 41.98 -2.27 -9.16
C GLU B 32 42.56 -0.92 -8.73
N LYS B 33 41.95 0.15 -9.24
CA LYS B 33 42.38 1.54 -8.96
C LYS B 33 42.33 1.87 -7.47
N ILE B 34 41.27 1.40 -6.80
CA ILE B 34 41.13 1.56 -5.35
C ILE B 34 42.17 0.71 -4.62
N ALA B 35 42.25 -0.56 -4.99
CA ALA B 35 43.18 -1.50 -4.40
C ALA B 35 44.65 -1.06 -4.57
N ALA B 36 44.94 -0.40 -5.69
CA ALA B 36 46.28 0.09 -5.99
C ALA B 36 46.70 1.25 -5.08
N LEU B 37 45.72 1.91 -4.47
CA LEU B 37 45.99 2.98 -3.50
C LEU B 37 46.27 2.41 -2.10
N MET B 38 46.31 1.08 -2.01
CA MET B 38 46.63 0.37 -0.78
C MET B 38 47.85 -0.55 -0.93
N ASP B 39 48.27 -1.19 0.16
CA ASP B 39 49.42 -2.09 0.16
C ASP B 39 49.09 -3.49 -0.34
N LYS B 40 50.06 -4.09 -1.05
CA LYS B 40 50.02 -5.48 -1.50
C LYS B 40 48.74 -5.88 -2.26
N PRO B 41 48.35 -5.09 -3.30
CA PRO B 41 47.10 -5.40 -3.98
C PRO B 41 47.21 -6.67 -4.84
N VAL B 42 46.32 -7.62 -4.59
CA VAL B 42 46.31 -8.91 -5.27
C VAL B 42 44.93 -9.19 -5.82
N LYS B 43 44.83 -9.40 -7.14
CA LYS B 43 43.55 -9.75 -7.75
C LYS B 43 43.12 -11.14 -7.29
N LEU B 44 41.89 -11.23 -6.84
CA LEU B 44 41.34 -12.50 -6.36
C LEU B 44 40.55 -13.20 -7.47
N ALA B 45 39.47 -12.55 -7.91
CA ALA B 45 38.58 -13.16 -8.90
C ALA B 45 37.83 -12.10 -9.72
N SER B 46 37.23 -12.56 -10.83
CA SER B 46 36.39 -11.72 -11.67
C SER B 46 35.31 -12.59 -12.31
N HIS B 47 34.06 -12.41 -11.87
CA HIS B 47 32.93 -13.15 -12.41
C HIS B 47 31.73 -12.23 -12.57
N ARG B 48 31.16 -12.23 -13.79
CA ARG B 48 30.07 -11.34 -14.14
C ARG B 48 30.48 -9.90 -13.84
N GLU B 49 29.73 -9.21 -12.98
CA GLU B 49 30.08 -7.84 -12.59
C GLU B 49 30.88 -7.77 -11.27
N PHE B 50 31.26 -8.93 -10.75
CA PHE B 50 31.97 -8.99 -9.48
C PHE B 50 33.47 -9.24 -9.66
N THR B 51 34.26 -8.17 -9.53
CA THR B 51 35.71 -8.26 -9.55
C THR B 51 36.23 -7.96 -8.15
N SER B 52 37.03 -8.88 -7.59
CA SER B 52 37.51 -8.76 -6.22
C SER B 52 39.03 -8.71 -6.12
N TRP B 53 39.52 -7.78 -5.29
CA TRP B 53 40.93 -7.67 -4.97
C TRP B 53 41.09 -7.66 -3.45
N ARG B 54 42.11 -8.35 -2.96
CA ARG B 54 42.54 -8.18 -1.58
C ARG B 54 43.62 -7.10 -1.53
N ALA B 55 43.60 -6.32 -0.47
CA ALA B 55 44.64 -5.33 -0.21
C ALA B 55 45.02 -5.35 1.27
N GLU B 56 46.10 -4.68 1.61
CA GLU B 56 46.56 -4.57 2.99
C GLU B 56 46.61 -3.10 3.38
N LEU B 57 46.23 -2.80 4.63
CA LEU B 57 46.10 -1.42 5.08
C LEU B 57 46.39 -1.33 6.57
N ASP B 58 47.42 -0.56 6.93
CA ASP B 58 48.00 -0.56 8.27
C ASP B 58 48.29 -1.99 8.73
N GLY B 59 48.72 -2.83 7.79
CA GLY B 59 48.98 -4.24 8.06
C GLY B 59 47.74 -5.07 8.34
N LYS B 60 46.63 -4.73 7.67
CA LYS B 60 45.38 -5.48 7.79
C LYS B 60 44.74 -5.76 6.43
N ALA B 61 44.22 -6.97 6.27
CA ALA B 61 43.58 -7.40 5.03
C ALA B 61 42.26 -6.67 4.81
N VAL B 62 42.10 -6.12 3.61
CA VAL B 62 40.89 -5.39 3.23
C VAL B 62 40.49 -5.81 1.82
N ILE B 63 39.22 -6.16 1.65
CA ILE B 63 38.69 -6.56 0.34
C ILE B 63 38.16 -5.35 -0.44
N VAL B 64 38.48 -5.31 -1.73
CA VAL B 64 37.80 -4.40 -2.66
C VAL B 64 37.05 -5.28 -3.65
N CYS B 65 35.73 -5.22 -3.62
CA CYS B 65 34.89 -6.02 -4.51
C CYS B 65 33.74 -5.18 -5.07
N SER B 66 33.60 -5.21 -6.40
CA SER B 66 32.54 -4.44 -7.06
C SER B 66 31.17 -5.08 -6.92
N THR B 67 30.14 -4.23 -6.95
CA THR B 67 28.76 -4.67 -6.77
C THR B 67 28.01 -4.77 -8.09
N GLY B 68 28.37 -3.93 -9.06
CA GLY B 68 27.60 -3.77 -10.28
C GLY B 68 26.50 -2.76 -10.05
N ILE B 69 25.82 -2.36 -11.12
CA ILE B 69 24.74 -1.39 -11.02
C ILE B 69 23.47 -2.03 -10.45
N GLY B 70 22.99 -1.48 -9.33
CA GLY B 70 21.68 -1.82 -8.81
C GLY B 70 21.66 -2.65 -7.55
N GLY B 71 20.54 -2.58 -6.84
CA GLY B 71 20.31 -3.33 -5.61
C GLY B 71 20.49 -4.84 -5.68
N PRO B 72 19.88 -5.51 -6.68
CA PRO B 72 20.02 -6.96 -6.81
C PRO B 72 21.47 -7.43 -6.89
N SER B 73 22.22 -6.89 -7.84
CA SER B 73 23.62 -7.25 -8.02
C SER B 73 24.45 -6.97 -6.77
N THR B 74 24.10 -5.89 -6.05
CA THR B 74 24.73 -5.54 -4.78
C THR B 74 24.36 -6.54 -3.67
N SER B 75 23.08 -6.89 -3.58
CA SER B 75 22.59 -7.81 -2.56
C SER B 75 23.20 -9.21 -2.68
N ILE B 76 23.68 -9.54 -3.87
CA ILE B 76 24.45 -10.76 -4.08
C ILE B 76 25.86 -10.59 -3.52
N ALA B 77 26.53 -9.52 -3.93
CA ALA B 77 27.91 -9.25 -3.51
C ALA B 77 28.04 -9.13 -2.00
N VAL B 78 27.18 -8.32 -1.39
CA VAL B 78 27.21 -8.09 0.05
C VAL B 78 27.00 -9.40 0.82
N GLU B 79 25.89 -10.09 0.53
CA GLU B 79 25.56 -11.37 1.18
C GLU B 79 26.69 -12.39 1.13
N GLU B 80 27.27 -12.56 -0.06
CA GLU B 80 28.33 -13.53 -0.27
C GLU B 80 29.66 -13.12 0.35
N LEU B 81 29.90 -11.81 0.43
CA LEU B 81 31.04 -11.28 1.17
C LEU B 81 30.82 -11.42 2.68
N ALA B 82 29.56 -11.31 3.10
CA ALA B 82 29.19 -11.50 4.49
C ALA B 82 29.32 -12.97 4.90
N GLN B 83 29.01 -13.88 3.97
CA GLN B 83 29.21 -15.31 4.19
C GLN B 83 30.69 -15.62 4.35
N LEU B 84 31.52 -14.89 3.61
CA LEU B 84 32.96 -15.12 3.60
C LEU B 84 33.67 -14.51 4.81
N GLY B 85 33.02 -13.54 5.46
CA GLY B 85 33.56 -12.97 6.70
C GLY B 85 33.48 -11.47 6.88
N ILE B 86 33.14 -10.76 5.81
CA ILE B 86 33.06 -9.30 5.84
C ILE B 86 31.88 -8.83 6.71
N ARG B 87 32.15 -7.91 7.62
CA ARG B 87 31.15 -7.39 8.55
C ARG B 87 30.97 -5.88 8.40
N THR B 88 31.92 -5.24 7.72
CA THR B 88 31.89 -3.80 7.48
C THR B 88 31.96 -3.50 5.98
N PHE B 89 30.99 -2.73 5.49
CA PHE B 89 30.86 -2.43 4.07
C PHE B 89 30.88 -0.92 3.79
N LEU B 90 31.83 -0.48 2.98
CA LEU B 90 31.87 0.92 2.54
C LEU B 90 31.65 1.00 1.04
N ARG B 91 30.53 1.60 0.64
CA ARG B 91 30.25 1.80 -0.78
C ARG B 91 30.85 3.11 -1.27
N ILE B 92 31.48 3.04 -2.44
CA ILE B 92 31.96 4.22 -3.13
C ILE B 92 31.45 4.17 -4.57
N GLY B 93 30.79 5.23 -5.00
CA GLY B 93 30.19 5.28 -6.33
C GLY B 93 30.09 6.68 -6.90
N THR B 94 29.28 6.81 -7.95
CA THR B 94 29.01 8.10 -8.57
C THR B 94 27.58 8.50 -8.28
N THR B 95 27.29 9.80 -8.35
CA THR B 95 25.98 10.30 -7.97
C THR B 95 25.54 11.52 -8.78
N GLY B 96 24.23 11.79 -8.77
CA GLY B 96 23.66 12.98 -9.39
C GLY B 96 23.08 13.91 -8.35
N ALA B 97 23.71 15.08 -8.21
CA ALA B 97 23.26 16.10 -7.27
C ALA B 97 21.94 16.71 -7.72
N ILE B 98 21.03 16.95 -6.78
CA ILE B 98 19.74 17.59 -7.09
C ILE B 98 19.57 18.94 -6.38
N GLN B 99 20.62 19.40 -5.72
CA GLN B 99 20.64 20.72 -5.10
C GLN B 99 21.49 21.70 -5.92
N PRO B 100 20.97 22.91 -6.17
CA PRO B 100 21.64 23.89 -7.02
C PRO B 100 23.06 24.25 -6.59
N HIS B 101 23.40 24.00 -5.33
CA HIS B 101 24.67 24.44 -4.77
C HIS B 101 25.74 23.35 -4.60
N ILE B 102 25.41 22.13 -5.02
CA ILE B 102 26.37 21.03 -4.99
C ILE B 102 27.12 20.95 -6.34
N ASN B 103 28.44 21.12 -6.27
CA ASN B 103 29.29 21.18 -7.45
C ASN B 103 29.82 19.81 -7.86
N VAL B 104 29.94 19.59 -9.17
CA VAL B 104 30.59 18.39 -9.71
C VAL B 104 31.97 18.27 -9.07
N GLY B 105 32.24 17.11 -8.48
CA GLY B 105 33.50 16.86 -7.79
C GLY B 105 33.34 16.75 -6.29
N ASP B 106 32.26 17.34 -5.77
CA ASP B 106 31.96 17.27 -4.34
C ASP B 106 31.75 15.82 -3.88
N VAL B 107 32.06 15.56 -2.62
CA VAL B 107 31.84 14.25 -2.04
C VAL B 107 30.60 14.29 -1.16
N LEU B 108 29.72 13.30 -1.34
CA LEU B 108 28.48 13.26 -0.59
C LEU B 108 28.44 12.03 0.32
N VAL B 109 28.34 12.28 1.61
CA VAL B 109 28.18 11.22 2.60
C VAL B 109 26.70 11.07 2.91
N THR B 110 26.20 9.83 2.82
CA THR B 110 24.80 9.52 3.07
C THR B 110 24.59 9.07 4.52
N THR B 111 23.67 9.71 5.22
CA THR B 111 23.26 9.28 6.55
C THR B 111 22.24 8.15 6.43
N ALA B 112 21.25 8.37 5.56
CA ALA B 112 20.22 7.37 5.25
C ALA B 112 19.65 7.65 3.87
N SER B 113 18.96 6.67 3.29
CA SER B 113 18.50 6.77 1.91
C SER B 113 16.98 6.71 1.75
N VAL B 114 16.46 7.44 0.76
CA VAL B 114 15.07 7.30 0.35
C VAL B 114 14.94 6.00 -0.44
N ARG B 115 14.19 5.06 0.12
CA ARG B 115 14.07 3.71 -0.43
C ARG B 115 13.18 3.66 -1.66
N LEU B 116 13.71 4.10 -2.79
CA LEU B 116 12.99 4.04 -4.07
C LEU B 116 13.42 2.79 -4.86
N ASP B 117 13.78 1.74 -4.13
CA ASP B 117 14.25 0.50 -4.73
C ASP B 117 13.30 -0.66 -4.41
N GLY B 118 13.69 -1.86 -4.81
CA GLY B 118 12.89 -3.05 -4.56
C GLY B 118 13.56 -4.04 -3.62
N ALA B 119 14.87 -4.21 -3.77
CA ALA B 119 15.63 -5.20 -3.01
C ALA B 119 15.59 -4.97 -1.50
N SER B 120 15.56 -3.71 -1.08
CA SER B 120 15.50 -3.37 0.34
C SER B 120 14.30 -4.01 1.04
N LEU B 121 13.17 -4.07 0.33
CA LEU B 121 11.95 -4.68 0.84
C LEU B 121 12.07 -6.19 1.05
N HIS B 122 13.12 -6.77 0.47
CA HIS B 122 13.41 -8.19 0.62
C HIS B 122 14.17 -8.50 1.92
N PHE B 123 14.47 -7.44 2.68
CA PHE B 123 15.17 -7.57 3.96
C PHE B 123 14.40 -6.94 5.12
N ALA B 124 13.67 -5.86 4.83
CA ALA B 124 12.89 -5.15 5.84
C ALA B 124 11.73 -4.38 5.20
N PRO B 125 10.58 -4.29 5.91
CA PRO B 125 9.44 -3.53 5.38
C PRO B 125 9.76 -2.04 5.27
N MET B 126 8.99 -1.33 4.43
CA MET B 126 9.29 0.08 4.09
C MET B 126 9.43 1.02 5.29
N GLU B 127 8.78 0.67 6.41
CA GLU B 127 8.88 1.45 7.65
C GLU B 127 10.31 1.55 8.16
N PHE B 128 11.06 0.46 8.01
CA PHE B 128 12.44 0.37 8.44
C PHE B 128 13.33 1.36 7.67
N PRO B 129 14.19 2.10 8.39
CA PRO B 129 15.01 3.13 7.76
C PRO B 129 16.26 2.58 7.08
N ALA B 130 16.50 3.03 5.85
CA ALA B 130 17.71 2.67 5.11
C ALA B 130 18.87 3.49 5.64
N VAL B 131 19.28 3.21 6.87
CA VAL B 131 20.25 4.03 7.59
C VAL B 131 21.65 3.42 7.62
N ALA B 132 22.64 4.27 7.35
CA ALA B 132 24.04 3.87 7.41
C ALA B 132 24.47 3.65 8.86
N ASP B 133 25.55 2.90 9.05
CA ASP B 133 26.14 2.70 10.36
C ASP B 133 26.75 4.01 10.85
N PHE B 134 26.64 4.28 12.15
CA PHE B 134 27.18 5.50 12.74
C PHE B 134 28.71 5.58 12.63
N ALA B 135 29.39 4.53 13.09
CA ALA B 135 30.85 4.46 13.02
C ALA B 135 31.37 4.58 11.59
N CYS B 136 30.67 3.94 10.65
CA CYS B 136 31.03 3.99 9.24
C CYS B 136 30.82 5.38 8.65
N THR B 137 29.72 6.03 9.03
CA THR B 137 29.41 7.40 8.59
C THR B 137 30.41 8.39 9.16
N THR B 138 30.67 8.28 10.47
CA THR B 138 31.65 9.12 11.16
C THR B 138 33.02 9.03 10.47
N ALA B 139 33.49 7.81 10.26
CA ALA B 139 34.78 7.56 9.60
C ALA B 139 34.88 8.31 8.27
N LEU B 140 33.80 8.28 7.51
CA LEU B 140 33.74 8.94 6.19
C LEU B 140 33.76 10.46 6.29
N VAL B 141 32.97 11.02 7.20
CA VAL B 141 32.91 12.47 7.42
C VAL B 141 34.25 13.00 7.93
N GLU B 142 34.78 12.32 8.94
CA GLU B 142 36.05 12.71 9.57
C GLU B 142 37.21 12.61 8.58
N ALA B 143 37.19 11.58 7.74
CA ALA B 143 38.19 11.41 6.67
C ALA B 143 38.10 12.54 5.65
N ALA B 144 36.87 12.89 5.27
CA ALA B 144 36.61 13.97 4.30
C ALA B 144 37.11 15.31 4.83
N LYS B 145 36.89 15.54 6.12
CA LYS B 145 37.31 16.78 6.77
C LYS B 145 38.83 16.81 6.99
N SER B 146 39.47 15.64 6.97
CA SER B 146 40.92 15.56 7.14
C SER B 146 41.70 15.76 5.82
N ILE B 147 41.12 15.36 4.71
CA ILE B 147 41.73 15.62 3.39
C ILE B 147 41.27 16.95 2.79
N GLY B 148 40.22 17.53 3.37
CA GLY B 148 39.73 18.86 2.98
C GLY B 148 38.90 18.93 1.71
N ALA B 149 38.15 17.86 1.44
CA ALA B 149 37.23 17.83 0.29
C ALA B 149 35.94 18.57 0.62
N THR B 150 35.32 19.19 -0.39
CA THR B 150 34.02 19.82 -0.20
C THR B 150 32.98 18.71 -0.02
N THR B 151 32.39 18.67 1.18
CA THR B 151 31.58 17.53 1.62
C THR B 151 30.18 17.95 2.07
N HIS B 152 29.18 17.20 1.63
CA HIS B 152 27.80 17.40 2.07
C HIS B 152 27.25 16.11 2.66
N VAL B 153 26.70 16.23 3.87
CA VAL B 153 26.19 15.08 4.61
C VAL B 153 24.67 15.18 4.71
N GLY B 154 23.98 14.12 4.31
CA GLY B 154 22.52 14.08 4.36
C GLY B 154 21.87 12.89 3.68
N VAL B 155 20.62 13.07 3.29
CA VAL B 155 19.81 11.99 2.71
C VAL B 155 20.05 11.85 1.20
N THR B 156 19.99 10.61 0.72
CA THR B 156 20.15 10.30 -0.70
C THR B 156 18.94 9.53 -1.20
N ALA B 157 18.41 9.96 -2.34
CA ALA B 157 17.34 9.21 -3.00
C ALA B 157 17.95 8.08 -3.81
N SER B 158 17.55 6.85 -3.49
CA SER B 158 18.12 5.67 -4.13
C SER B 158 17.08 4.95 -4.99
N SER B 159 17.19 5.14 -6.29
CA SER B 159 16.22 4.64 -7.26
C SER B 159 16.66 3.34 -7.92
N ASP B 160 15.69 2.48 -8.23
CA ASP B 160 15.97 1.22 -8.94
C ASP B 160 16.23 1.42 -10.44
N THR B 161 15.99 2.63 -10.93
CA THR B 161 16.28 2.96 -12.32
C THR B 161 17.14 4.21 -12.42
N PHE B 162 17.82 4.35 -13.57
CA PHE B 162 18.65 5.51 -13.84
C PHE B 162 17.83 6.65 -14.44
N TYR B 163 16.78 6.29 -15.17
CA TYR B 163 16.03 7.28 -15.94
C TYR B 163 14.71 7.75 -15.30
N PRO B 164 13.63 6.95 -15.38
CA PRO B 164 12.34 7.47 -14.90
C PRO B 164 12.30 7.69 -13.38
N GLY B 165 12.98 6.80 -12.64
CA GLY B 165 13.05 6.90 -11.17
C GLY B 165 13.91 8.06 -10.69
N GLN B 166 14.76 8.56 -11.58
CA GLN B 166 15.55 9.76 -11.31
C GLN B 166 14.99 10.94 -12.12
N GLU B 167 13.73 10.80 -12.53
CA GLU B 167 13.00 11.80 -13.34
C GLU B 167 13.81 12.37 -14.52
N ARG B 168 14.39 11.49 -15.32
CA ARG B 168 15.04 11.86 -16.57
C ARG B 168 14.04 11.77 -17.71
N TYR B 169 13.98 12.82 -18.54
CA TYR B 169 13.02 12.92 -19.62
C TYR B 169 13.61 12.76 -21.03
N ASP B 170 14.93 12.85 -21.17
CA ASP B 170 15.58 12.63 -22.47
C ASP B 170 15.70 11.13 -22.74
N THR B 171 14.56 10.44 -22.68
CA THR B 171 14.51 9.00 -22.84
C THR B 171 13.77 8.65 -24.13
N TYR B 172 13.74 7.35 -24.44
CA TYR B 172 13.05 6.85 -25.62
C TYR B 172 11.60 7.33 -25.71
N SER B 173 10.84 7.12 -24.63
CA SER B 173 9.42 7.47 -24.59
C SER B 173 9.16 8.92 -24.21
N GLY B 174 10.04 9.47 -23.37
CA GLY B 174 9.92 10.85 -22.91
C GLY B 174 8.90 11.04 -21.81
N ARG B 175 8.36 9.93 -21.30
CA ARG B 175 7.38 9.96 -20.23
C ARG B 175 7.92 9.39 -18.92
N VAL B 176 7.34 9.83 -17.81
CA VAL B 176 7.65 9.30 -16.48
C VAL B 176 6.34 8.91 -15.79
N VAL B 177 6.33 7.73 -15.18
CA VAL B 177 5.17 7.22 -14.46
C VAL B 177 4.67 8.20 -13.40
N ARG B 178 3.36 8.15 -13.12
CA ARG B 178 2.69 9.06 -12.18
C ARG B 178 3.44 9.25 -10.85
N ARG B 179 3.93 8.14 -10.29
CA ARG B 179 4.63 8.16 -9.01
C ARG B 179 5.86 9.07 -9.01
N PHE B 180 6.62 9.05 -10.11
CA PHE B 180 7.85 9.84 -10.20
C PHE B 180 7.69 11.18 -10.96
N LYS B 181 6.50 11.44 -11.48
CA LYS B 181 6.18 12.75 -12.06
C LYS B 181 6.29 13.81 -10.96
N GLY B 182 7.27 14.70 -11.12
CA GLY B 182 7.52 15.76 -10.15
C GLY B 182 8.08 15.26 -8.84
N SER B 183 8.76 14.11 -8.89
CA SER B 183 9.32 13.51 -7.68
C SER B 183 10.65 14.13 -7.27
N MET B 184 11.44 14.58 -8.25
CA MET B 184 12.73 15.20 -7.96
C MET B 184 12.57 16.52 -7.21
N GLU B 185 11.56 17.29 -7.59
CA GLU B 185 11.25 18.57 -6.93
C GLU B 185 10.89 18.35 -5.46
N GLU B 186 10.18 17.26 -5.19
CA GLU B 186 9.78 16.89 -3.84
C GLU B 186 10.98 16.51 -2.98
N TRP B 187 11.84 15.64 -3.52
CA TRP B 187 13.07 15.24 -2.83
C TRP B 187 13.95 16.45 -2.57
N GLN B 188 13.99 17.38 -3.52
CA GLN B 188 14.77 18.59 -3.41
C GLN B 188 14.25 19.51 -2.29
N ALA B 189 12.94 19.66 -2.23
CA ALA B 189 12.30 20.49 -1.20
C ALA B 189 12.52 19.91 0.20
N MET B 190 12.63 18.59 0.27
CA MET B 190 12.86 17.87 1.52
C MET B 190 14.34 17.86 1.93
N GLY B 191 15.19 18.43 1.10
CA GLY B 191 16.62 18.53 1.42
C GLY B 191 17.42 17.27 1.11
N VAL B 192 16.91 16.44 0.20
CA VAL B 192 17.68 15.32 -0.33
C VAL B 192 18.78 15.88 -1.22
N MET B 193 19.99 15.31 -1.11
CA MET B 193 21.15 15.82 -1.82
C MET B 193 21.27 15.31 -3.25
N ASN B 194 20.97 14.02 -3.45
CA ASN B 194 21.41 13.32 -4.64
C ASN B 194 20.65 12.05 -5.01
N TYR B 195 20.84 11.62 -6.26
CA TYR B 195 20.33 10.36 -6.76
C TYR B 195 21.47 9.35 -6.94
N GLU B 196 21.20 8.10 -6.58
CA GLU B 196 22.00 6.95 -7.00
C GLU B 196 21.17 5.67 -6.89
N MET B 197 21.78 4.51 -7.09
CA MET B 197 21.00 3.29 -7.33
C MET B 197 21.23 2.10 -6.37
N GLU B 198 22.18 2.22 -5.45
CA GLU B 198 22.60 1.07 -4.64
C GLU B 198 22.42 1.23 -3.13
N SER B 199 22.51 2.47 -2.66
CA SER B 199 22.58 2.74 -1.21
C SER B 199 21.40 2.21 -0.41
N ALA B 200 20.19 2.46 -0.89
CA ALA B 200 18.99 1.95 -0.21
C ALA B 200 19.15 0.47 0.11
N THR B 201 19.43 -0.34 -0.91
CA THR B 201 19.62 -1.77 -0.76
C THR B 201 20.75 -2.12 0.20
N LEU B 202 21.91 -1.52 -0.01
CA LEU B 202 23.07 -1.76 0.85
C LEU B 202 22.74 -1.44 2.32
N LEU B 203 22.24 -0.23 2.54
CA LEU B 203 22.01 0.27 3.90
C LEU B 203 20.91 -0.48 4.65
N THR B 204 19.87 -0.91 3.94
CA THR B 204 18.77 -1.65 4.55
C THR B 204 19.18 -3.08 4.89
N MET B 205 19.79 -3.77 3.93
CA MET B 205 20.20 -5.16 4.13
C MET B 205 21.30 -5.31 5.18
N CYS B 206 22.11 -4.27 5.37
CA CYS B 206 23.16 -4.29 6.38
C CYS B 206 22.63 -3.94 7.77
N ALA B 207 21.91 -2.83 7.88
CA ALA B 207 21.42 -2.33 9.17
C ALA B 207 20.42 -3.27 9.85
N SER B 208 19.81 -4.16 9.07
CA SER B 208 18.85 -5.12 9.58
C SER B 208 19.39 -6.54 9.64
N GLN B 209 20.71 -6.68 9.51
CA GLN B 209 21.38 -7.99 9.58
C GLN B 209 22.66 -7.97 10.40
N GLY B 210 22.83 -6.92 11.20
CA GLY B 210 23.99 -6.79 12.08
C GLY B 210 25.29 -6.52 11.36
N LEU B 211 25.21 -5.94 10.17
CA LEU B 211 26.38 -5.56 9.38
C LEU B 211 26.49 -4.04 9.31
N ARG B 212 27.72 -3.53 9.35
CA ARG B 212 27.95 -2.09 9.36
C ARG B 212 28.24 -1.57 7.96
N ALA B 213 27.53 -0.51 7.56
CA ALA B 213 27.68 0.04 6.22
C ALA B 213 27.75 1.56 6.18
N GLY B 214 28.68 2.07 5.39
CA GLY B 214 28.79 3.50 5.11
C GLY B 214 28.62 3.73 3.62
N MET B 215 28.20 4.93 3.26
CA MET B 215 27.94 5.27 1.86
C MET B 215 28.56 6.62 1.49
N VAL B 216 29.33 6.62 0.41
CA VAL B 216 30.01 7.83 -0.06
C VAL B 216 30.07 7.84 -1.60
N ALA B 217 29.83 8.99 -2.20
CA ALA B 217 29.82 9.10 -3.66
C ALA B 217 30.38 10.43 -4.18
N GLY B 218 30.89 10.39 -5.41
CA GLY B 218 31.38 11.59 -6.09
C GLY B 218 30.35 12.13 -7.06
N VAL B 219 30.16 13.45 -7.03
CA VAL B 219 29.22 14.12 -7.92
C VAL B 219 29.80 14.22 -9.33
N ILE B 220 29.05 13.73 -10.31
CA ILE B 220 29.49 13.75 -11.71
C ILE B 220 28.55 14.57 -12.59
N VAL B 221 27.36 14.89 -12.06
CA VAL B 221 26.35 15.68 -12.75
C VAL B 221 25.45 16.40 -11.75
N ASN B 222 25.11 17.64 -12.05
CA ASN B 222 24.10 18.37 -11.28
C ASN B 222 22.77 18.39 -12.01
N ARG B 223 21.75 17.83 -11.37
CA ARG B 223 20.45 17.58 -12.00
C ARG B 223 19.59 18.82 -12.20
N THR B 224 19.93 19.91 -11.50
CA THR B 224 19.23 21.17 -11.69
C THR B 224 19.67 21.87 -12.97
N GLN B 225 20.62 21.26 -13.67
CA GLN B 225 21.23 21.83 -14.87
C GLN B 225 21.14 20.89 -16.07
N GLN B 226 21.65 19.67 -15.90
CA GLN B 226 21.66 18.66 -16.96
C GLN B 226 21.06 17.36 -16.46
N GLU B 227 20.64 16.50 -17.39
CA GLU B 227 20.25 15.13 -17.05
C GLU B 227 21.44 14.18 -17.17
N ILE B 228 22.21 14.35 -18.24
CA ILE B 228 23.44 13.57 -18.46
C ILE B 228 24.65 14.50 -18.61
N PRO B 229 25.76 14.17 -17.93
CA PRO B 229 26.94 15.04 -17.94
C PRO B 229 27.70 15.02 -19.27
N ASN B 230 28.58 16.01 -19.45
CA ASN B 230 29.39 16.12 -20.66
C ASN B 230 30.61 15.22 -20.59
N SER B 239 37.96 12.38 -7.80
CA SER B 239 38.46 11.19 -7.11
C SER B 239 38.78 11.45 -5.63
N HIS B 240 38.37 12.62 -5.13
CA HIS B 240 38.44 12.92 -3.70
C HIS B 240 37.67 11.85 -2.93
N ALA B 241 36.53 11.44 -3.49
CA ALA B 241 35.70 10.38 -2.96
C ALA B 241 36.49 9.09 -2.68
N VAL B 242 37.40 8.76 -3.59
CA VAL B 242 38.19 7.54 -3.51
C VAL B 242 39.17 7.54 -2.33
N LYS B 243 39.90 8.65 -2.16
CA LYS B 243 40.85 8.79 -1.05
C LYS B 243 40.14 8.72 0.30
N ILE B 244 38.93 9.27 0.37
CA ILE B 244 38.13 9.28 1.59
C ILE B 244 37.71 7.88 2.03
N VAL B 245 37.19 7.09 1.08
CA VAL B 245 36.71 5.73 1.38
C VAL B 245 37.84 4.82 1.87
N VAL B 246 39.07 5.07 1.40
CA VAL B 246 40.25 4.34 1.83
C VAL B 246 40.67 4.77 3.25
N GLU B 247 40.76 6.09 3.46
CA GLU B 247 41.09 6.65 4.77
C GLU B 247 40.03 6.32 5.82
N ALA B 248 38.77 6.31 5.40
CA ALA B 248 37.66 5.91 6.26
C ALA B 248 37.80 4.46 6.67
N ALA B 249 38.18 3.61 5.72
CA ALA B 249 38.44 2.20 5.99
C ALA B 249 39.57 2.03 6.99
N ARG B 250 40.62 2.83 6.84
CA ARG B 250 41.78 2.82 7.74
C ARG B 250 41.38 2.98 9.21
N ARG B 251 40.28 3.68 9.43
CA ARG B 251 39.81 4.00 10.78
C ARG B 251 38.79 2.99 11.30
N LEU B 252 38.33 2.10 10.43
CA LEU B 252 37.36 1.08 10.83
C LEU B 252 37.98 -0.31 10.94
N LEU B 253 39.29 -0.38 10.78
CA LEU B 253 40.00 -1.67 10.79
C LEU B 253 40.33 -2.18 12.19
N LYS C 3 -31.12 -31.33 -6.21
CA LYS C 3 -30.09 -32.28 -6.75
C LYS C 3 -28.70 -31.62 -6.90
N SER C 4 -28.71 -30.30 -7.13
CA SER C 4 -27.52 -29.47 -7.41
C SER C 4 -26.20 -29.84 -6.70
N ASP C 5 -25.09 -29.64 -7.40
CA ASP C 5 -23.74 -29.85 -6.83
C ASP C 5 -23.14 -28.55 -6.29
N VAL C 6 -23.44 -27.45 -6.97
CA VAL C 6 -22.88 -26.14 -6.62
C VAL C 6 -23.96 -25.19 -6.09
N PHE C 7 -23.53 -24.12 -5.43
CA PHE C 7 -24.46 -23.23 -4.73
C PHE C 7 -25.28 -22.30 -5.66
N HIS C 8 -24.67 -21.84 -6.74
CA HIS C 8 -25.28 -20.79 -7.57
C HIS C 8 -25.81 -21.25 -8.93
N LEU C 9 -25.01 -22.04 -9.63
CA LEU C 9 -25.30 -22.40 -11.02
C LEU C 9 -26.47 -23.37 -11.17
N GLY C 10 -26.80 -24.10 -10.10
CA GLY C 10 -27.86 -25.11 -10.12
C GLY C 10 -27.56 -26.23 -11.09
N LEU C 11 -26.32 -26.73 -11.03
CA LEU C 11 -25.84 -27.74 -11.96
C LEU C 11 -25.13 -28.89 -11.27
N THR C 12 -25.24 -30.07 -11.85
CA THR C 12 -24.52 -31.26 -11.36
C THR C 12 -23.33 -31.52 -12.29
N LYS C 13 -22.36 -32.29 -11.80
CA LYS C 13 -21.23 -32.70 -12.63
C LYS C 13 -21.71 -33.50 -13.86
N ASN C 14 -22.72 -34.33 -13.62
CA ASN C 14 -23.38 -35.10 -14.69
C ASN C 14 -23.97 -34.24 -15.79
N ASP C 15 -24.47 -33.05 -15.44
CA ASP C 15 -25.04 -32.11 -16.41
C ASP C 15 -24.03 -31.65 -17.45
N LEU C 16 -22.77 -31.51 -17.04
CA LEU C 16 -21.69 -31.12 -17.94
C LEU C 16 -21.39 -32.20 -18.97
N GLN C 17 -21.77 -33.45 -18.67
CA GLN C 17 -21.63 -34.57 -19.61
C GLN C 17 -20.20 -34.73 -20.12
N GLY C 18 -19.25 -34.70 -19.20
CA GLY C 18 -17.83 -34.85 -19.53
C GLY C 18 -17.12 -33.59 -19.98
N ALA C 19 -17.87 -32.52 -20.23
CA ALA C 19 -17.31 -31.25 -20.70
C ALA C 19 -16.19 -30.74 -19.80
N GLN C 20 -15.16 -30.16 -20.42
CA GLN C 20 -14.01 -29.63 -19.71
C GLN C 20 -13.71 -28.18 -20.10
N LEU C 21 -14.35 -27.71 -21.16
CA LEU C 21 -14.19 -26.33 -21.62
C LEU C 21 -15.50 -25.55 -21.49
N ALA C 22 -15.38 -24.27 -21.13
CA ALA C 22 -16.54 -23.40 -21.01
C ALA C 22 -16.31 -22.05 -21.69
N ILE C 23 -17.22 -21.68 -22.58
CA ILE C 23 -17.27 -20.33 -23.12
C ILE C 23 -18.10 -19.50 -22.16
N VAL C 24 -17.48 -18.48 -21.59
CA VAL C 24 -18.12 -17.67 -20.55
C VAL C 24 -18.43 -16.24 -21.01
N PRO C 25 -19.61 -16.03 -21.62
CA PRO C 25 -20.02 -14.68 -21.98
C PRO C 25 -20.52 -13.91 -20.76
N GLY C 26 -20.67 -12.60 -20.90
CA GLY C 26 -21.18 -11.77 -19.80
C GLY C 26 -22.69 -11.80 -19.68
N ASP C 27 -23.36 -11.77 -20.82
CA ASP C 27 -24.81 -11.61 -20.89
C ASP C 27 -25.52 -12.96 -21.06
N PRO C 28 -26.40 -13.31 -20.09
CA PRO C 28 -27.28 -14.48 -20.20
C PRO C 28 -27.97 -14.63 -21.56
N GLU C 29 -28.33 -13.51 -22.18
CA GLU C 29 -29.03 -13.55 -23.47
C GLU C 29 -28.12 -13.89 -24.65
N ARG C 30 -26.81 -13.86 -24.42
CA ARG C 30 -25.84 -14.22 -25.46
C ARG C 30 -25.42 -15.69 -25.39
N VAL C 31 -25.84 -16.38 -24.33
CA VAL C 31 -25.47 -17.79 -24.09
C VAL C 31 -26.01 -18.72 -25.18
N GLU C 32 -27.33 -18.66 -25.43
CA GLU C 32 -27.99 -19.50 -26.41
C GLU C 32 -27.46 -19.28 -27.84
N LYS C 33 -27.25 -18.01 -28.19
CA LYS C 33 -26.73 -17.63 -29.50
C LYS C 33 -25.39 -18.28 -29.83
N ILE C 34 -24.56 -18.49 -28.81
CA ILE C 34 -23.25 -19.11 -28.96
C ILE C 34 -23.35 -20.63 -29.16
N ALA C 35 -24.13 -21.28 -28.29
CA ALA C 35 -24.35 -22.73 -28.37
C ALA C 35 -25.01 -23.14 -29.69
N ALA C 36 -25.79 -22.22 -30.26
CA ALA C 36 -26.47 -22.43 -31.53
C ALA C 36 -25.50 -22.67 -32.69
N LEU C 37 -24.29 -22.15 -32.57
CA LEU C 37 -23.24 -22.35 -33.57
C LEU C 37 -22.57 -23.72 -33.44
N MET C 38 -23.07 -24.54 -32.52
CA MET C 38 -22.48 -25.85 -32.23
C MET C 38 -23.52 -26.98 -32.31
N ASP C 39 -23.06 -28.22 -32.14
CA ASP C 39 -23.91 -29.40 -32.26
C ASP C 39 -24.71 -29.69 -30.99
N LYS C 40 -25.93 -30.23 -31.18
CA LYS C 40 -26.84 -30.64 -30.10
C LYS C 40 -26.90 -29.70 -28.88
N PRO C 41 -27.32 -28.43 -29.08
CA PRO C 41 -27.43 -27.50 -27.96
C PRO C 41 -28.69 -27.70 -27.13
N VAL C 42 -28.55 -27.63 -25.81
CA VAL C 42 -29.65 -27.81 -24.88
C VAL C 42 -29.46 -26.92 -23.63
N LYS C 43 -30.54 -26.28 -23.18
CA LYS C 43 -30.49 -25.45 -21.98
C LYS C 43 -30.32 -26.30 -20.72
N LEU C 44 -29.29 -25.99 -19.95
CA LEU C 44 -29.01 -26.70 -18.71
C LEU C 44 -29.74 -26.08 -17.52
N ALA C 45 -29.44 -24.81 -17.23
CA ALA C 45 -30.04 -24.11 -16.10
C ALA C 45 -29.92 -22.58 -16.22
N SER C 46 -30.70 -21.88 -15.40
CA SER C 46 -30.72 -20.43 -15.37
C SER C 46 -31.07 -19.94 -13.97
N HIS C 47 -30.06 -19.42 -13.27
CA HIS C 47 -30.26 -18.87 -11.92
C HIS C 47 -29.49 -17.56 -11.79
N ARG C 48 -30.16 -16.55 -11.24
CA ARG C 48 -29.61 -15.19 -11.16
C ARG C 48 -29.18 -14.75 -12.56
N GLU C 49 -27.91 -14.35 -12.69
CA GLU C 49 -27.36 -13.95 -13.98
C GLU C 49 -26.49 -15.07 -14.60
N PHE C 50 -26.65 -16.28 -14.09
CA PHE C 50 -25.86 -17.44 -14.55
C PHE C 50 -26.68 -18.41 -15.39
N THR C 51 -26.87 -18.07 -16.67
CA THR C 51 -27.58 -18.93 -17.60
C THR C 51 -26.57 -19.87 -18.28
N SER C 52 -26.89 -21.16 -18.30
CA SER C 52 -25.99 -22.18 -18.84
C SER C 52 -26.65 -23.11 -19.85
N TRP C 53 -25.93 -23.37 -20.94
CA TRP C 53 -26.33 -24.31 -21.98
C TRP C 53 -25.22 -25.33 -22.21
N ARG C 54 -25.58 -26.51 -22.70
CA ARG C 54 -24.60 -27.51 -23.10
C ARG C 54 -24.65 -27.73 -24.62
N ALA C 55 -23.47 -27.74 -25.24
CA ALA C 55 -23.36 -27.98 -26.67
C ALA C 55 -22.33 -29.09 -26.95
N GLU C 56 -22.14 -29.39 -28.22
CA GLU C 56 -21.19 -30.41 -28.65
C GLU C 56 -20.33 -29.88 -29.78
N LEU C 57 -19.03 -30.18 -29.70
CA LEU C 57 -18.08 -29.74 -30.71
C LEU C 57 -17.10 -30.87 -31.00
N ASP C 58 -17.18 -31.40 -32.22
CA ASP C 58 -16.42 -32.59 -32.65
C ASP C 58 -16.58 -33.78 -31.68
N GLY C 59 -17.83 -34.06 -31.30
CA GLY C 59 -18.13 -35.21 -30.44
C GLY C 59 -17.92 -34.96 -28.95
N LYS C 60 -17.10 -33.96 -28.63
CA LYS C 60 -16.82 -33.60 -27.24
C LYS C 60 -17.75 -32.49 -26.75
N ALA C 61 -18.19 -32.62 -25.50
CA ALA C 61 -19.13 -31.66 -24.90
C ALA C 61 -18.46 -30.36 -24.48
N VAL C 62 -19.17 -29.26 -24.69
CA VAL C 62 -18.72 -27.93 -24.24
C VAL C 62 -19.84 -27.21 -23.50
N ILE C 63 -19.47 -26.32 -22.59
CA ILE C 63 -20.43 -25.54 -21.84
C ILE C 63 -20.38 -24.08 -22.26
N VAL C 64 -21.55 -23.46 -22.38
CA VAL C 64 -21.64 -22.01 -22.51
C VAL C 64 -22.39 -21.52 -21.28
N CYS C 65 -21.76 -20.63 -20.51
CA CYS C 65 -22.35 -20.14 -19.27
C CYS C 65 -22.03 -18.67 -19.01
N SER C 66 -23.09 -17.87 -18.78
CA SER C 66 -22.94 -16.45 -18.51
C SER C 66 -22.33 -16.19 -17.14
N THR C 67 -21.66 -15.05 -16.99
CA THR C 67 -21.00 -14.69 -15.75
C THR C 67 -21.67 -13.52 -15.04
N GLY C 68 -22.27 -12.62 -15.83
CA GLY C 68 -22.83 -11.38 -15.30
C GLY C 68 -21.80 -10.27 -15.37
N ILE C 69 -22.16 -9.09 -14.86
CA ILE C 69 -21.27 -7.93 -14.87
C ILE C 69 -20.33 -7.93 -13.67
N GLY C 70 -19.03 -7.79 -13.95
CA GLY C 70 -18.02 -7.61 -12.92
C GLY C 70 -17.30 -8.87 -12.47
N GLY C 71 -16.20 -8.66 -11.74
CA GLY C 71 -15.38 -9.75 -11.21
C GLY C 71 -16.09 -10.71 -10.25
N PRO C 72 -16.73 -10.19 -9.18
CA PRO C 72 -17.38 -11.03 -8.17
C PRO C 72 -18.30 -12.09 -8.75
N SER C 73 -19.23 -11.67 -9.60
CA SER C 73 -20.17 -12.57 -10.25
C SER C 73 -19.42 -13.59 -11.10
N THR C 74 -18.44 -13.11 -11.87
CA THR C 74 -17.56 -13.96 -12.67
C THR C 74 -16.84 -15.00 -11.80
N SER C 75 -16.32 -14.54 -10.66
CA SER C 75 -15.55 -15.41 -9.76
C SER C 75 -16.40 -16.53 -9.14
N ILE C 76 -17.69 -16.27 -8.96
CA ILE C 76 -18.63 -17.30 -8.55
C ILE C 76 -18.80 -18.35 -9.65
N ALA C 77 -19.06 -17.88 -10.87
CA ALA C 77 -19.27 -18.76 -12.01
C ALA C 77 -18.05 -19.63 -12.31
N VAL C 78 -16.88 -19.00 -12.45
CA VAL C 78 -15.64 -19.71 -12.76
C VAL C 78 -15.32 -20.78 -11.70
N GLU C 79 -15.41 -20.42 -10.42
CA GLU C 79 -15.17 -21.34 -9.32
C GLU C 79 -16.10 -22.55 -9.36
N GLU C 80 -17.39 -22.30 -9.52
CA GLU C 80 -18.38 -23.38 -9.50
C GLU C 80 -18.32 -24.25 -10.75
N LEU C 81 -18.04 -23.64 -11.90
CA LEU C 81 -17.79 -24.40 -13.13
C LEU C 81 -16.54 -25.26 -13.00
N ALA C 82 -15.52 -24.73 -12.31
CA ALA C 82 -14.28 -25.47 -12.05
C ALA C 82 -14.53 -26.67 -11.15
N GLN C 83 -15.35 -26.48 -10.12
CA GLN C 83 -15.77 -27.57 -9.24
C GLN C 83 -16.44 -28.68 -10.02
N LEU C 84 -17.16 -28.28 -11.07
CA LEU C 84 -17.93 -29.20 -11.92
C LEU C 84 -17.07 -29.96 -12.93
N GLY C 85 -15.86 -29.49 -13.18
CA GLY C 85 -14.93 -30.19 -14.07
C GLY C 85 -14.30 -29.37 -15.18
N ILE C 86 -14.82 -28.16 -15.39
CA ILE C 86 -14.28 -27.24 -16.40
C ILE C 86 -12.85 -26.83 -16.04
N ARG C 87 -11.95 -26.99 -17.02
CA ARG C 87 -10.54 -26.64 -16.85
C ARG C 87 -10.12 -25.50 -17.77
N THR C 88 -10.90 -25.27 -18.82
CA THR C 88 -10.59 -24.24 -19.81
C THR C 88 -11.75 -23.25 -19.92
N PHE C 89 -11.42 -21.97 -19.77
CA PHE C 89 -12.41 -20.90 -19.81
C PHE C 89 -12.12 -19.95 -20.96
N LEU C 90 -13.11 -19.74 -21.82
CA LEU C 90 -12.97 -18.77 -22.90
C LEU C 90 -13.98 -17.64 -22.72
N ARG C 91 -13.47 -16.45 -22.41
CA ARG C 91 -14.31 -15.29 -22.18
C ARG C 91 -14.51 -14.51 -23.48
N ILE C 92 -15.77 -14.40 -23.89
CA ILE C 92 -16.17 -13.45 -24.90
C ILE C 92 -16.95 -12.32 -24.22
N GLY C 93 -16.79 -11.11 -24.73
CA GLY C 93 -17.47 -9.95 -24.17
C GLY C 93 -17.45 -8.75 -25.08
N THR C 94 -17.80 -7.59 -24.51
CA THR C 94 -17.77 -6.33 -25.24
C THR C 94 -16.74 -5.42 -24.58
N THR C 95 -16.21 -4.47 -25.34
CA THR C 95 -15.18 -3.58 -24.81
C THR C 95 -15.14 -2.20 -25.47
N GLY C 96 -14.64 -1.23 -24.72
CA GLY C 96 -14.43 0.12 -25.21
C GLY C 96 -12.96 0.37 -25.44
N ALA C 97 -12.61 0.59 -26.71
CA ALA C 97 -11.22 0.87 -27.10
C ALA C 97 -10.77 2.26 -26.66
N ILE C 98 -9.52 2.37 -26.26
CA ILE C 98 -8.94 3.65 -25.84
C ILE C 98 -7.86 4.15 -26.80
N GLN C 99 -7.61 3.37 -27.85
CA GLN C 99 -6.64 3.72 -28.87
C GLN C 99 -7.35 4.17 -30.14
N PRO C 100 -6.85 5.24 -30.79
CA PRO C 100 -7.48 5.80 -32.00
C PRO C 100 -7.54 4.82 -33.17
N HIS C 101 -6.50 4.02 -33.34
CA HIS C 101 -6.39 3.11 -34.50
C HIS C 101 -7.33 1.91 -34.44
N ILE C 102 -7.78 1.55 -33.24
CA ILE C 102 -8.78 0.49 -33.08
C ILE C 102 -10.17 1.06 -33.37
N ASN C 103 -10.88 0.43 -34.29
CA ASN C 103 -12.20 0.92 -34.71
C ASN C 103 -13.35 0.12 -34.09
N VAL C 104 -14.55 0.69 -34.11
CA VAL C 104 -15.74 -0.06 -33.74
C VAL C 104 -15.96 -1.14 -34.79
N GLY C 105 -15.86 -2.39 -34.36
CA GLY C 105 -15.91 -3.51 -35.30
C GLY C 105 -14.71 -4.43 -35.15
N ASP C 106 -13.58 -3.86 -34.74
CA ASP C 106 -12.34 -4.62 -34.52
C ASP C 106 -12.50 -5.61 -33.36
N VAL C 107 -11.75 -6.71 -33.43
CA VAL C 107 -11.79 -7.75 -32.40
C VAL C 107 -10.50 -7.69 -31.57
N LEU C 108 -10.64 -7.82 -30.25
CA LEU C 108 -9.48 -7.71 -29.36
C LEU C 108 -9.22 -8.99 -28.56
N VAL C 109 -8.01 -9.51 -28.68
CA VAL C 109 -7.55 -10.63 -27.87
C VAL C 109 -6.65 -10.09 -26.77
N THR C 110 -6.98 -10.43 -25.53
CA THR C 110 -6.22 -9.94 -24.37
C THR C 110 -5.15 -10.95 -23.95
N THR C 111 -3.90 -10.47 -23.92
CA THR C 111 -2.78 -11.26 -23.43
C THR C 111 -2.75 -11.24 -21.90
N ALA C 112 -2.78 -10.04 -21.34
CA ALA C 112 -2.89 -9.84 -19.90
C ALA C 112 -3.62 -8.54 -19.60
N SER C 113 -4.07 -8.38 -18.36
CA SER C 113 -4.93 -7.25 -18.01
C SER C 113 -4.40 -6.43 -16.84
N VAL C 114 -4.68 -5.13 -16.87
CA VAL C 114 -4.41 -4.23 -15.76
C VAL C 114 -5.45 -4.50 -14.68
N ARG C 115 -4.99 -4.88 -13.50
CA ARG C 115 -5.87 -5.30 -12.41
C ARG C 115 -6.44 -4.10 -11.66
N LEU C 116 -7.43 -3.46 -12.26
CA LEU C 116 -8.14 -2.36 -11.62
C LEU C 116 -9.43 -2.87 -10.98
N ASP C 117 -9.34 -4.06 -10.41
CA ASP C 117 -10.47 -4.71 -9.77
C ASP C 117 -10.15 -5.05 -8.31
N GLY C 118 -11.08 -5.73 -7.64
CA GLY C 118 -10.87 -6.18 -6.27
C GLY C 118 -10.71 -7.69 -6.16
N ALA C 119 -11.49 -8.43 -6.95
CA ALA C 119 -11.57 -9.89 -6.83
C ALA C 119 -10.27 -10.63 -7.13
N SER C 120 -9.45 -10.08 -8.02
CA SER C 120 -8.17 -10.71 -8.37
C SER C 120 -7.26 -10.85 -7.16
N LEU C 121 -7.31 -9.85 -6.28
CA LEU C 121 -6.53 -9.83 -5.04
C LEU C 121 -6.95 -10.89 -4.04
N HIS C 122 -8.12 -11.51 -4.29
CA HIS C 122 -8.61 -12.60 -3.46
C HIS C 122 -8.06 -13.96 -3.92
N PHE C 123 -7.21 -13.93 -4.95
CA PHE C 123 -6.60 -15.14 -5.48
C PHE C 123 -5.08 -15.03 -5.56
N ALA C 124 -4.59 -13.83 -5.81
CA ALA C 124 -3.15 -13.57 -5.89
C ALA C 124 -2.85 -12.10 -5.58
N PRO C 125 -1.73 -11.82 -4.89
CA PRO C 125 -1.36 -10.44 -4.59
C PRO C 125 -1.09 -9.64 -5.86
N MET C 126 -1.25 -8.32 -5.79
CA MET C 126 -1.11 -7.44 -6.96
C MET C 126 0.14 -7.73 -7.79
N GLU C 127 1.21 -8.15 -7.11
CA GLU C 127 2.46 -8.60 -7.76
C GLU C 127 2.21 -9.57 -8.92
N PHE C 128 1.25 -10.47 -8.72
CA PHE C 128 0.92 -11.54 -9.67
C PHE C 128 0.34 -10.99 -10.98
N PRO C 129 0.78 -11.52 -12.12
CA PRO C 129 0.27 -11.07 -13.42
C PRO C 129 -1.07 -11.70 -13.79
N ALA C 130 -2.02 -10.86 -14.18
CA ALA C 130 -3.33 -11.33 -14.65
C ALA C 130 -3.22 -11.78 -16.11
N VAL C 131 -2.46 -12.85 -16.33
CA VAL C 131 -2.14 -13.32 -17.67
C VAL C 131 -3.08 -14.42 -18.16
N ALA C 132 -3.34 -14.43 -19.47
CA ALA C 132 -4.12 -15.46 -20.11
C ALA C 132 -3.24 -16.67 -20.38
N ASP C 133 -3.87 -17.84 -20.56
CA ASP C 133 -3.16 -19.05 -20.93
C ASP C 133 -2.61 -18.92 -22.35
N PHE C 134 -1.42 -19.44 -22.57
CA PHE C 134 -0.75 -19.33 -23.86
C PHE C 134 -1.51 -20.04 -24.99
N ALA C 135 -1.93 -21.27 -24.74
CA ALA C 135 -2.65 -22.07 -25.74
C ALA C 135 -4.00 -21.45 -26.10
N CYS C 136 -4.71 -20.94 -25.08
CA CYS C 136 -5.99 -20.27 -25.26
C CYS C 136 -5.86 -19.02 -26.12
N THR C 137 -4.86 -18.18 -25.82
CA THR C 137 -4.58 -16.95 -26.56
C THR C 137 -4.15 -17.27 -28.01
N THR C 138 -3.27 -18.27 -28.15
CA THR C 138 -2.86 -18.77 -29.47
C THR C 138 -4.07 -19.21 -30.28
N ALA C 139 -4.95 -19.99 -29.65
CA ALA C 139 -6.19 -20.46 -30.28
C ALA C 139 -7.11 -19.30 -30.66
N LEU C 140 -7.18 -18.28 -29.80
CA LEU C 140 -8.02 -17.11 -30.05
C LEU C 140 -7.53 -16.27 -31.24
N VAL C 141 -6.21 -16.23 -31.42
CA VAL C 141 -5.61 -15.41 -32.48
C VAL C 141 -5.59 -16.16 -33.82
N GLU C 142 -5.18 -17.42 -33.80
CA GLU C 142 -5.13 -18.24 -35.01
C GLU C 142 -6.53 -18.45 -35.62
N ALA C 143 -7.55 -18.50 -34.76
CA ALA C 143 -8.94 -18.54 -35.20
C ALA C 143 -9.40 -17.17 -35.73
N ALA C 144 -8.84 -16.10 -35.17
CA ALA C 144 -9.16 -14.74 -35.61
C ALA C 144 -8.58 -14.46 -36.99
N LYS C 145 -7.36 -14.95 -37.22
CA LYS C 145 -6.69 -14.82 -38.50
C LYS C 145 -7.38 -15.69 -39.56
N SER C 146 -7.99 -16.79 -39.12
CA SER C 146 -8.60 -17.77 -40.03
C SER C 146 -9.98 -17.38 -40.55
N ILE C 147 -10.65 -16.45 -39.86
CA ILE C 147 -11.96 -15.98 -40.31
C ILE C 147 -11.92 -14.55 -40.86
N GLY C 148 -10.71 -14.01 -40.96
CA GLY C 148 -10.46 -12.70 -41.57
C GLY C 148 -10.95 -11.51 -40.76
N ALA C 149 -10.55 -11.47 -39.48
CA ALA C 149 -10.95 -10.39 -38.59
C ALA C 149 -9.79 -9.41 -38.32
N THR C 150 -10.11 -8.13 -38.30
CA THR C 150 -9.15 -7.10 -37.91
C THR C 150 -8.94 -7.18 -36.40
N THR C 151 -7.82 -7.77 -36.00
CA THR C 151 -7.57 -8.15 -34.61
C THR C 151 -6.38 -7.42 -34.01
N HIS C 152 -6.51 -7.02 -32.74
CA HIS C 152 -5.40 -6.43 -31.99
C HIS C 152 -5.13 -7.22 -30.73
N VAL C 153 -3.87 -7.58 -30.53
CA VAL C 153 -3.47 -8.41 -29.40
C VAL C 153 -2.58 -7.61 -28.45
N GLY C 154 -3.03 -7.47 -27.20
CA GLY C 154 -2.30 -6.69 -26.21
C GLY C 154 -2.95 -6.61 -24.84
N VAL C 155 -2.66 -5.52 -24.13
CA VAL C 155 -3.05 -5.36 -22.73
C VAL C 155 -4.40 -4.65 -22.58
N THR C 156 -5.20 -5.14 -21.63
CA THR C 156 -6.52 -4.59 -21.35
C THR C 156 -6.58 -4.01 -19.94
N ALA C 157 -7.23 -2.85 -19.81
CA ALA C 157 -7.51 -2.30 -18.49
C ALA C 157 -8.84 -2.84 -18.01
N SER C 158 -8.80 -3.55 -16.88
CA SER C 158 -9.98 -4.22 -16.34
C SER C 158 -10.44 -3.50 -15.08
N SER C 159 -11.61 -2.86 -15.17
CA SER C 159 -12.09 -1.98 -14.09
C SER C 159 -13.27 -2.57 -13.31
N ASP C 160 -13.33 -2.25 -12.02
CA ASP C 160 -14.46 -2.65 -11.18
C ASP C 160 -15.67 -1.76 -11.34
N THR C 161 -15.48 -0.59 -11.95
CA THR C 161 -16.60 0.28 -12.25
C THR C 161 -16.68 0.61 -13.74
N PHE C 162 -17.91 0.78 -14.21
CA PHE C 162 -18.18 1.20 -15.57
C PHE C 162 -17.85 2.68 -15.73
N TYR C 163 -18.09 3.46 -14.68
CA TYR C 163 -18.03 4.91 -14.77
C TYR C 163 -16.70 5.55 -14.32
N PRO C 164 -16.45 5.65 -12.99
CA PRO C 164 -15.21 6.34 -12.61
C PRO C 164 -13.91 5.60 -12.95
N GLY C 165 -13.89 4.28 -12.76
CA GLY C 165 -12.69 3.48 -13.03
C GLY C 165 -12.26 3.43 -14.47
N GLN C 166 -13.16 3.81 -15.37
CA GLN C 166 -12.87 3.91 -16.79
C GLN C 166 -12.84 5.37 -17.19
N GLU C 167 -12.67 6.23 -16.18
CA GLU C 167 -12.63 7.69 -16.31
C GLU C 167 -13.73 8.30 -17.18
N ARG C 168 -14.98 7.96 -16.87
CA ARG C 168 -16.12 8.64 -17.45
C ARG C 168 -16.51 9.82 -16.56
N TYR C 169 -16.70 10.99 -17.16
CA TYR C 169 -17.01 12.21 -16.41
C TYR C 169 -18.48 12.62 -16.46
N ASP C 170 -19.19 12.25 -17.53
CA ASP C 170 -20.63 12.53 -17.64
C ASP C 170 -21.41 11.59 -16.72
N THR C 171 -21.32 11.87 -15.42
CA THR C 171 -21.92 11.06 -14.37
C THR C 171 -22.67 11.95 -13.38
N TYR C 172 -23.31 11.34 -12.39
CA TYR C 172 -24.07 12.09 -11.38
C TYR C 172 -23.23 13.15 -10.66
N SER C 173 -22.06 12.74 -10.19
CA SER C 173 -21.17 13.65 -9.45
C SER C 173 -20.28 14.47 -10.37
N GLY C 174 -19.95 13.90 -11.53
CA GLY C 174 -19.03 14.54 -12.49
C GLY C 174 -17.59 14.53 -11.99
N ARG C 175 -17.38 13.82 -10.89
CA ARG C 175 -16.09 13.73 -10.20
C ARG C 175 -15.43 12.38 -10.46
N VAL C 176 -14.11 12.37 -10.53
CA VAL C 176 -13.34 11.14 -10.61
C VAL C 176 -12.22 11.16 -9.55
N VAL C 177 -12.19 10.13 -8.72
CA VAL C 177 -11.23 10.04 -7.61
C VAL C 177 -9.77 10.08 -8.12
N ARG C 178 -8.90 10.68 -7.31
CA ARG C 178 -7.49 10.91 -7.67
C ARG C 178 -6.81 9.74 -8.40
N ARG C 179 -6.96 8.55 -7.82
CA ARG C 179 -6.41 7.32 -8.39
C ARG C 179 -6.66 7.19 -9.90
N PHE C 180 -7.82 7.70 -10.35
CA PHE C 180 -8.23 7.56 -11.75
C PHE C 180 -8.25 8.83 -12.59
N LYS C 181 -7.96 9.99 -11.98
CA LYS C 181 -7.88 11.24 -12.75
C LYS C 181 -6.72 11.20 -13.75
N GLY C 182 -7.06 11.29 -15.03
CA GLY C 182 -6.09 11.20 -16.11
C GLY C 182 -5.52 9.80 -16.27
N SER C 183 -6.28 8.80 -15.83
CA SER C 183 -5.84 7.40 -15.87
C SER C 183 -5.84 6.84 -17.30
N MET C 184 -6.84 7.24 -18.08
CA MET C 184 -6.97 6.77 -19.46
C MET C 184 -5.80 7.23 -20.33
N GLU C 185 -5.40 8.50 -20.16
CA GLU C 185 -4.26 9.07 -20.87
C GLU C 185 -2.98 8.30 -20.56
N GLU C 186 -2.91 7.75 -19.35
CA GLU C 186 -1.78 6.93 -18.92
C GLU C 186 -1.82 5.53 -19.53
N TRP C 187 -2.98 4.87 -19.48
CA TRP C 187 -3.13 3.54 -20.05
C TRP C 187 -2.91 3.57 -21.57
N GLN C 188 -3.39 4.65 -22.20
CA GLN C 188 -3.15 4.89 -23.63
C GLN C 188 -1.66 4.94 -23.93
N ALA C 189 -0.93 5.71 -23.15
CA ALA C 189 0.52 5.86 -23.32
C ALA C 189 1.24 4.53 -23.10
N MET C 190 0.70 3.70 -22.20
CA MET C 190 1.29 2.40 -21.90
C MET C 190 0.98 1.35 -22.98
N GLY C 191 0.06 1.68 -23.88
CA GLY C 191 -0.28 0.80 -24.99
C GLY C 191 -1.43 -0.13 -24.70
N VAL C 192 -2.16 0.15 -23.62
CA VAL C 192 -3.37 -0.58 -23.26
C VAL C 192 -4.41 -0.35 -24.36
N MET C 193 -5.06 -1.43 -24.78
CA MET C 193 -6.00 -1.36 -25.90
C MET C 193 -7.38 -0.85 -25.50
N ASN C 194 -7.87 -1.29 -24.33
CA ASN C 194 -9.30 -1.18 -24.03
C ASN C 194 -9.70 -1.23 -22.55
N TYR C 195 -10.96 -0.87 -22.30
CA TYR C 195 -11.61 -1.03 -21.01
C TYR C 195 -12.68 -2.11 -21.06
N GLU C 196 -12.62 -3.05 -20.12
CA GLU C 196 -13.74 -3.92 -19.81
C GLU C 196 -13.75 -4.18 -18.29
N MET C 197 -14.58 -5.09 -17.82
CA MET C 197 -14.80 -5.22 -16.37
C MET C 197 -14.54 -6.59 -15.73
N GLU C 198 -14.20 -7.60 -16.52
CA GLU C 198 -14.19 -8.98 -16.01
C GLU C 198 -12.88 -9.76 -16.20
N SER C 199 -11.99 -9.27 -17.06
CA SER C 199 -10.78 -10.02 -17.43
C SER C 199 -9.78 -10.21 -16.28
N ALA C 200 -9.50 -9.13 -15.54
CA ALA C 200 -8.55 -9.19 -14.42
C ALA C 200 -8.88 -10.31 -13.44
N THR C 201 -10.15 -10.38 -13.04
CA THR C 201 -10.63 -11.44 -12.15
C THR C 201 -10.46 -12.80 -12.80
N LEU C 202 -11.03 -12.96 -13.99
CA LEU C 202 -10.97 -14.23 -14.73
C LEU C 202 -9.55 -14.74 -14.91
N LEU C 203 -8.66 -13.86 -15.37
CA LEU C 203 -7.29 -14.24 -15.72
C LEU C 203 -6.42 -14.57 -14.51
N THR C 204 -6.55 -13.79 -13.45
CA THR C 204 -5.78 -14.02 -12.20
C THR C 204 -6.20 -15.33 -11.54
N MET C 205 -7.51 -15.51 -11.36
CA MET C 205 -8.04 -16.67 -10.63
C MET C 205 -7.80 -17.99 -11.34
N CYS C 206 -7.74 -17.94 -12.67
CA CYS C 206 -7.44 -19.13 -13.47
C CYS C 206 -5.94 -19.40 -13.50
N ALA C 207 -5.15 -18.36 -13.79
CA ALA C 207 -3.70 -18.48 -13.92
C ALA C 207 -3.03 -18.94 -12.63
N SER C 208 -3.63 -18.60 -11.50
CA SER C 208 -3.09 -18.96 -10.19
C SER C 208 -3.72 -20.23 -9.60
N GLN C 209 -4.52 -20.93 -10.39
CA GLN C 209 -5.17 -22.17 -9.95
C GLN C 209 -5.06 -23.30 -10.98
N GLY C 210 -4.08 -23.19 -11.88
CA GLY C 210 -3.89 -24.17 -12.95
C GLY C 210 -5.06 -24.31 -13.90
N LEU C 211 -5.85 -23.25 -14.01
CA LEU C 211 -6.96 -23.21 -14.96
C LEU C 211 -6.57 -22.35 -16.16
N ARG C 212 -6.96 -22.81 -17.35
CA ARG C 212 -6.62 -22.10 -18.58
C ARG C 212 -7.72 -21.12 -18.95
N ALA C 213 -7.33 -19.88 -19.22
CA ALA C 213 -8.28 -18.84 -19.60
C ALA C 213 -7.81 -18.01 -20.78
N GLY C 214 -8.75 -17.67 -21.65
CA GLY C 214 -8.51 -16.75 -22.76
C GLY C 214 -9.52 -15.61 -22.71
N MET C 215 -9.20 -14.51 -23.39
CA MET C 215 -10.08 -13.35 -23.43
C MET C 215 -10.20 -12.76 -24.83
N VAL C 216 -11.42 -12.73 -25.35
CA VAL C 216 -11.72 -12.07 -26.62
C VAL C 216 -12.92 -11.13 -26.43
N ALA C 217 -12.91 -10.01 -27.14
CA ALA C 217 -14.02 -9.05 -27.09
C ALA C 217 -14.12 -8.22 -28.36
N GLY C 218 -15.35 -7.87 -28.72
CA GLY C 218 -15.61 -6.97 -29.84
C GLY C 218 -15.77 -5.54 -29.37
N VAL C 219 -15.19 -4.61 -30.13
CA VAL C 219 -15.25 -3.18 -29.80
C VAL C 219 -16.64 -2.62 -30.06
N ILE C 220 -17.27 -2.08 -29.02
CA ILE C 220 -18.57 -1.42 -29.16
C ILE C 220 -18.44 0.10 -29.28
N VAL C 221 -17.71 0.70 -28.34
CA VAL C 221 -17.46 2.15 -28.38
C VAL C 221 -15.95 2.43 -28.49
N ASN C 222 -15.61 3.58 -29.05
CA ASN C 222 -14.24 4.07 -29.02
C ASN C 222 -14.22 5.44 -28.36
N ARG C 223 -13.52 5.53 -27.22
CA ARG C 223 -13.50 6.74 -26.40
C ARG C 223 -12.93 7.96 -27.12
N THR C 224 -11.81 7.76 -27.79
CA THR C 224 -11.13 8.83 -28.54
C THR C 224 -11.93 9.35 -29.73
N GLN C 225 -12.85 8.54 -30.24
CA GLN C 225 -13.64 8.89 -31.41
C GLN C 225 -15.01 9.45 -31.04
N MET C 234 -21.36 -2.39 -35.53
CA MET C 234 -22.79 -2.48 -35.28
C MET C 234 -23.16 -3.87 -34.75
N LYS C 235 -23.96 -4.61 -35.51
CA LYS C 235 -24.48 -5.92 -35.10
C LYS C 235 -23.70 -7.10 -35.69
N GLN C 236 -23.16 -6.92 -36.90
CA GLN C 236 -22.29 -7.93 -37.52
C GLN C 236 -20.93 -7.96 -36.82
N THR C 237 -20.64 -6.89 -36.08
CA THR C 237 -19.45 -6.78 -35.23
C THR C 237 -19.35 -7.94 -34.25
N GLU C 238 -20.43 -8.13 -33.50
CA GLU C 238 -20.51 -9.14 -32.43
C GLU C 238 -20.19 -10.56 -32.89
N SER C 239 -20.95 -11.05 -33.88
CA SER C 239 -20.85 -12.44 -34.33
C SER C 239 -19.45 -12.86 -34.76
N HIS C 240 -18.62 -11.90 -35.15
CA HIS C 240 -17.20 -12.16 -35.44
C HIS C 240 -16.51 -12.74 -34.22
N ALA C 241 -16.61 -12.03 -33.10
CA ALA C 241 -16.04 -12.47 -31.82
C ALA C 241 -16.71 -13.75 -31.33
N VAL C 242 -17.98 -13.95 -31.72
CA VAL C 242 -18.73 -15.15 -31.38
C VAL C 242 -18.23 -16.35 -32.20
N LYS C 243 -18.01 -16.14 -33.49
CA LYS C 243 -17.44 -17.17 -34.36
C LYS C 243 -16.04 -17.55 -33.90
N ILE C 244 -15.24 -16.54 -33.57
CA ILE C 244 -13.86 -16.73 -33.09
C ILE C 244 -13.81 -17.55 -31.81
N VAL C 245 -14.61 -17.16 -30.81
CA VAL C 245 -14.62 -17.84 -29.51
C VAL C 245 -15.14 -19.28 -29.62
N VAL C 246 -15.95 -19.54 -30.64
CA VAL C 246 -16.44 -20.90 -30.94
C VAL C 246 -15.37 -21.68 -31.73
N GLU C 247 -14.76 -21.04 -32.71
CA GLU C 247 -13.69 -21.67 -33.50
C GLU C 247 -12.45 -21.97 -32.65
N ALA C 248 -12.09 -21.03 -31.78
CA ALA C 248 -10.98 -21.20 -30.86
C ALA C 248 -11.20 -22.40 -29.93
N ALA C 249 -12.45 -22.62 -29.52
CA ALA C 249 -12.82 -23.74 -28.67
C ALA C 249 -12.44 -25.09 -29.29
N ARG C 250 -12.71 -25.24 -30.59
CA ARG C 250 -12.38 -26.45 -31.34
C ARG C 250 -10.90 -26.82 -31.25
N ARG C 251 -10.05 -25.81 -31.26
CA ARG C 251 -8.60 -26.00 -31.24
C ARG C 251 -8.06 -26.17 -29.82
N LEU C 252 -8.97 -26.32 -28.85
CA LEU C 252 -8.62 -26.43 -27.44
C LEU C 252 -9.17 -27.68 -26.75
N LEU C 253 -10.03 -28.41 -27.46
CA LEU C 253 -10.72 -29.58 -26.86
C LEU C 253 -9.82 -30.80 -26.76
N SER D 4 30.20 9.02 -28.69
CA SER D 4 29.27 7.96 -28.23
C SER D 4 27.88 8.52 -27.89
N ASP D 5 26.85 7.81 -28.32
CA ASP D 5 25.46 8.29 -28.21
C ASP D 5 24.79 8.05 -26.86
N VAL D 6 25.05 6.90 -26.24
CA VAL D 6 24.41 6.55 -24.98
C VAL D 6 25.39 6.49 -23.81
N PHE D 7 24.90 6.84 -22.61
CA PHE D 7 25.76 7.08 -21.46
C PHE D 7 26.50 5.86 -20.91
N HIS D 8 25.88 4.68 -21.00
CA HIS D 8 26.46 3.47 -20.42
C HIS D 8 27.05 2.50 -21.44
N LEU D 9 26.29 2.19 -22.50
CA LEU D 9 26.68 1.15 -23.45
C LEU D 9 27.85 1.53 -24.34
N GLY D 10 28.14 2.83 -24.44
CA GLY D 10 29.21 3.33 -25.29
C GLY D 10 28.99 3.03 -26.76
N LEU D 11 27.72 3.06 -27.18
CA LEU D 11 27.34 2.73 -28.55
C LEU D 11 26.72 3.93 -29.26
N THR D 12 27.04 4.06 -30.55
CA THR D 12 26.40 5.04 -31.42
C THR D 12 25.34 4.30 -32.24
N LYS D 13 24.35 5.04 -32.72
CA LYS D 13 23.28 4.45 -33.54
C LYS D 13 23.86 3.64 -34.71
N ASN D 14 24.97 4.12 -35.27
CA ASN D 14 25.63 3.50 -36.40
C ASN D 14 26.22 2.12 -36.11
N ASP D 15 26.66 1.90 -34.88
CA ASP D 15 27.24 0.61 -34.46
C ASP D 15 26.23 -0.54 -34.60
N LEU D 16 24.96 -0.21 -34.45
CA LEU D 16 23.88 -1.17 -34.62
C LEU D 16 23.60 -1.39 -36.10
N GLN D 17 23.82 -0.34 -36.90
CA GLN D 17 23.48 -0.28 -38.32
C GLN D 17 22.19 -1.01 -38.72
N GLY D 18 21.06 -0.41 -38.34
CA GLY D 18 19.75 -0.89 -38.77
C GLY D 18 19.10 -1.94 -37.90
N ALA D 19 19.87 -2.51 -36.98
CA ALA D 19 19.39 -3.56 -36.06
C ALA D 19 18.14 -3.13 -35.31
N GLN D 20 17.12 -3.99 -35.32
CA GLN D 20 15.85 -3.71 -34.66
C GLN D 20 15.65 -4.62 -33.44
N LEU D 21 16.37 -5.74 -33.43
CA LEU D 21 16.22 -6.75 -32.39
C LEU D 21 17.53 -6.96 -31.62
N ALA D 22 17.41 -7.18 -30.31
CA ALA D 22 18.57 -7.46 -29.47
C ALA D 22 18.34 -8.65 -28.55
N ILE D 23 19.23 -9.64 -28.64
CA ILE D 23 19.25 -10.75 -27.69
C ILE D 23 20.00 -10.27 -26.45
N VAL D 24 19.35 -10.35 -25.30
CA VAL D 24 19.87 -9.75 -24.06
C VAL D 24 20.11 -10.75 -22.92
N PRO D 25 21.33 -11.33 -22.86
CA PRO D 25 21.69 -12.22 -21.76
C PRO D 25 22.01 -11.46 -20.47
N GLY D 26 22.31 -12.19 -19.40
CA GLY D 26 22.71 -11.59 -18.13
C GLY D 26 24.21 -11.47 -18.00
N ASP D 27 24.91 -12.55 -18.33
CA ASP D 27 26.36 -12.63 -18.17
C ASP D 27 27.09 -12.00 -19.37
N PRO D 28 27.96 -11.00 -19.11
CA PRO D 28 28.82 -10.43 -20.16
C PRO D 28 29.67 -11.48 -20.88
N GLU D 29 30.03 -12.55 -20.19
CA GLU D 29 30.80 -13.65 -20.77
C GLU D 29 29.98 -14.54 -21.70
N ARG D 30 28.66 -14.54 -21.51
CA ARG D 30 27.75 -15.34 -22.34
C ARG D 30 27.44 -14.65 -23.67
N VAL D 31 27.85 -13.38 -23.81
CA VAL D 31 27.52 -12.54 -24.97
C VAL D 31 28.17 -12.98 -26.28
N GLU D 32 29.50 -13.05 -26.29
CA GLU D 32 30.27 -13.42 -27.47
C GLU D 32 29.89 -14.80 -27.98
N LYS D 33 29.70 -15.73 -27.05
CA LYS D 33 29.27 -17.11 -27.34
C LYS D 33 27.95 -17.19 -28.12
N ILE D 34 27.01 -16.29 -27.82
CA ILE D 34 25.73 -16.21 -28.53
C ILE D 34 25.91 -15.55 -29.89
N ALA D 35 26.59 -14.40 -29.90
CA ALA D 35 26.86 -13.63 -31.13
C ALA D 35 27.58 -14.47 -32.18
N ALA D 36 28.38 -15.42 -31.73
CA ALA D 36 29.15 -16.31 -32.61
C ALA D 36 28.37 -17.51 -33.14
N LEU D 37 27.06 -17.53 -32.92
CA LEU D 37 26.19 -18.52 -33.55
C LEU D 37 25.53 -17.93 -34.80
N MET D 38 25.85 -16.66 -35.07
CA MET D 38 25.28 -15.92 -36.19
C MET D 38 26.38 -15.45 -37.13
N ASP D 39 25.99 -14.84 -38.25
CA ASP D 39 26.95 -14.34 -39.24
C ASP D 39 27.65 -13.07 -38.78
N LYS D 40 28.84 -12.82 -39.34
CA LYS D 40 29.65 -11.62 -39.06
C LYS D 40 29.57 -11.08 -37.62
N PRO D 41 29.98 -11.89 -36.62
CA PRO D 41 29.96 -11.40 -35.24
C PRO D 41 31.10 -10.41 -34.97
N VAL D 42 30.73 -9.18 -34.63
CA VAL D 42 31.70 -8.12 -34.36
C VAL D 42 31.43 -7.49 -32.99
N LYS D 43 32.46 -7.43 -32.16
CA LYS D 43 32.40 -6.74 -30.87
C LYS D 43 32.27 -5.24 -31.12
N LEU D 44 31.40 -4.59 -30.36
CA LEU D 44 31.14 -3.17 -30.53
C LEU D 44 31.79 -2.36 -29.42
N ALA D 45 31.34 -2.60 -28.20
CA ALA D 45 31.86 -1.94 -27.02
C ALA D 45 31.80 -2.88 -25.83
N SER D 46 32.36 -2.43 -24.71
CA SER D 46 32.25 -3.12 -23.44
C SER D 46 32.49 -2.13 -22.30
N HIS D 47 31.43 -1.81 -21.57
CA HIS D 47 31.52 -0.91 -20.43
C HIS D 47 30.71 -1.45 -19.26
N ARG D 48 31.26 -1.29 -18.06
CA ARG D 48 30.64 -1.79 -16.82
C ARG D 48 30.17 -3.25 -17.00
N GLU D 49 28.90 -3.54 -16.71
CA GLU D 49 28.39 -4.90 -16.92
C GLU D 49 27.71 -5.09 -18.29
N PHE D 50 27.76 -4.05 -19.13
CA PHE D 50 27.14 -4.10 -20.45
C PHE D 50 28.15 -4.38 -21.56
N THR D 51 28.15 -5.63 -22.03
CA THR D 51 29.00 -6.07 -23.13
C THR D 51 28.14 -6.27 -24.38
N SER D 52 28.47 -5.56 -25.45
CA SER D 52 27.64 -5.58 -26.66
C SER D 52 28.38 -6.00 -27.92
N TRP D 53 27.75 -6.94 -28.65
CA TRP D 53 28.25 -7.45 -29.92
C TRP D 53 27.21 -7.24 -31.01
N ARG D 54 27.67 -7.17 -32.26
CA ARG D 54 26.79 -7.15 -33.42
C ARG D 54 26.99 -8.39 -34.27
N ALA D 55 25.90 -9.11 -34.51
CA ALA D 55 25.91 -10.25 -35.42
C ALA D 55 24.90 -10.02 -36.53
N GLU D 56 24.87 -10.91 -37.52
CA GLU D 56 23.88 -10.85 -38.59
C GLU D 56 23.10 -12.15 -38.70
N LEU D 57 21.81 -12.04 -38.95
CA LEU D 57 20.93 -13.19 -39.01
C LEU D 57 20.01 -13.09 -40.23
N ASP D 58 20.24 -13.98 -41.19
CA ASP D 58 19.57 -13.91 -42.50
C ASP D 58 19.74 -12.55 -43.18
N GLY D 59 20.97 -12.03 -43.12
CA GLY D 59 21.32 -10.76 -43.76
C GLY D 59 20.80 -9.50 -43.08
N LYS D 60 20.24 -9.64 -41.89
CA LYS D 60 19.73 -8.50 -41.13
C LYS D 60 20.40 -8.39 -39.75
N ALA D 61 20.93 -7.21 -39.46
CA ALA D 61 21.75 -6.97 -38.27
C ALA D 61 21.02 -7.22 -36.95
N VAL D 62 21.75 -7.80 -36.00
CA VAL D 62 21.21 -8.16 -34.68
C VAL D 62 22.22 -7.80 -33.59
N ILE D 63 21.71 -7.42 -32.42
CA ILE D 63 22.56 -7.06 -31.28
C ILE D 63 22.46 -8.10 -30.18
N VAL D 64 23.61 -8.52 -29.65
CA VAL D 64 23.63 -9.28 -28.41
C VAL D 64 24.26 -8.39 -27.33
N CYS D 65 23.48 -8.09 -26.29
CA CYS D 65 23.93 -7.17 -25.26
C CYS D 65 23.53 -7.65 -23.88
N SER D 66 24.52 -7.77 -22.99
CA SER D 66 24.28 -8.20 -21.61
C SER D 66 23.55 -7.14 -20.80
N THR D 67 22.69 -7.60 -19.89
CA THR D 67 21.94 -6.72 -19.00
C THR D 67 22.60 -6.62 -17.64
N GLY D 68 23.30 -7.67 -17.25
CA GLY D 68 23.82 -7.80 -15.89
C GLY D 68 22.76 -8.41 -15.00
N ILE D 69 23.07 -8.55 -13.71
CA ILE D 69 22.12 -9.13 -12.76
C ILE D 69 21.17 -8.05 -12.23
N GLY D 70 19.88 -8.36 -12.30
CA GLY D 70 18.85 -7.51 -11.72
C GLY D 70 18.14 -6.60 -12.69
N GLY D 71 16.97 -6.12 -12.28
CA GLY D 71 16.17 -5.19 -13.06
C GLY D 71 16.83 -3.84 -13.36
N PRO D 72 17.44 -3.21 -12.33
CA PRO D 72 18.10 -1.90 -12.50
C PRO D 72 19.05 -1.80 -13.69
N SER D 73 19.97 -2.76 -13.82
CA SER D 73 20.93 -2.73 -14.92
C SER D 73 20.27 -3.11 -16.25
N THR D 74 19.25 -3.95 -16.18
CA THR D 74 18.44 -4.29 -17.34
C THR D 74 17.73 -3.04 -17.85
N SER D 75 17.21 -2.23 -16.93
CA SER D 75 16.49 -1.00 -17.28
C SER D 75 17.38 0.03 -17.98
N ILE D 76 18.69 -0.06 -17.77
CA ILE D 76 19.64 0.83 -18.44
C ILE D 76 19.95 0.33 -19.86
N ALA D 77 20.35 -0.94 -19.96
CA ALA D 77 20.68 -1.55 -21.23
C ALA D 77 19.50 -1.48 -22.21
N VAL D 78 18.31 -1.82 -21.73
CA VAL D 78 17.10 -1.80 -22.57
C VAL D 78 16.78 -0.38 -23.04
N GLU D 79 16.71 0.57 -22.11
CA GLU D 79 16.39 1.97 -22.40
C GLU D 79 17.33 2.57 -23.45
N GLU D 80 18.63 2.28 -23.32
CA GLU D 80 19.64 2.86 -24.21
C GLU D 80 19.69 2.17 -25.58
N LEU D 81 19.43 0.87 -25.61
CA LEU D 81 19.27 0.14 -26.88
C LEU D 81 18.03 0.62 -27.62
N ALA D 82 16.98 0.92 -26.86
CA ALA D 82 15.73 1.46 -27.41
C ALA D 82 15.96 2.85 -28.02
N GLN D 83 16.75 3.67 -27.34
CA GLN D 83 17.15 4.99 -27.83
C GLN D 83 17.90 4.87 -29.16
N LEU D 84 18.67 3.79 -29.30
CA LEU D 84 19.47 3.55 -30.49
C LEU D 84 18.67 2.92 -31.63
N GLY D 85 17.46 2.44 -31.33
CA GLY D 85 16.56 1.95 -32.37
C GLY D 85 16.04 0.53 -32.22
N ILE D 86 16.54 -0.19 -31.22
CA ILE D 86 16.05 -1.54 -30.92
C ILE D 86 14.59 -1.47 -30.46
N ARG D 87 13.73 -2.25 -31.12
CA ARG D 87 12.31 -2.31 -30.80
C ARG D 87 11.90 -3.66 -30.22
N THR D 88 12.79 -4.65 -30.33
CA THR D 88 12.48 -6.02 -29.88
C THR D 88 13.61 -6.63 -29.06
N PHE D 89 13.26 -7.13 -27.88
CA PHE D 89 14.22 -7.69 -26.95
C PHE D 89 13.90 -9.16 -26.66
N LEU D 90 14.93 -10.00 -26.71
CA LEU D 90 14.78 -11.41 -26.33
C LEU D 90 15.80 -11.75 -25.26
N ARG D 91 15.32 -11.91 -24.03
CA ARG D 91 16.17 -12.25 -22.92
C ARG D 91 16.39 -13.75 -22.79
N ILE D 92 17.66 -14.15 -22.83
CA ILE D 92 18.06 -15.51 -22.49
C ILE D 92 18.71 -15.45 -21.11
N GLY D 93 18.36 -16.40 -20.24
CA GLY D 93 18.91 -16.43 -18.89
C GLY D 93 19.03 -17.82 -18.31
N THR D 94 19.41 -17.86 -17.03
CA THR D 94 19.36 -19.09 -16.25
C THR D 94 18.24 -18.94 -15.24
N THR D 95 17.71 -20.05 -14.73
CA THR D 95 16.57 -20.01 -13.82
C THR D 95 16.52 -21.15 -12.80
N GLY D 96 15.77 -20.92 -11.71
CA GLY D 96 15.57 -21.93 -10.68
C GLY D 96 14.13 -22.42 -10.65
N ALA D 97 13.95 -23.67 -11.03
CA ALA D 97 12.62 -24.30 -11.04
C ALA D 97 12.10 -24.54 -9.63
N ILE D 98 10.83 -24.23 -9.41
CA ILE D 98 10.19 -24.48 -8.11
C ILE D 98 9.09 -25.55 -8.19
N GLN D 99 8.84 -26.02 -9.42
CA GLN D 99 7.88 -27.11 -9.65
C GLN D 99 8.60 -28.46 -9.71
N PRO D 100 8.04 -29.49 -9.04
CA PRO D 100 8.67 -30.81 -8.95
C PRO D 100 8.87 -31.51 -10.29
N HIS D 101 8.02 -31.21 -11.27
CA HIS D 101 8.06 -31.89 -12.57
C HIS D 101 9.05 -31.25 -13.57
N ILE D 102 9.59 -30.08 -13.23
CA ILE D 102 10.55 -29.39 -14.08
C ILE D 102 11.98 -29.72 -13.67
N ASN D 103 12.70 -30.42 -14.55
CA ASN D 103 14.06 -30.90 -14.28
C ASN D 103 15.13 -29.93 -14.73
N VAL D 104 16.29 -30.02 -14.09
CA VAL D 104 17.49 -29.28 -14.51
C VAL D 104 17.80 -29.64 -15.96
N GLY D 105 17.93 -28.62 -16.80
CA GLY D 105 18.19 -28.83 -18.22
C GLY D 105 17.05 -28.35 -19.11
N ASP D 106 15.86 -28.24 -18.54
CA ASP D 106 14.67 -27.81 -19.28
C ASP D 106 14.72 -26.34 -19.71
N VAL D 107 13.76 -25.97 -20.55
CA VAL D 107 13.62 -24.61 -21.04
C VAL D 107 12.27 -24.06 -20.60
N LEU D 108 12.26 -22.83 -20.09
CA LEU D 108 11.02 -22.20 -19.65
C LEU D 108 10.76 -20.92 -20.42
N VAL D 109 9.60 -20.84 -21.06
CA VAL D 109 9.17 -19.64 -21.77
C VAL D 109 8.18 -18.89 -20.89
N THR D 110 8.54 -17.67 -20.52
CA THR D 110 7.74 -16.85 -19.61
C THR D 110 6.66 -16.09 -20.38
N THR D 111 5.40 -16.34 -20.03
CA THR D 111 4.28 -15.59 -20.55
C THR D 111 4.16 -14.25 -19.83
N ALA D 112 4.29 -14.30 -18.51
CA ALA D 112 4.24 -13.11 -17.67
C ALA D 112 4.95 -13.35 -16.35
N SER D 113 5.34 -12.26 -15.69
CA SER D 113 6.18 -12.36 -14.49
C SER D 113 5.54 -11.79 -13.24
N VAL D 114 5.68 -12.53 -12.13
CA VAL D 114 5.32 -12.04 -10.81
C VAL D 114 6.33 -10.96 -10.44
N ARG D 115 5.85 -9.74 -10.27
CA ARG D 115 6.69 -8.57 -10.05
C ARG D 115 7.17 -8.43 -8.62
N LEU D 116 8.17 -9.24 -8.25
CA LEU D 116 8.78 -9.13 -6.94
C LEU D 116 10.01 -8.22 -7.01
N ASP D 117 9.86 -7.13 -7.74
CA ASP D 117 10.94 -6.18 -7.98
C ASP D 117 10.51 -4.75 -7.68
N GLY D 118 11.43 -3.80 -7.92
CA GLY D 118 11.15 -2.38 -7.73
C GLY D 118 11.18 -1.61 -9.03
N ALA D 119 12.08 -2.01 -9.93
CA ALA D 119 12.32 -1.28 -11.19
C ALA D 119 11.10 -1.20 -12.09
N SER D 120 10.29 -2.26 -12.13
CA SER D 120 9.07 -2.30 -12.94
C SER D 120 8.09 -1.19 -12.57
N LEU D 121 8.06 -0.84 -11.28
CA LEU D 121 7.18 0.19 -10.74
C LEU D 121 7.52 1.60 -11.24
N HIS D 122 8.72 1.75 -11.81
CA HIS D 122 9.19 3.03 -12.35
C HIS D 122 8.69 3.24 -13.77
N PHE D 123 8.00 2.24 -14.30
CA PHE D 123 7.44 2.29 -15.65
C PHE D 123 5.92 2.17 -15.63
N ALA D 124 5.42 1.37 -14.69
CA ALA D 124 3.98 1.15 -14.54
C ALA D 124 3.65 0.74 -13.10
N PRO D 125 2.47 1.13 -12.59
CA PRO D 125 2.08 0.69 -11.25
C PRO D 125 1.86 -0.82 -11.21
N MET D 126 1.73 -1.38 -9.99
CA MET D 126 1.66 -2.83 -9.81
C MET D 126 0.49 -3.51 -10.53
N GLU D 127 -0.59 -2.76 -10.78
CA GLU D 127 -1.77 -3.27 -11.47
C GLU D 127 -1.45 -3.70 -12.91
N PHE D 128 -0.48 -3.04 -13.52
CA PHE D 128 -0.05 -3.35 -14.87
C PHE D 128 0.67 -4.70 -14.92
N PRO D 129 0.26 -5.59 -15.85
CA PRO D 129 0.86 -6.91 -16.00
C PRO D 129 2.29 -6.87 -16.52
N ALA D 130 3.12 -7.80 -16.05
CA ALA D 130 4.46 -7.97 -16.58
C ALA D 130 4.43 -9.06 -17.65
N VAL D 131 3.75 -8.76 -18.74
CA VAL D 131 3.45 -9.74 -19.79
C VAL D 131 4.39 -9.61 -20.98
N ALA D 132 4.84 -10.74 -21.50
CA ALA D 132 5.65 -10.79 -22.71
C ALA D 132 4.81 -10.47 -23.94
N ASP D 133 5.46 -9.88 -24.95
CA ASP D 133 4.83 -9.65 -26.24
C ASP D 133 4.40 -10.98 -26.84
N PHE D 134 3.21 -11.00 -27.43
CA PHE D 134 2.66 -12.25 -27.95
C PHE D 134 3.51 -12.87 -29.05
N ALA D 135 3.90 -12.06 -30.05
CA ALA D 135 4.70 -12.53 -31.16
C ALA D 135 6.04 -13.13 -30.72
N CYS D 136 6.65 -12.50 -29.72
CA CYS D 136 7.93 -12.97 -29.14
C CYS D 136 7.79 -14.32 -28.44
N THR D 137 6.75 -14.47 -27.63
CA THR D 137 6.46 -15.73 -26.94
C THR D 137 6.26 -16.86 -27.95
N THR D 138 5.46 -16.58 -28.98
CA THR D 138 5.20 -17.53 -30.07
C THR D 138 6.50 -17.98 -30.74
N ALA D 139 7.36 -17.01 -31.08
CA ALA D 139 8.65 -17.30 -31.70
C ALA D 139 9.48 -18.22 -30.83
N LEU D 140 9.52 -17.92 -29.53
CA LEU D 140 10.29 -18.71 -28.56
C LEU D 140 9.75 -20.13 -28.43
N VAL D 141 8.44 -20.26 -28.26
CA VAL D 141 7.78 -21.57 -28.10
C VAL D 141 8.00 -22.44 -29.35
N GLU D 142 7.75 -21.86 -30.52
CA GLU D 142 7.92 -22.57 -31.80
C GLU D 142 9.38 -22.93 -32.08
N ALA D 143 10.30 -22.07 -31.64
CA ALA D 143 11.73 -22.37 -31.74
C ALA D 143 12.09 -23.56 -30.88
N ALA D 144 11.50 -23.62 -29.68
CA ALA D 144 11.71 -24.73 -28.75
C ALA D 144 11.08 -26.02 -29.26
N LYS D 145 9.90 -25.90 -29.87
CA LYS D 145 9.22 -27.04 -30.50
C LYS D 145 10.09 -27.66 -31.59
N SER D 146 10.64 -26.82 -32.47
CA SER D 146 11.41 -27.29 -33.62
C SER D 146 12.66 -28.07 -33.21
N ILE D 147 13.41 -27.54 -32.23
CA ILE D 147 14.63 -28.22 -31.77
C ILE D 147 14.30 -29.33 -30.75
N GLY D 148 13.02 -29.48 -30.44
CA GLY D 148 12.52 -30.58 -29.61
C GLY D 148 12.97 -30.58 -28.16
N ALA D 149 13.14 -29.39 -27.58
CA ALA D 149 13.52 -29.25 -26.18
C ALA D 149 12.32 -29.40 -25.27
N THR D 150 12.56 -29.88 -24.04
CA THR D 150 11.51 -29.96 -23.02
C THR D 150 11.17 -28.54 -22.59
N THR D 151 9.94 -28.12 -22.90
CA THR D 151 9.53 -26.73 -22.72
C THR D 151 8.31 -26.61 -21.82
N HIS D 152 8.36 -25.62 -20.93
CA HIS D 152 7.21 -25.27 -20.11
C HIS D 152 6.90 -23.79 -20.31
N VAL D 153 5.63 -23.48 -20.55
CA VAL D 153 5.20 -22.11 -20.80
C VAL D 153 4.25 -21.66 -19.69
N GLY D 154 4.67 -20.64 -18.95
CA GLY D 154 3.86 -20.11 -17.85
C GLY D 154 4.41 -18.91 -17.12
N VAL D 155 4.05 -18.80 -15.84
CA VAL D 155 4.36 -17.63 -15.02
C VAL D 155 5.68 -17.78 -14.27
N THR D 156 6.45 -16.70 -14.25
CA THR D 156 7.77 -16.67 -13.61
C THR D 156 7.80 -15.68 -12.45
N ALA D 157 8.34 -16.10 -11.33
CA ALA D 157 8.55 -15.21 -10.18
C ALA D 157 9.87 -14.47 -10.34
N SER D 158 9.79 -13.15 -10.49
CA SER D 158 10.96 -12.33 -10.75
C SER D 158 11.33 -11.45 -9.56
N SER D 159 12.39 -11.85 -8.86
CA SER D 159 12.79 -11.24 -7.60
C SER D 159 13.94 -10.25 -7.76
N ASP D 160 13.98 -9.26 -6.86
CA ASP D 160 15.10 -8.31 -6.80
C ASP D 160 16.27 -8.84 -5.99
N THR D 161 16.12 -10.03 -5.42
CA THR D 161 17.20 -10.68 -4.68
C THR D 161 17.34 -12.15 -5.04
N PHE D 162 18.57 -12.64 -5.00
CA PHE D 162 18.85 -14.05 -5.24
C PHE D 162 18.48 -14.90 -4.04
N TYR D 163 18.66 -14.36 -2.84
CA TYR D 163 18.51 -15.14 -1.61
C TYR D 163 17.13 -15.01 -0.92
N PRO D 164 16.87 -13.91 -0.19
CA PRO D 164 15.61 -13.87 0.55
C PRO D 164 14.35 -13.83 -0.32
N GLY D 165 14.40 -13.09 -1.44
CA GLY D 165 13.26 -12.96 -2.34
C GLY D 165 12.87 -14.27 -3.02
N GLN D 166 13.82 -15.20 -3.05
CA GLN D 166 13.60 -16.53 -3.59
C GLN D 166 13.54 -17.54 -2.45
N GLU D 167 13.33 -17.03 -1.23
CA GLU D 167 13.25 -17.81 0.01
C GLU D 167 14.41 -18.79 0.23
N ARG D 168 15.63 -18.24 0.19
CA ARG D 168 16.83 -19.02 0.50
C ARG D 168 17.25 -18.76 1.95
N TYR D 169 17.52 -19.85 2.68
CA TYR D 169 17.81 -19.79 4.11
C TYR D 169 19.28 -20.07 4.48
N ASP D 170 20.02 -20.69 3.56
CA ASP D 170 21.45 -20.91 3.71
C ASP D 170 22.20 -19.60 3.50
N THR D 171 21.73 -18.55 4.18
CA THR D 171 22.30 -17.23 4.09
C THR D 171 23.06 -16.91 5.36
N TYR D 172 23.71 -15.74 5.37
CA TYR D 172 24.45 -15.26 6.53
C TYR D 172 23.55 -15.11 7.76
N SER D 173 22.40 -14.47 7.58
CA SER D 173 21.46 -14.24 8.67
C SER D 173 20.52 -15.43 8.91
N GLY D 174 20.28 -16.22 7.87
CA GLY D 174 19.36 -17.34 7.94
C GLY D 174 17.91 -16.90 8.08
N ARG D 175 17.68 -15.62 7.76
CA ARG D 175 16.38 -14.98 7.97
C ARG D 175 15.74 -14.60 6.64
N VAL D 176 14.43 -14.77 6.57
CA VAL D 176 13.65 -14.30 5.43
C VAL D 176 12.50 -13.44 5.93
N VAL D 177 12.50 -12.17 5.54
CA VAL D 177 11.51 -11.20 6.00
C VAL D 177 10.08 -11.69 5.75
N ARG D 178 9.18 -11.38 6.70
CA ARG D 178 7.79 -11.84 6.71
C ARG D 178 7.14 -11.96 5.33
N ARG D 179 7.25 -10.90 4.52
CA ARG D 179 6.67 -10.85 3.18
C ARG D 179 7.03 -12.06 2.31
N PHE D 180 8.26 -12.54 2.44
CA PHE D 180 8.77 -13.64 1.64
C PHE D 180 8.87 -14.98 2.38
N LYS D 181 8.59 -14.99 3.68
CA LYS D 181 8.57 -16.23 4.44
C LYS D 181 7.34 -17.05 4.03
N GLY D 182 7.59 -18.28 3.57
CA GLY D 182 6.54 -19.16 3.08
C GLY D 182 6.03 -18.80 1.69
N SER D 183 6.75 -17.93 0.99
CA SER D 183 6.32 -17.44 -0.33
C SER D 183 6.57 -18.42 -1.47
N MET D 184 7.58 -19.28 -1.33
CA MET D 184 7.89 -20.28 -2.35
C MET D 184 6.76 -21.30 -2.46
N GLU D 185 6.27 -21.75 -1.31
CA GLU D 185 5.12 -22.67 -1.23
C GLU D 185 3.87 -22.02 -1.84
N GLU D 186 3.80 -20.69 -1.75
CA GLU D 186 2.69 -19.92 -2.31
C GLU D 186 2.76 -19.84 -3.84
N TRP D 187 3.93 -19.50 -4.36
CA TRP D 187 4.14 -19.44 -5.82
C TRP D 187 3.92 -20.80 -6.46
N GLN D 188 4.38 -21.86 -5.78
CA GLN D 188 4.17 -23.24 -6.22
C GLN D 188 2.68 -23.56 -6.41
N ALA D 189 1.87 -23.24 -5.39
CA ALA D 189 0.43 -23.48 -5.42
C ALA D 189 -0.28 -22.69 -6.51
N MET D 190 0.32 -21.57 -6.91
CA MET D 190 -0.25 -20.69 -7.93
C MET D 190 0.19 -21.07 -9.34
N GLY D 191 1.09 -22.05 -9.44
CA GLY D 191 1.55 -22.55 -10.73
C GLY D 191 2.69 -21.76 -11.34
N VAL D 192 3.44 -21.05 -10.49
CA VAL D 192 4.66 -20.36 -10.93
C VAL D 192 5.74 -21.42 -11.16
N MET D 193 6.43 -21.32 -12.29
CA MET D 193 7.41 -22.33 -12.66
C MET D 193 8.76 -22.12 -11.98
N ASN D 194 9.17 -20.87 -11.84
CA ASN D 194 10.57 -20.56 -11.59
C ASN D 194 10.86 -19.20 -10.96
N TYR D 195 12.04 -19.11 -10.37
CA TYR D 195 12.62 -17.84 -9.96
C TYR D 195 13.68 -17.39 -10.95
N GLU D 196 13.67 -16.10 -11.28
CA GLU D 196 14.79 -15.41 -11.90
C GLU D 196 14.74 -13.95 -11.45
N MET D 197 15.62 -13.09 -11.99
CA MET D 197 15.78 -11.76 -11.40
C MET D 197 15.63 -10.55 -12.33
N GLU D 198 15.14 -10.76 -13.55
CA GLU D 198 15.10 -9.69 -14.55
C GLU D 198 13.77 -9.51 -15.28
N SER D 199 13.05 -10.61 -15.49
CA SER D 199 11.87 -10.62 -16.36
C SER D 199 10.78 -9.60 -16.01
N ALA D 200 10.49 -9.43 -14.72
CA ALA D 200 9.49 -8.45 -14.28
C ALA D 200 9.81 -7.06 -14.83
N THR D 201 11.05 -6.62 -14.62
CA THR D 201 11.51 -5.32 -15.11
C THR D 201 11.49 -5.25 -16.64
N LEU D 202 12.11 -6.22 -17.30
CA LEU D 202 12.17 -6.24 -18.75
C LEU D 202 10.79 -6.23 -19.40
N LEU D 203 9.93 -7.17 -18.99
CA LEU D 203 8.62 -7.33 -19.59
C LEU D 203 7.68 -6.15 -19.36
N THR D 204 7.77 -5.54 -18.18
CA THR D 204 6.95 -4.37 -17.83
C THR D 204 7.38 -3.14 -18.63
N MET D 205 8.66 -2.81 -18.57
CA MET D 205 9.17 -1.60 -19.23
C MET D 205 9.04 -1.64 -20.76
N CYS D 206 8.90 -2.85 -21.31
CA CYS D 206 8.72 -3.02 -22.74
C CYS D 206 7.24 -2.96 -23.15
N ALA D 207 6.39 -3.67 -22.40
CA ALA D 207 4.96 -3.73 -22.70
C ALA D 207 4.22 -2.42 -22.41
N SER D 208 4.90 -1.50 -21.73
CA SER D 208 4.33 -0.20 -21.39
C SER D 208 4.96 0.95 -22.19
N GLN D 209 5.87 0.61 -23.11
CA GLN D 209 6.53 1.62 -23.95
C GLN D 209 6.56 1.22 -25.42
N GLY D 210 5.74 0.24 -25.78
CA GLY D 210 5.56 -0.19 -27.17
C GLY D 210 6.63 -1.15 -27.68
N LEU D 211 7.47 -1.64 -26.76
CA LEU D 211 8.56 -2.52 -27.13
C LEU D 211 8.17 -3.98 -26.97
N ARG D 212 8.59 -4.80 -27.93
CA ARG D 212 8.29 -6.23 -27.88
C ARG D 212 9.37 -6.93 -27.09
N ALA D 213 8.95 -7.74 -26.11
CA ALA D 213 9.90 -8.47 -25.28
C ALA D 213 9.48 -9.92 -25.07
N GLY D 214 10.49 -10.80 -25.09
CA GLY D 214 10.29 -12.21 -24.84
C GLY D 214 11.29 -12.68 -23.80
N MET D 215 10.93 -13.71 -23.06
CA MET D 215 11.77 -14.23 -21.99
C MET D 215 11.93 -15.75 -22.11
N VAL D 216 13.19 -16.19 -22.12
CA VAL D 216 13.53 -17.61 -22.17
C VAL D 216 14.68 -17.89 -21.21
N ALA D 217 14.64 -19.03 -20.54
CA ALA D 217 15.68 -19.39 -19.58
C ALA D 217 15.87 -20.90 -19.43
N GLY D 218 17.12 -21.32 -19.28
CA GLY D 218 17.44 -22.70 -18.97
C GLY D 218 17.50 -22.93 -17.48
N VAL D 219 16.85 -23.99 -17.02
CA VAL D 219 16.81 -24.36 -15.60
C VAL D 219 18.16 -24.91 -15.14
N ILE D 220 18.81 -24.22 -14.21
CA ILE D 220 20.08 -24.69 -13.66
C ILE D 220 19.93 -25.43 -12.33
N VAL D 221 18.81 -25.22 -11.64
CA VAL D 221 18.53 -25.87 -10.36
C VAL D 221 17.03 -26.09 -10.16
N ASN D 222 16.68 -27.11 -9.38
CA ASN D 222 15.31 -27.34 -8.95
C ASN D 222 15.20 -27.12 -7.44
N ARG D 223 14.47 -26.08 -7.05
CA ARG D 223 14.38 -25.63 -5.66
C ARG D 223 13.76 -26.66 -4.70
N THR D 224 13.01 -27.62 -5.23
CA THR D 224 12.41 -28.67 -4.41
C THR D 224 13.46 -29.68 -3.92
N GLN D 225 14.70 -29.52 -4.40
CA GLN D 225 15.80 -30.40 -4.06
C GLN D 225 16.88 -29.66 -3.27
N GLN D 226 17.56 -28.73 -3.94
CA GLN D 226 18.63 -27.93 -3.33
C GLN D 226 18.42 -26.45 -3.64
N GLU D 227 19.39 -25.62 -3.26
CA GLU D 227 19.28 -24.17 -3.44
C GLU D 227 20.40 -23.57 -4.29
N MET D 234 23.63 -31.71 -17.44
CA MET D 234 24.40 -30.59 -16.89
C MET D 234 24.51 -29.42 -17.88
N LYS D 235 25.52 -29.47 -18.76
CA LYS D 235 25.94 -28.32 -19.54
C LYS D 235 25.10 -28.02 -20.78
N GLN D 236 24.25 -28.98 -21.19
CA GLN D 236 23.39 -28.79 -22.36
C GLN D 236 22.20 -27.85 -22.07
N THR D 237 22.11 -27.38 -20.83
CA THR D 237 21.08 -26.43 -20.40
C THR D 237 21.26 -25.06 -21.06
N GLU D 238 22.49 -24.54 -20.99
CA GLU D 238 22.82 -23.22 -21.52
C GLU D 238 22.63 -23.13 -23.03
N SER D 239 23.28 -24.02 -23.78
CA SER D 239 23.27 -24.00 -25.24
C SER D 239 21.91 -24.33 -25.88
N HIS D 240 21.04 -25.00 -25.12
CA HIS D 240 19.69 -25.30 -25.61
C HIS D 240 18.78 -24.08 -25.64
N ALA D 241 18.79 -23.30 -24.56
CA ALA D 241 18.06 -22.05 -24.49
C ALA D 241 18.68 -21.00 -25.42
N VAL D 242 19.99 -21.12 -25.65
CA VAL D 242 20.71 -20.24 -26.56
C VAL D 242 20.33 -20.51 -28.02
N LYS D 243 20.20 -21.79 -28.38
CA LYS D 243 19.75 -22.18 -29.72
C LYS D 243 18.33 -21.70 -29.99
N ILE D 244 17.51 -21.72 -28.95
CA ILE D 244 16.11 -21.29 -29.04
C ILE D 244 15.99 -19.77 -29.22
N VAL D 245 16.69 -19.02 -28.37
CA VAL D 245 16.64 -17.55 -28.41
C VAL D 245 17.12 -16.99 -29.75
N VAL D 246 18.07 -17.68 -30.38
CA VAL D 246 18.59 -17.29 -31.69
C VAL D 246 17.62 -17.71 -32.80
N GLU D 247 17.05 -18.90 -32.67
CA GLU D 247 16.05 -19.40 -33.63
C GLU D 247 14.79 -18.54 -33.64
N ALA D 248 14.37 -18.12 -32.45
CA ALA D 248 13.23 -17.23 -32.30
C ALA D 248 13.51 -15.86 -32.93
N ALA D 249 14.74 -15.38 -32.75
CA ALA D 249 15.18 -14.10 -33.29
C ALA D 249 14.99 -14.02 -34.80
N ARG D 250 15.39 -15.08 -35.51
CA ARG D 250 15.23 -15.19 -36.96
C ARG D 250 13.81 -14.83 -37.40
N ARG D 251 12.83 -15.24 -36.59
CA ARG D 251 11.42 -15.15 -36.93
C ARG D 251 10.79 -13.81 -36.54
N LEU D 252 11.55 -12.99 -35.82
CA LEU D 252 11.09 -11.66 -35.44
C LEU D 252 11.91 -10.57 -36.13
N LEU D 253 12.55 -10.95 -37.24
CA LEU D 253 13.35 -10.02 -38.03
C LEU D 253 12.64 -9.64 -39.33
N LYS E 3 -37.18 6.96 -24.62
CA LYS E 3 -36.85 5.51 -24.50
C LYS E 3 -36.09 5.23 -23.20
N SER E 4 -34.93 5.88 -23.05
CA SER E 4 -34.06 5.67 -21.90
C SER E 4 -33.09 6.83 -21.70
N ASP E 5 -32.96 7.29 -20.45
CA ASP E 5 -32.03 8.37 -20.10
C ASP E 5 -30.73 7.83 -19.49
N VAL E 6 -30.66 6.51 -19.34
CA VAL E 6 -29.47 5.85 -18.77
C VAL E 6 -29.07 4.62 -19.58
N PHE E 7 -27.78 4.34 -19.64
CA PHE E 7 -27.23 3.31 -20.53
C PHE E 7 -27.66 1.87 -20.20
N HIS E 8 -27.81 1.56 -18.92
CA HIS E 8 -28.05 0.16 -18.50
C HIS E 8 -29.47 -0.17 -18.08
N LEU E 9 -30.05 0.67 -17.21
CA LEU E 9 -31.31 0.35 -16.54
C LEU E 9 -32.53 0.34 -17.45
N GLY E 10 -32.45 1.06 -18.58
CA GLY E 10 -33.56 1.16 -19.53
C GLY E 10 -34.70 1.98 -18.98
N LEU E 11 -34.37 3.05 -18.26
CA LEU E 11 -35.36 3.90 -17.60
C LEU E 11 -35.20 5.38 -17.95
N THR E 12 -36.29 6.12 -17.79
CA THR E 12 -36.27 7.58 -17.92
C THR E 12 -36.62 8.19 -16.58
N LYS E 13 -36.28 9.47 -16.41
CA LYS E 13 -36.68 10.23 -15.22
C LYS E 13 -38.18 10.12 -15.01
N ASN E 14 -38.93 10.09 -16.12
CA ASN E 14 -40.39 10.01 -16.10
C ASN E 14 -40.92 8.73 -15.45
N ASP E 15 -40.23 7.61 -15.67
CA ASP E 15 -40.62 6.32 -15.13
C ASP E 15 -40.59 6.31 -13.61
N LEU E 16 -39.68 7.09 -13.04
CA LEU E 16 -39.55 7.24 -11.59
C LEU E 16 -40.70 8.04 -10.97
N GLN E 17 -41.30 8.92 -11.78
CA GLN E 17 -42.43 9.76 -11.35
C GLN E 17 -42.13 10.62 -10.14
N GLY E 18 -40.89 11.10 -10.05
CA GLY E 18 -40.46 11.94 -8.94
C GLY E 18 -39.90 11.21 -7.73
N ALA E 19 -39.64 9.91 -7.89
CA ALA E 19 -39.10 9.08 -6.81
C ALA E 19 -37.69 9.50 -6.43
N GLN E 20 -37.39 9.43 -5.14
CA GLN E 20 -36.07 9.79 -4.61
C GLN E 20 -35.45 8.66 -3.77
N LEU E 21 -36.27 7.65 -3.46
CA LEU E 21 -35.82 6.53 -2.65
C LEU E 21 -35.87 5.23 -3.44
N ALA E 22 -34.79 4.47 -3.38
CA ALA E 22 -34.75 3.16 -4.00
C ALA E 22 -34.33 2.08 -3.01
N ILE E 23 -35.22 1.10 -2.82
CA ILE E 23 -34.85 -0.14 -2.17
C ILE E 23 -34.10 -0.95 -3.22
N VAL E 24 -32.86 -1.31 -2.92
CA VAL E 24 -32.01 -2.00 -3.88
C VAL E 24 -31.62 -3.42 -3.44
N PRO E 25 -32.43 -4.42 -3.81
CA PRO E 25 -32.14 -5.82 -3.51
C PRO E 25 -31.04 -6.40 -4.39
N GLY E 26 -30.59 -7.60 -4.08
CA GLY E 26 -29.60 -8.28 -4.90
C GLY E 26 -30.23 -9.04 -6.05
N ASP E 27 -31.22 -9.87 -5.71
CA ASP E 27 -31.90 -10.74 -6.68
C ASP E 27 -33.06 -10.01 -7.37
N PRO E 28 -33.08 -10.00 -8.72
CA PRO E 28 -34.24 -9.57 -9.50
C PRO E 28 -35.56 -10.20 -9.05
N GLU E 29 -35.54 -11.49 -8.67
CA GLU E 29 -36.74 -12.18 -8.17
C GLU E 29 -37.34 -11.50 -6.93
N ARG E 30 -36.48 -10.88 -6.13
CA ARG E 30 -36.89 -10.21 -4.90
C ARG E 30 -37.60 -8.87 -5.13
N VAL E 31 -37.42 -8.30 -6.31
CA VAL E 31 -37.95 -6.96 -6.63
C VAL E 31 -39.48 -6.91 -6.54
N GLU E 32 -40.16 -7.75 -7.32
CA GLU E 32 -41.63 -7.78 -7.35
C GLU E 32 -42.22 -8.01 -5.95
N LYS E 33 -41.61 -8.93 -5.20
CA LYS E 33 -42.02 -9.25 -3.83
C LYS E 33 -42.02 -8.00 -2.94
N ILE E 34 -40.90 -7.29 -2.94
CA ILE E 34 -40.72 -6.07 -2.15
C ILE E 34 -41.72 -4.99 -2.60
N ALA E 35 -41.82 -4.82 -3.92
CA ALA E 35 -42.74 -3.85 -4.52
C ALA E 35 -44.21 -4.13 -4.18
N ALA E 36 -44.54 -5.41 -4.02
CA ALA E 36 -45.91 -5.84 -3.75
C ALA E 36 -46.38 -5.58 -2.31
N LEU E 37 -45.46 -5.16 -1.44
CA LEU E 37 -45.82 -4.77 -0.07
C LEU E 37 -46.24 -3.30 0.00
N MET E 38 -46.25 -2.65 -1.16
CA MET E 38 -46.56 -1.23 -1.25
C MET E 38 -47.75 -0.98 -2.18
N ASP E 39 -48.24 0.26 -2.18
CA ASP E 39 -49.39 0.64 -3.01
C ASP E 39 -48.98 0.84 -4.48
N LYS E 40 -49.93 0.60 -5.37
CA LYS E 40 -49.78 0.77 -6.83
C LYS E 40 -48.47 0.21 -7.43
N PRO E 41 -48.13 -1.07 -7.11
CA PRO E 41 -46.85 -1.58 -7.63
C PRO E 41 -46.91 -1.85 -9.14
N VAL E 42 -45.93 -1.32 -9.86
CA VAL E 42 -45.85 -1.52 -11.32
C VAL E 42 -44.42 -1.87 -11.75
N LYS E 43 -44.31 -2.85 -12.65
CA LYS E 43 -43.04 -3.22 -13.27
C LYS E 43 -42.58 -2.10 -14.20
N LEU E 44 -41.30 -1.74 -14.12
CA LEU E 44 -40.77 -0.70 -14.99
C LEU E 44 -39.93 -1.29 -16.13
N ALA E 45 -38.80 -1.89 -15.79
CA ALA E 45 -37.87 -2.44 -16.79
C ALA E 45 -37.05 -3.61 -16.26
N SER E 46 -36.46 -4.37 -17.18
CA SER E 46 -35.58 -5.49 -16.83
C SER E 46 -34.48 -5.70 -17.88
N HIS E 47 -33.26 -5.32 -17.52
CA HIS E 47 -32.09 -5.48 -18.39
C HIS E 47 -30.89 -5.95 -17.57
N ARG E 48 -30.15 -6.92 -18.12
CA ARG E 48 -29.04 -7.60 -17.43
C ARG E 48 -29.48 -8.08 -16.04
N GLU E 49 -28.84 -7.58 -14.99
CA GLU E 49 -29.21 -7.95 -13.62
C GLU E 49 -30.03 -6.87 -12.90
N PHE E 50 -30.61 -5.96 -13.68
CA PHE E 50 -31.38 -4.84 -13.12
C PHE E 50 -32.85 -4.89 -13.49
N THR E 51 -33.65 -5.54 -12.66
CA THR E 51 -35.10 -5.47 -12.75
C THR E 51 -35.56 -4.33 -11.84
N SER E 52 -36.36 -3.43 -12.40
CA SER E 52 -36.86 -2.28 -11.65
C SER E 52 -38.39 -2.22 -11.61
N TRP E 53 -38.92 -1.92 -10.42
CA TRP E 53 -40.33 -1.66 -10.22
C TRP E 53 -40.50 -0.29 -9.55
N ARG E 54 -41.65 0.34 -9.81
CA ARG E 54 -42.05 1.53 -9.08
C ARG E 54 -43.30 1.22 -8.28
N ALA E 55 -43.37 1.73 -7.06
CA ALA E 55 -44.55 1.58 -6.22
C ALA E 55 -44.81 2.89 -5.50
N GLU E 56 -45.61 2.84 -4.44
CA GLU E 56 -46.04 4.03 -3.72
C GLU E 56 -46.14 3.80 -2.22
N LEU E 57 -45.80 4.83 -1.45
CA LEU E 57 -45.96 4.81 0.01
C LEU E 57 -46.39 6.19 0.50
N ASP E 58 -47.51 6.23 1.21
CA ASP E 58 -48.10 7.49 1.68
C ASP E 58 -48.17 8.54 0.56
N GLY E 59 -48.52 8.08 -0.64
CA GLY E 59 -48.59 8.94 -1.82
C GLY E 59 -47.25 9.45 -2.30
N LYS E 60 -46.19 8.65 -2.12
CA LYS E 60 -44.85 8.99 -2.60
C LYS E 60 -44.28 7.88 -3.46
N ALA E 61 -43.67 8.26 -4.58
CA ALA E 61 -43.07 7.30 -5.49
C ALA E 61 -41.83 6.68 -4.89
N VAL E 62 -41.76 5.36 -4.94
CA VAL E 62 -40.63 4.58 -4.42
C VAL E 62 -40.12 3.68 -5.55
N ILE E 63 -38.83 3.38 -5.54
CA ILE E 63 -38.23 2.48 -6.53
C ILE E 63 -37.70 1.21 -5.87
N VAL E 64 -37.97 0.07 -6.51
CA VAL E 64 -37.29 -1.18 -6.18
C VAL E 64 -36.52 -1.61 -7.42
N CYS E 65 -35.21 -1.75 -7.27
CA CYS E 65 -34.33 -2.08 -8.40
C CYS E 65 -33.18 -2.96 -7.94
N SER E 66 -33.03 -4.13 -8.57
CA SER E 66 -31.97 -5.08 -8.23
C SER E 66 -30.60 -4.61 -8.69
N THR E 67 -29.55 -5.12 -8.01
CA THR E 67 -28.18 -4.70 -8.26
C THR E 67 -27.31 -5.84 -8.82
N GLY E 68 -27.79 -7.06 -8.73
CA GLY E 68 -27.00 -8.24 -9.08
C GLY E 68 -26.01 -8.59 -7.99
N ILE E 69 -25.03 -9.42 -8.33
CA ILE E 69 -24.00 -9.84 -7.36
C ILE E 69 -22.75 -8.99 -7.51
N GLY E 70 -22.32 -8.39 -6.40
CA GLY E 70 -21.06 -7.67 -6.35
C GLY E 70 -21.17 -6.18 -6.59
N GLY E 71 -20.14 -5.46 -6.12
CA GLY E 71 -20.05 -4.01 -6.23
C GLY E 71 -20.05 -3.43 -7.64
N PRO E 72 -19.34 -4.08 -8.60
CA PRO E 72 -19.33 -3.60 -9.97
C PRO E 72 -20.71 -3.27 -10.55
N SER E 73 -21.62 -4.25 -10.56
CA SER E 73 -22.96 -4.02 -11.10
C SER E 73 -23.79 -3.13 -10.16
N THR E 74 -23.49 -3.19 -8.86
CA THR E 74 -24.12 -2.32 -7.88
C THR E 74 -23.76 -0.86 -8.15
N SER E 75 -22.52 -0.62 -8.56
CA SER E 75 -22.05 0.74 -8.88
C SER E 75 -22.76 1.29 -10.11
N ILE E 76 -23.19 0.41 -11.00
CA ILE E 76 -23.90 0.80 -12.21
C ILE E 76 -25.34 1.21 -11.89
N ALA E 77 -26.03 0.37 -11.13
CA ALA E 77 -27.41 0.64 -10.71
C ALA E 77 -27.53 1.94 -9.92
N VAL E 78 -26.76 2.04 -8.83
CA VAL E 78 -26.77 3.21 -7.94
C VAL E 78 -26.45 4.51 -8.69
N GLU E 79 -25.44 4.45 -9.56
CA GLU E 79 -25.03 5.58 -10.38
C GLU E 79 -26.14 6.06 -11.30
N GLU E 80 -26.77 5.11 -12.00
CA GLU E 80 -27.80 5.43 -12.98
C GLU E 80 -29.14 5.78 -12.33
N LEU E 81 -29.38 5.26 -11.12
CA LEU E 81 -30.50 5.70 -10.32
C LEU E 81 -30.26 7.10 -9.78
N ALA E 82 -29.00 7.42 -9.47
CA ALA E 82 -28.61 8.75 -9.04
C ALA E 82 -28.81 9.76 -10.17
N GLN E 83 -28.57 9.31 -11.41
CA GLN E 83 -28.78 10.14 -12.59
C GLN E 83 -30.26 10.46 -12.85
N LEU E 84 -31.14 9.63 -12.30
CA LEU E 84 -32.58 9.78 -12.53
C LEU E 84 -33.32 10.44 -11.36
N GLY E 85 -32.62 10.66 -10.25
CA GLY E 85 -33.19 11.41 -9.12
C GLY E 85 -33.09 10.81 -7.73
N ILE E 86 -32.68 9.55 -7.65
CA ILE E 86 -32.59 8.84 -6.36
C ILE E 86 -31.47 9.40 -5.49
N ARG E 87 -31.81 9.77 -4.26
CA ARG E 87 -30.86 10.32 -3.30
C ARG E 87 -30.73 9.43 -2.06
N THR E 88 -31.71 8.55 -1.85
CA THR E 88 -31.72 7.63 -0.73
C THR E 88 -31.77 6.18 -1.23
N PHE E 89 -30.75 5.40 -0.86
CA PHE E 89 -30.63 4.01 -1.30
C PHE E 89 -30.70 3.07 -0.10
N LEU E 90 -31.72 2.24 -0.06
CA LEU E 90 -31.82 1.22 0.97
C LEU E 90 -31.54 -0.14 0.36
N ARG E 91 -30.45 -0.77 0.77
CA ARG E 91 -30.14 -2.09 0.27
C ARG E 91 -30.64 -3.18 1.22
N ILE E 92 -31.32 -4.16 0.65
CA ILE E 92 -31.67 -5.38 1.35
C ILE E 92 -30.94 -6.54 0.68
N GLY E 93 -30.35 -7.41 1.51
CA GLY E 93 -29.61 -8.56 0.98
C GLY E 93 -29.67 -9.77 1.88
N THR E 94 -28.78 -10.73 1.61
CA THR E 94 -28.62 -11.92 2.42
C THR E 94 -27.18 -11.98 2.91
N THR E 95 -26.98 -12.59 4.07
CA THR E 95 -25.65 -12.64 4.66
C THR E 95 -25.36 -13.92 5.45
N GLY E 96 -24.07 -14.26 5.52
CA GLY E 96 -23.59 -15.31 6.40
C GLY E 96 -22.93 -14.67 7.61
N ALA E 97 -23.51 -14.93 8.78
CA ALA E 97 -23.01 -14.37 10.04
C ALA E 97 -21.74 -15.07 10.51
N ILE E 98 -20.75 -14.27 10.87
CA ILE E 98 -19.46 -14.81 11.33
C ILE E 98 -19.34 -14.85 12.86
N GLN E 99 -20.31 -14.23 13.53
CA GLN E 99 -20.37 -14.24 14.99
C GLN E 99 -21.13 -15.47 15.49
N PRO E 100 -20.67 -16.05 16.63
CA PRO E 100 -21.31 -17.25 17.18
C PRO E 100 -22.79 -17.06 17.54
N HIS E 101 -23.13 -15.91 18.12
CA HIS E 101 -24.48 -15.70 18.63
C HIS E 101 -25.40 -14.91 17.69
N ILE E 102 -25.07 -14.90 16.41
CA ILE E 102 -25.98 -14.41 15.38
C ILE E 102 -26.45 -15.62 14.57
N ASN E 103 -27.75 -15.90 14.67
CA ASN E 103 -28.32 -17.14 14.14
C ASN E 103 -29.09 -16.94 12.84
N VAL E 104 -29.37 -18.03 12.14
CA VAL E 104 -30.16 -18.01 10.91
C VAL E 104 -31.52 -17.39 11.20
N GLY E 105 -31.88 -16.37 10.41
CA GLY E 105 -33.16 -15.69 10.57
C GLY E 105 -33.05 -14.32 11.21
N ASP E 106 -31.90 -14.03 11.81
CA ASP E 106 -31.64 -12.73 12.42
C ASP E 106 -31.49 -11.63 11.38
N VAL E 107 -31.90 -10.42 11.75
CA VAL E 107 -31.82 -9.25 10.89
C VAL E 107 -30.61 -8.40 11.30
N LEU E 108 -29.81 -8.00 10.31
CA LEU E 108 -28.57 -7.27 10.58
C LEU E 108 -28.55 -5.91 9.89
N VAL E 109 -28.46 -4.85 10.69
CA VAL E 109 -28.32 -3.50 10.17
C VAL E 109 -26.84 -3.08 10.20
N THR E 110 -26.30 -2.78 9.03
CA THR E 110 -24.90 -2.42 8.86
C THR E 110 -24.68 -0.95 9.18
N THR E 111 -23.83 -0.69 10.19
CA THR E 111 -23.38 0.68 10.46
C THR E 111 -22.36 1.09 9.41
N ALA E 112 -21.35 0.25 9.22
CA ALA E 112 -20.32 0.46 8.21
C ALA E 112 -19.68 -0.87 7.81
N SER E 113 -18.88 -0.84 6.74
CA SER E 113 -18.37 -2.08 6.15
C SER E 113 -16.85 -2.13 6.00
N VAL E 114 -16.30 -3.34 6.18
CA VAL E 114 -14.90 -3.59 5.92
C VAL E 114 -14.72 -3.74 4.41
N ARG E 115 -14.02 -2.78 3.82
CA ARG E 115 -13.90 -2.68 2.37
C ARG E 115 -12.94 -3.71 1.79
N LEU E 116 -13.44 -4.91 1.57
CA LEU E 116 -12.68 -5.97 0.91
C LEU E 116 -13.10 -6.07 -0.55
N ASP E 117 -13.42 -4.92 -1.13
CA ASP E 117 -13.88 -4.80 -2.52
C ASP E 117 -12.95 -3.90 -3.33
N GLY E 118 -13.21 -3.80 -4.63
CA GLY E 118 -12.45 -2.92 -5.50
C GLY E 118 -13.19 -1.65 -5.87
N ALA E 119 -14.48 -1.79 -6.20
CA ALA E 119 -15.29 -0.69 -6.72
C ALA E 119 -15.33 0.57 -5.85
N SER E 120 -15.19 0.39 -4.53
CA SER E 120 -15.23 1.52 -3.59
C SER E 120 -14.04 2.46 -3.76
N LEU E 121 -12.89 1.87 -4.11
CA LEU E 121 -11.65 2.63 -4.36
C LEU E 121 -11.75 3.48 -5.62
N HIS E 122 -12.78 3.23 -6.42
CA HIS E 122 -13.06 4.00 -7.61
C HIS E 122 -13.87 5.26 -7.25
N PHE E 123 -14.20 5.41 -5.97
CA PHE E 123 -14.97 6.54 -5.49
C PHE E 123 -14.27 7.32 -4.38
N ALA E 124 -13.52 6.60 -3.55
CA ALA E 124 -12.78 7.18 -2.44
C ALA E 124 -11.63 6.25 -2.05
N PRO E 125 -10.50 6.83 -1.58
CA PRO E 125 -9.39 6.02 -1.10
C PRO E 125 -9.77 5.16 0.10
N MET E 126 -8.93 4.18 0.45
CA MET E 126 -9.23 3.22 1.51
C MET E 126 -9.48 3.86 2.87
N GLU E 127 -8.84 5.00 3.11
CA GLU E 127 -8.98 5.74 4.37
C GLU E 127 -10.42 6.17 4.65
N PHE E 128 -11.14 6.48 3.57
CA PHE E 128 -12.54 6.88 3.65
C PHE E 128 -13.41 5.71 4.13
N PRO E 129 -14.34 5.97 5.07
CA PRO E 129 -15.18 4.90 5.62
C PRO E 129 -16.37 4.52 4.75
N ALA E 130 -16.59 3.22 4.60
CA ALA E 130 -17.80 2.72 3.93
C ALA E 130 -18.95 2.74 4.92
N VAL E 131 -19.41 3.95 5.23
CA VAL E 131 -20.41 4.15 6.28
C VAL E 131 -21.82 4.43 5.75
N ALA E 132 -22.81 3.87 6.43
CA ALA E 132 -24.20 4.12 6.11
C ALA E 132 -24.62 5.51 6.59
N ASP E 133 -25.63 6.07 5.93
CA ASP E 133 -26.24 7.31 6.37
C ASP E 133 -26.93 7.06 7.70
N PHE E 134 -26.89 8.05 8.59
CA PHE E 134 -27.45 7.89 9.92
C PHE E 134 -28.98 7.77 9.93
N ALA E 135 -29.66 8.60 9.14
CA ALA E 135 -31.13 8.58 9.06
C ALA E 135 -31.65 7.23 8.56
N CYS E 136 -30.99 6.68 7.54
CA CYS E 136 -31.33 5.38 6.97
C CYS E 136 -31.17 4.27 8.01
N THR E 137 -30.01 4.26 8.67
CA THR E 137 -29.70 3.31 9.74
C THR E 137 -30.73 3.42 10.87
N THR E 138 -31.06 4.66 11.24
CA THR E 138 -32.07 4.93 12.26
C THR E 138 -33.43 4.36 11.84
N ALA E 139 -33.85 4.67 10.61
CA ALA E 139 -35.12 4.17 10.08
C ALA E 139 -35.16 2.64 10.01
N LEU E 140 -34.00 2.03 9.74
CA LEU E 140 -33.88 0.57 9.65
C LEU E 140 -34.00 -0.11 11.01
N VAL E 141 -33.21 0.36 11.98
CA VAL E 141 -33.22 -0.19 13.34
C VAL E 141 -34.60 0.00 13.99
N GLU E 142 -35.17 1.20 13.84
CA GLU E 142 -36.48 1.51 14.41
C GLU E 142 -37.60 0.70 13.76
N ALA E 143 -37.49 0.45 12.47
CA ALA E 143 -38.42 -0.41 11.75
C ALA E 143 -38.25 -1.86 12.16
N ALA E 144 -37.00 -2.24 12.48
CA ALA E 144 -36.69 -3.60 12.91
C ALA E 144 -37.28 -3.91 14.28
N LYS E 145 -37.12 -2.96 15.21
CA LYS E 145 -37.59 -3.14 16.57
C LYS E 145 -39.11 -3.06 16.68
N SER E 146 -39.74 -2.32 15.77
CA SER E 146 -41.20 -2.16 15.80
C SER E 146 -41.96 -3.41 15.35
N ILE E 147 -41.29 -4.31 14.63
CA ILE E 147 -41.92 -5.58 14.21
C ILE E 147 -41.41 -6.79 15.02
N GLY E 148 -40.45 -6.57 15.90
CA GLY E 148 -40.02 -7.59 16.87
C GLY E 148 -38.89 -8.52 16.47
N ALA E 149 -38.30 -8.29 15.30
CA ALA E 149 -37.21 -9.14 14.79
C ALA E 149 -35.93 -9.01 15.62
N THR E 150 -35.22 -10.13 15.78
CA THR E 150 -33.93 -10.15 16.47
C THR E 150 -32.90 -9.45 15.59
N THR E 151 -32.47 -8.28 16.05
CA THR E 151 -31.64 -7.38 15.25
C THR E 151 -30.25 -7.19 15.86
N HIS E 152 -29.25 -7.06 15.00
CA HIS E 152 -27.89 -6.72 15.43
C HIS E 152 -27.38 -5.55 14.61
N VAL E 153 -26.78 -4.58 15.30
CA VAL E 153 -26.29 -3.36 14.66
C VAL E 153 -24.77 -3.29 14.79
N GLY E 154 -24.08 -3.35 13.65
CA GLY E 154 -22.61 -3.32 13.65
C GLY E 154 -21.93 -3.37 12.30
N VAL E 155 -20.70 -3.86 12.29
CA VAL E 155 -19.82 -3.82 11.12
C VAL E 155 -19.93 -5.08 10.27
N THR E 156 -20.00 -4.88 8.95
CA THR E 156 -20.12 -5.97 7.99
C THR E 156 -18.87 -6.06 7.14
N ALA E 157 -18.36 -7.28 6.97
CA ALA E 157 -17.25 -7.51 6.04
C ALA E 157 -17.81 -7.75 4.64
N SER E 158 -17.49 -6.82 3.74
CA SER E 158 -18.04 -6.84 2.38
C SER E 158 -16.97 -7.25 1.38
N SER E 159 -17.12 -8.46 0.83
CA SER E 159 -16.08 -9.08 0.01
C SER E 159 -16.40 -9.05 -1.48
N ASP E 160 -15.36 -9.01 -2.31
CA ASP E 160 -15.51 -9.11 -3.77
C ASP E 160 -15.58 -10.55 -4.27
N THR E 161 -15.49 -11.50 -3.36
CA THR E 161 -15.66 -12.92 -3.69
C THR E 161 -16.54 -13.62 -2.68
N PHE E 162 -17.23 -14.65 -3.14
CA PHE E 162 -18.06 -15.50 -2.30
C PHE E 162 -17.20 -16.53 -1.55
N TYR E 163 -16.06 -16.90 -2.14
CA TYR E 163 -15.27 -18.02 -1.61
C TYR E 163 -13.97 -17.65 -0.88
N PRO E 164 -12.90 -17.28 -1.60
CA PRO E 164 -11.65 -17.04 -0.84
C PRO E 164 -11.71 -15.81 0.07
N GLY E 165 -12.42 -14.77 -0.36
CA GLY E 165 -12.52 -13.53 0.41
C GLY E 165 -13.38 -13.65 1.66
N GLN E 166 -14.33 -14.59 1.62
CA GLN E 166 -15.13 -14.93 2.79
C GLN E 166 -14.53 -16.14 3.49
N GLU E 167 -13.31 -16.48 3.07
CA GLU E 167 -12.49 -17.57 3.63
C GLU E 167 -13.18 -18.94 3.65
N ARG E 168 -13.80 -19.29 2.53
CA ARG E 168 -14.30 -20.64 2.32
C ARG E 168 -13.20 -21.49 1.68
N TYR E 169 -12.84 -22.58 2.36
CA TYR E 169 -11.82 -23.52 1.89
C TYR E 169 -12.45 -24.69 1.15
N ASP E 170 -13.76 -24.81 1.33
CA ASP E 170 -14.58 -25.87 0.75
C ASP E 170 -14.77 -25.67 -0.76
N THR E 171 -13.67 -25.39 -1.46
CA THR E 171 -13.68 -25.01 -2.88
C THR E 171 -12.78 -25.89 -3.75
N TYR E 172 -12.76 -25.58 -5.04
CA TYR E 172 -11.96 -26.30 -6.05
C TYR E 172 -10.49 -26.51 -5.67
N SER E 173 -9.82 -25.43 -5.28
CA SER E 173 -8.39 -25.47 -5.01
C SER E 173 -8.05 -25.77 -3.54
N GLY E 174 -8.98 -25.46 -2.65
CA GLY E 174 -8.79 -25.69 -1.22
C GLY E 174 -7.89 -24.67 -0.54
N ARG E 175 -7.34 -23.74 -1.33
CA ARG E 175 -6.47 -22.70 -0.79
C ARG E 175 -7.16 -21.34 -0.72
N VAL E 176 -6.71 -20.52 0.22
CA VAL E 176 -7.13 -19.13 0.32
C VAL E 176 -5.88 -18.25 0.33
N VAL E 177 -5.86 -17.25 -0.55
CA VAL E 177 -4.72 -16.32 -0.66
C VAL E 177 -4.28 -15.82 0.72
N ARG E 178 -2.98 -15.60 0.89
CA ARG E 178 -2.38 -15.22 2.19
C ARG E 178 -3.15 -14.10 2.90
N ARG E 179 -3.48 -13.05 2.15
CA ARG E 179 -4.22 -11.90 2.67
C ARG E 179 -5.46 -12.34 3.44
N PHE E 180 -6.14 -13.35 2.93
CA PHE E 180 -7.39 -13.81 3.51
C PHE E 180 -7.29 -15.08 4.36
N LYS E 181 -6.12 -15.73 4.37
CA LYS E 181 -5.92 -16.91 5.21
C LYS E 181 -5.92 -16.49 6.68
N GLY E 182 -6.92 -16.98 7.42
CA GLY E 182 -7.12 -16.62 8.82
C GLY E 182 -7.86 -15.30 8.99
N SER E 183 -8.48 -14.82 7.91
CA SER E 183 -9.16 -13.52 7.91
C SER E 183 -10.44 -13.49 8.73
N MET E 184 -11.27 -14.52 8.58
CA MET E 184 -12.56 -14.60 9.28
C MET E 184 -12.38 -14.60 10.80
N GLU E 185 -11.33 -15.28 11.26
CA GLU E 185 -11.00 -15.35 12.68
C GLU E 185 -10.55 -13.99 13.22
N GLU E 186 -10.03 -13.13 12.33
CA GLU E 186 -9.61 -11.78 12.70
C GLU E 186 -10.77 -10.80 12.71
N TRP E 187 -11.67 -10.90 11.73
CA TRP E 187 -12.88 -10.07 11.71
C TRP E 187 -13.76 -10.42 12.91
N GLN E 188 -13.73 -11.69 13.31
CA GLN E 188 -14.46 -12.18 14.49
C GLN E 188 -14.10 -11.40 15.76
N ALA E 189 -12.82 -11.39 16.10
CA ALA E 189 -12.32 -10.71 17.29
C ALA E 189 -12.54 -9.20 17.22
N MET E 190 -12.60 -8.67 16.01
CA MET E 190 -12.86 -7.24 15.79
C MET E 190 -14.33 -6.88 15.95
N GLY E 191 -15.19 -7.89 16.02
CA GLY E 191 -16.62 -7.67 16.26
C GLY E 191 -17.44 -7.51 15.00
N VAL E 192 -16.83 -7.79 13.84
CA VAL E 192 -17.55 -7.81 12.57
C VAL E 192 -18.64 -8.88 12.64
N MET E 193 -19.83 -8.52 12.20
CA MET E 193 -21.00 -9.39 12.34
C MET E 193 -21.05 -10.49 11.28
N ASN E 194 -20.77 -10.12 10.03
CA ASN E 194 -21.19 -10.93 8.89
C ASN E 194 -20.41 -10.71 7.60
N TYR E 195 -20.61 -11.64 6.66
CA TYR E 195 -20.07 -11.53 5.30
C TYR E 195 -21.18 -11.28 4.28
N GLU E 196 -20.97 -10.32 3.39
CA GLU E 196 -21.77 -10.17 2.18
C GLU E 196 -20.87 -9.58 1.07
N MET E 197 -21.46 -9.09 -0.02
CA MET E 197 -20.68 -8.74 -1.21
C MET E 197 -20.92 -7.37 -1.86
N GLU E 198 -21.78 -6.54 -1.27
CA GLU E 198 -22.19 -5.29 -1.92
C GLU E 198 -22.05 -4.00 -1.10
N SER E 199 -22.17 -4.11 0.23
CA SER E 199 -22.25 -2.93 1.10
C SER E 199 -21.04 -2.00 1.03
N ALA E 200 -19.85 -2.56 0.87
CA ALA E 200 -18.62 -1.75 0.76
C ALA E 200 -18.72 -0.75 -0.38
N THR E 201 -19.16 -1.22 -1.55
CA THR E 201 -19.33 -0.36 -2.72
C THR E 201 -20.49 0.62 -2.54
N LEU E 202 -21.68 0.09 -2.22
CA LEU E 202 -22.87 0.92 -2.03
C LEU E 202 -22.60 2.07 -1.05
N LEU E 203 -22.15 1.72 0.16
CA LEU E 203 -21.96 2.69 1.23
C LEU E 203 -20.87 3.72 0.94
N THR E 204 -19.79 3.29 0.30
CA THR E 204 -18.69 4.21 -0.06
C THR E 204 -19.14 5.21 -1.12
N MET E 205 -19.76 4.72 -2.18
CA MET E 205 -20.14 5.58 -3.30
C MET E 205 -21.26 6.57 -2.97
N CYS E 206 -22.07 6.25 -1.97
CA CYS E 206 -23.09 7.18 -1.49
C CYS E 206 -22.51 8.21 -0.53
N ALA E 207 -21.72 7.75 0.45
CA ALA E 207 -21.14 8.62 1.48
C ALA E 207 -20.18 9.66 0.92
N SER E 208 -19.49 9.31 -0.17
CA SER E 208 -18.53 10.20 -0.81
C SER E 208 -19.15 11.02 -1.94
N GLN E 209 -20.39 10.70 -2.32
CA GLN E 209 -21.08 11.42 -3.40
C GLN E 209 -22.33 12.18 -2.93
N GLY E 210 -22.49 12.29 -1.62
CA GLY E 210 -23.58 13.07 -1.04
C GLY E 210 -24.94 12.41 -1.09
N LEU E 211 -24.93 11.08 -1.19
CA LEU E 211 -26.16 10.29 -1.20
C LEU E 211 -26.36 9.56 0.13
N ARG E 212 -27.60 9.12 0.37
CA ARG E 212 -27.92 8.39 1.60
C ARG E 212 -28.08 6.90 1.31
N ALA E 213 -27.45 6.08 2.16
CA ALA E 213 -27.53 4.63 2.01
C ALA E 213 -27.64 3.94 3.35
N GLY E 214 -28.41 2.85 3.36
CA GLY E 214 -28.54 2.00 4.54
C GLY E 214 -28.54 0.55 4.10
N MET E 215 -28.13 -0.34 4.99
CA MET E 215 -28.12 -1.76 4.63
C MET E 215 -28.71 -2.67 5.69
N VAL E 216 -29.60 -3.55 5.25
CA VAL E 216 -30.20 -4.56 6.10
C VAL E 216 -30.14 -5.91 5.39
N ALA E 217 -29.87 -6.97 6.16
CA ALA E 217 -29.78 -8.32 5.60
C ALA E 217 -30.20 -9.38 6.61
N GLY E 218 -30.87 -10.41 6.11
CA GLY E 218 -31.24 -11.58 6.91
C GLY E 218 -30.14 -12.61 6.88
N VAL E 219 -29.93 -13.29 8.00
CA VAL E 219 -28.89 -14.31 8.09
C VAL E 219 -29.38 -15.63 7.51
N ILE E 220 -28.66 -16.12 6.49
CA ILE E 220 -28.98 -17.40 5.87
C ILE E 220 -27.99 -18.51 6.26
N VAL E 221 -26.81 -18.11 6.76
CA VAL E 221 -25.77 -19.04 7.19
C VAL E 221 -25.05 -18.52 8.44
N ASN E 222 -24.73 -19.42 9.36
CA ASN E 222 -23.75 -19.11 10.41
C ASN E 222 -22.43 -19.81 10.08
N ARG E 223 -21.36 -19.03 10.02
CA ARG E 223 -20.08 -19.54 9.54
C ARG E 223 -19.39 -20.49 10.51
N THR E 224 -19.28 -20.08 11.79
CA THR E 224 -18.77 -20.97 12.83
C THR E 224 -19.77 -22.10 13.04
N GLN E 225 -19.81 -22.99 12.07
CA GLN E 225 -20.85 -24.03 11.92
C GLN E 225 -20.72 -24.58 10.50
N GLN E 226 -21.04 -23.75 9.51
CA GLN E 226 -20.87 -24.07 8.08
C GLN E 226 -21.16 -22.88 7.17
N GLN E 236 -39.90 -16.58 4.96
CA GLN E 236 -39.93 -16.49 6.41
C GLN E 236 -38.74 -15.66 6.93
N THR E 237 -37.54 -16.20 6.77
CA THR E 237 -36.29 -15.45 7.02
C THR E 237 -36.27 -14.22 6.12
N GLU E 238 -36.70 -14.41 4.87
CA GLU E 238 -36.74 -13.40 3.84
C GLU E 238 -37.71 -12.26 4.18
N SER E 239 -38.95 -12.63 4.51
CA SER E 239 -40.05 -11.67 4.70
C SER E 239 -39.85 -10.67 5.83
N HIS E 240 -39.02 -11.02 6.81
CA HIS E 240 -38.76 -10.13 7.95
C HIS E 240 -37.88 -8.93 7.59
N ALA E 241 -36.81 -9.17 6.83
CA ALA E 241 -35.98 -8.09 6.31
C ALA E 241 -36.74 -7.25 5.28
N VAL E 242 -37.56 -7.91 4.47
CA VAL E 242 -38.39 -7.26 3.45
C VAL E 242 -39.40 -6.30 4.08
N LYS E 243 -40.05 -6.75 5.15
CA LYS E 243 -40.99 -5.93 5.90
C LYS E 243 -40.28 -4.73 6.51
N ILE E 244 -39.10 -4.98 7.08
CA ILE E 244 -38.28 -3.94 7.71
C ILE E 244 -37.85 -2.86 6.71
N VAL E 245 -37.36 -3.29 5.54
CA VAL E 245 -36.86 -2.36 4.51
C VAL E 245 -37.96 -1.47 3.92
N VAL E 246 -39.19 -2.00 3.87
CA VAL E 246 -40.34 -1.22 3.41
C VAL E 246 -40.77 -0.25 4.52
N GLU E 247 -40.84 -0.74 5.75
CA GLU E 247 -41.17 0.09 6.90
C GLU E 247 -40.13 1.20 7.11
N ALA E 248 -38.88 0.90 6.83
CA ALA E 248 -37.80 1.89 6.88
C ALA E 248 -37.99 2.95 5.78
N ALA E 249 -38.24 2.48 4.55
CA ALA E 249 -38.51 3.35 3.41
C ALA E 249 -39.63 4.33 3.70
N ARG E 250 -40.69 3.83 4.35
CA ARG E 250 -41.84 4.64 4.75
C ARG E 250 -41.41 5.84 5.60
N ARG E 251 -40.43 5.61 6.48
CA ARG E 251 -39.97 6.63 7.41
C ARG E 251 -38.92 7.58 6.83
N LEU E 252 -38.61 7.42 5.54
CA LEU E 252 -37.57 8.22 4.90
C LEU E 252 -38.05 9.04 3.71
N LEU E 253 -39.37 9.14 3.55
CA LEU E 253 -39.96 9.87 2.42
C LEU E 253 -40.21 11.34 2.74
N LYS F 3 0.14 38.11 23.12
CA LYS F 3 0.01 36.96 24.08
C LYS F 3 0.70 35.70 23.54
N SER F 4 0.48 35.39 22.26
CA SER F 4 1.03 34.19 21.64
C SER F 4 1.11 34.28 20.12
N ASP F 5 2.29 34.00 19.56
CA ASP F 5 2.49 33.97 18.11
C ASP F 5 2.11 32.63 17.48
N VAL F 6 1.97 31.61 18.31
CA VAL F 6 1.61 30.27 17.85
C VAL F 6 0.25 29.85 18.40
N PHE F 7 -0.37 28.84 17.80
CA PHE F 7 -1.74 28.46 18.16
C PHE F 7 -1.87 27.63 19.45
N HIS F 8 -0.84 26.84 19.79
CA HIS F 8 -0.95 25.90 20.90
C HIS F 8 -0.04 26.17 22.08
N LEU F 9 1.23 26.45 21.81
CA LEU F 9 2.25 26.57 22.86
C LEU F 9 2.11 27.82 23.72
N GLY F 10 1.39 28.82 23.19
CA GLY F 10 1.17 30.07 23.92
C GLY F 10 2.42 30.91 24.09
N LEU F 11 3.25 30.96 23.05
CA LEU F 11 4.54 31.63 23.10
C LEU F 11 4.73 32.63 21.97
N THR F 12 5.50 33.69 22.24
CA THR F 12 5.88 34.66 21.23
C THR F 12 7.35 34.47 20.85
N LYS F 13 7.72 34.88 19.64
CA LYS F 13 9.10 34.80 19.17
C LYS F 13 10.06 35.48 20.15
N ASN F 14 9.55 36.51 20.84
CA ASN F 14 10.30 37.23 21.86
C ASN F 14 10.58 36.38 23.11
N ASP F 15 9.62 35.52 23.48
CA ASP F 15 9.74 34.65 24.65
C ASP F 15 10.97 33.76 24.63
N LEU F 16 11.40 33.38 23.43
CA LEU F 16 12.52 32.46 23.25
C LEU F 16 13.89 33.12 23.47
N GLN F 17 13.92 34.45 23.42
CA GLN F 17 15.15 35.24 23.61
C GLN F 17 16.28 34.80 22.67
N GLY F 18 15.94 34.63 21.39
CA GLY F 18 16.92 34.30 20.37
C GLY F 18 17.31 32.83 20.26
N ALA F 19 16.74 32.00 21.14
CA ALA F 19 17.01 30.56 21.17
C ALA F 19 16.80 29.91 19.81
N GLN F 20 17.65 28.94 19.50
CA GLN F 20 17.58 28.23 18.21
C GLN F 20 17.63 26.72 18.40
N LEU F 21 17.81 26.30 19.65
CA LEU F 21 17.82 24.89 20.01
C LEU F 21 16.80 24.64 21.11
N ALA F 22 16.05 23.55 20.96
CA ALA F 22 15.08 23.15 21.97
C ALA F 22 15.25 21.69 22.36
N ILE F 23 15.35 21.44 23.66
CA ILE F 23 15.22 20.10 24.20
C ILE F 23 13.73 19.83 24.28
N VAL F 24 13.29 18.71 23.71
CA VAL F 24 11.86 18.39 23.65
C VAL F 24 11.52 17.09 24.39
N PRO F 25 11.28 17.17 25.71
CA PRO F 25 10.83 15.98 26.44
C PRO F 25 9.37 15.64 26.11
N GLY F 26 8.95 14.41 26.42
CA GLY F 26 7.59 13.98 26.13
C GLY F 26 6.63 14.17 27.29
N ASP F 27 7.17 14.53 28.45
CA ASP F 27 6.39 14.72 29.67
C ASP F 27 6.49 16.18 30.14
N PRO F 28 5.35 16.89 30.14
CA PRO F 28 5.31 18.31 30.54
C PRO F 28 5.81 18.57 31.95
N GLU F 29 5.72 17.55 32.81
CA GLU F 29 6.15 17.65 34.20
C GLU F 29 7.66 17.51 34.37
N ARG F 30 8.32 16.99 33.34
CA ARG F 30 9.77 16.79 33.36
C ARG F 30 10.51 17.99 32.78
N VAL F 31 9.76 18.92 32.19
CA VAL F 31 10.31 20.13 31.60
C VAL F 31 11.06 20.97 32.63
N GLU F 32 10.45 21.17 33.80
CA GLU F 32 11.05 21.96 34.87
C GLU F 32 12.37 21.36 35.36
N LYS F 33 12.37 20.06 35.66
CA LYS F 33 13.57 19.34 36.11
C LYS F 33 14.74 19.53 35.16
N ILE F 34 14.49 19.30 33.87
CA ILE F 34 15.52 19.41 32.82
C ILE F 34 16.03 20.84 32.74
N ALA F 35 15.12 21.80 32.66
CA ALA F 35 15.45 23.22 32.60
C ALA F 35 16.21 23.68 33.83
N ALA F 36 15.96 23.03 34.97
CA ALA F 36 16.61 23.36 36.24
C ALA F 36 18.12 23.10 36.26
N LEU F 37 18.60 22.34 35.29
CA LEU F 37 20.03 22.03 35.18
C LEU F 37 20.84 23.11 34.48
N MET F 38 20.14 24.07 33.90
CA MET F 38 20.80 25.17 33.18
C MET F 38 20.71 26.48 33.98
N ASP F 39 21.29 27.54 33.41
CA ASP F 39 21.29 28.85 34.06
C ASP F 39 20.03 29.63 33.68
N LYS F 40 19.64 30.57 34.54
CA LYS F 40 18.49 31.46 34.31
C LYS F 40 17.19 30.73 33.87
N PRO F 41 16.79 29.66 34.59
CA PRO F 41 15.58 28.95 34.14
C PRO F 41 14.29 29.71 34.44
N VAL F 42 13.62 30.18 33.38
CA VAL F 42 12.38 30.94 33.52
C VAL F 42 11.23 30.16 32.88
N LYS F 43 10.14 29.99 33.63
CA LYS F 43 8.92 29.39 33.10
C LYS F 43 8.30 30.34 32.09
N LEU F 44 7.91 29.80 30.94
CA LEU F 44 7.30 30.61 29.89
C LEU F 44 5.79 30.39 29.78
N ALA F 45 5.38 29.13 29.60
CA ALA F 45 3.97 28.79 29.41
C ALA F 45 3.62 27.32 29.66
N SER F 46 2.36 27.10 30.01
CA SER F 46 1.78 25.76 30.09
C SER F 46 0.38 25.77 29.49
N HIS F 47 0.23 25.13 28.34
CA HIS F 47 -1.08 24.94 27.71
C HIS F 47 -1.19 23.50 27.22
N ARG F 48 -2.32 22.86 27.54
CA ARG F 48 -2.54 21.45 27.20
C ARG F 48 -1.33 20.61 27.67
N GLU F 49 -0.78 19.80 26.79
CA GLU F 49 0.39 18.98 27.11
C GLU F 49 1.71 19.69 26.78
N PHE F 50 1.62 20.98 26.50
CA PHE F 50 2.78 21.75 26.06
C PHE F 50 3.27 22.71 27.14
N THR F 51 4.24 22.25 27.91
CA THR F 51 4.90 23.05 28.94
C THR F 51 6.25 23.50 28.39
N SER F 52 6.48 24.81 28.42
CA SER F 52 7.67 25.39 27.83
C SER F 52 8.42 26.29 28.81
N TRP F 53 9.70 25.96 29.03
CA TRP F 53 10.61 26.78 29.80
C TRP F 53 11.70 27.35 28.90
N ARG F 54 12.26 28.49 29.31
CA ARG F 54 13.47 29.01 28.70
C ARG F 54 14.61 28.91 29.71
N ALA F 55 15.79 28.55 29.21
CA ALA F 55 16.98 28.46 30.04
C ALA F 55 18.19 29.00 29.29
N GLU F 56 19.32 29.13 30.01
CA GLU F 56 20.55 29.64 29.41
C GLU F 56 21.68 28.64 29.63
N LEU F 57 22.44 28.41 28.57
CA LEU F 57 23.50 27.41 28.57
C LEU F 57 24.72 27.99 27.88
N ASP F 58 25.79 28.19 28.66
CA ASP F 58 26.98 28.94 28.21
C ASP F 58 26.58 30.33 27.69
N GLY F 59 25.61 30.93 28.37
CA GLY F 59 25.12 32.26 28.01
C GLY F 59 24.45 32.34 26.65
N LYS F 60 23.75 31.27 26.29
CA LYS F 60 23.01 31.21 25.02
C LYS F 60 21.66 30.55 25.25
N ALA F 61 20.59 31.23 24.84
CA ALA F 61 19.21 30.81 25.13
C ALA F 61 18.86 29.42 24.59
N VAL F 62 18.16 28.66 25.42
CA VAL F 62 17.73 27.29 25.09
C VAL F 62 16.29 27.11 25.56
N ILE F 63 15.51 26.35 24.79
CA ILE F 63 14.11 26.06 25.13
C ILE F 63 13.94 24.61 25.55
N VAL F 64 13.10 24.39 26.58
CA VAL F 64 12.65 23.05 26.94
C VAL F 64 11.13 23.03 26.80
N CYS F 65 10.64 22.33 25.77
CA CYS F 65 9.20 22.25 25.53
C CYS F 65 8.72 20.80 25.44
N SER F 66 7.69 20.48 26.22
CA SER F 66 7.12 19.14 26.17
C SER F 66 6.30 18.94 24.90
N THR F 67 6.26 17.69 24.44
CA THR F 67 5.58 17.32 23.21
C THR F 67 4.32 16.52 23.47
N GLY F 68 4.21 15.92 24.66
CA GLY F 68 3.16 14.97 24.95
C GLY F 68 3.50 13.61 24.35
N ILE F 69 2.56 12.69 24.43
CA ILE F 69 2.76 11.34 23.89
C ILE F 69 2.31 11.27 22.43
N GLY F 70 3.23 10.82 21.57
CA GLY F 70 2.91 10.53 20.18
C GLY F 70 3.29 11.58 19.18
N GLY F 71 3.29 11.18 17.92
CA GLY F 71 3.64 12.05 16.79
C GLY F 71 2.79 13.29 16.65
N PRO F 72 1.46 13.15 16.58
CA PRO F 72 0.56 14.30 16.45
C PRO F 72 0.91 15.46 17.37
N SER F 73 0.96 15.19 18.67
CA SER F 73 1.28 16.19 19.67
C SER F 73 2.70 16.74 19.47
N THR F 74 3.62 15.84 19.10
CA THR F 74 5.01 16.22 18.80
C THR F 74 5.09 17.11 17.57
N SER F 75 4.36 16.74 16.51
CA SER F 75 4.38 17.49 15.25
C SER F 75 3.95 18.95 15.43
N ILE F 76 2.96 19.17 16.30
CA ILE F 76 2.52 20.52 16.65
C ILE F 76 3.64 21.31 17.34
N ALA F 77 4.19 20.74 18.41
CA ALA F 77 5.25 21.38 19.19
C ALA F 77 6.43 21.78 18.32
N VAL F 78 6.94 20.81 17.55
CA VAL F 78 8.07 21.04 16.64
C VAL F 78 7.77 22.12 15.61
N GLU F 79 6.61 22.02 14.95
CA GLU F 79 6.20 23.00 13.95
C GLU F 79 6.11 24.41 14.52
N GLU F 80 5.55 24.54 15.71
CA GLU F 80 5.34 25.84 16.33
C GLU F 80 6.62 26.40 16.97
N LEU F 81 7.45 25.52 17.51
CA LEU F 81 8.80 25.92 17.94
C LEU F 81 9.62 26.34 16.72
N ALA F 82 9.49 25.59 15.63
CA ALA F 82 10.16 25.91 14.37
C ALA F 82 9.74 27.27 13.84
N GLN F 83 8.46 27.58 13.97
CA GLN F 83 7.92 28.87 13.56
C GLN F 83 8.52 30.02 14.37
N LEU F 84 8.86 29.74 15.63
CA LEU F 84 9.40 30.75 16.53
C LEU F 84 10.93 30.89 16.47
N GLY F 85 11.57 30.10 15.60
CA GLY F 85 12.99 30.26 15.33
C GLY F 85 13.89 29.06 15.60
N ILE F 86 13.37 28.05 16.29
CA ILE F 86 14.13 26.84 16.62
C ILE F 86 14.48 26.06 15.35
N ARG F 87 15.76 25.72 15.21
CA ARG F 87 16.22 24.96 14.05
C ARG F 87 16.82 23.62 14.45
N THR F 88 17.05 23.44 15.76
CA THR F 88 17.63 22.21 16.29
C THR F 88 16.78 21.64 17.43
N PHE F 89 16.41 20.37 17.31
CA PHE F 89 15.53 19.71 18.27
C PHE F 89 16.19 18.48 18.86
N LEU F 90 16.21 18.40 20.19
CA LEU F 90 16.79 17.25 20.88
C LEU F 90 15.74 16.58 21.75
N ARG F 91 15.29 15.40 21.34
CA ARG F 91 14.30 14.67 22.10
C ARG F 91 14.95 13.86 23.22
N ILE F 92 14.31 13.90 24.39
CA ILE F 92 14.70 13.09 25.53
C ILE F 92 13.45 12.42 26.09
N GLY F 93 13.36 11.11 25.87
CA GLY F 93 12.20 10.33 26.33
C GLY F 93 12.61 9.10 27.11
N THR F 94 11.62 8.28 27.45
CA THR F 94 11.87 7.00 28.09
C THR F 94 11.59 5.91 27.08
N THR F 95 12.27 4.77 27.20
CA THR F 95 12.17 3.73 26.20
C THR F 95 12.12 2.31 26.77
N GLY F 96 11.55 1.39 25.98
CA GLY F 96 11.53 -0.02 26.32
C GLY F 96 12.47 -0.77 25.41
N ALA F 97 13.49 -1.38 25.99
CA ALA F 97 14.50 -2.12 25.23
C ALA F 97 13.96 -3.46 24.76
N ILE F 98 14.26 -3.82 23.51
CA ILE F 98 13.79 -5.09 22.94
C ILE F 98 14.91 -6.10 22.72
N GLN F 99 16.14 -5.71 23.02
CA GLN F 99 17.31 -6.57 22.89
C GLN F 99 17.73 -7.11 24.25
N PRO F 100 18.27 -8.35 24.30
CA PRO F 100 18.70 -8.93 25.58
C PRO F 100 19.87 -8.20 26.26
N HIS F 101 20.82 -7.70 25.47
CA HIS F 101 22.03 -7.08 26.04
C HIS F 101 21.83 -5.66 26.60
N ILE F 102 20.86 -4.94 26.05
CA ILE F 102 20.50 -3.61 26.54
C ILE F 102 19.82 -3.72 27.91
N ASN F 103 20.17 -2.82 28.83
CA ASN F 103 19.71 -2.88 30.21
C ASN F 103 18.81 -1.74 30.64
N VAL F 104 18.06 -1.98 31.71
CA VAL F 104 17.31 -0.93 32.40
C VAL F 104 18.31 0.08 32.95
N GLY F 105 18.20 1.33 32.50
CA GLY F 105 19.15 2.38 32.89
C GLY F 105 20.08 2.79 31.77
N ASP F 106 20.29 1.89 30.80
CA ASP F 106 21.14 2.16 29.63
C ASP F 106 20.59 3.32 28.80
N VAL F 107 21.50 4.07 28.20
CA VAL F 107 21.12 5.20 27.34
C VAL F 107 21.14 4.77 25.87
N LEU F 108 20.06 5.07 25.15
CA LEU F 108 19.95 4.71 23.75
C LEU F 108 19.89 5.91 22.82
N VAL F 109 20.86 6.00 21.93
CA VAL F 109 20.93 7.07 20.94
C VAL F 109 20.46 6.53 19.58
N THR F 110 19.47 7.22 19.01
CA THR F 110 18.84 6.79 17.76
C THR F 110 19.50 7.41 16.54
N THR F 111 19.94 6.57 15.61
CA THR F 111 20.44 7.01 14.31
C THR F 111 19.25 7.28 13.37
N ALA F 112 18.31 6.34 13.36
CA ALA F 112 17.09 6.44 12.57
C ALA F 112 16.02 5.50 13.14
N SER F 113 14.77 5.66 12.70
CA SER F 113 13.66 4.94 13.30
C SER F 113 12.78 4.15 12.33
N VAL F 114 12.30 3.00 12.79
CA VAL F 114 11.25 2.25 12.10
C VAL F 114 9.95 3.01 12.26
N ARG F 115 9.38 3.42 11.14
CA ARG F 115 8.24 4.33 11.12
C ARG F 115 6.91 3.61 11.29
N LEU F 116 6.59 3.26 12.54
CA LEU F 116 5.33 2.61 12.87
C LEU F 116 4.30 3.65 13.31
N ASP F 117 4.39 4.84 12.71
CA ASP F 117 3.55 5.97 13.06
C ASP F 117 2.78 6.48 11.85
N GLY F 118 1.95 7.50 12.07
CA GLY F 118 1.14 8.09 11.00
C GLY F 118 1.50 9.52 10.65
N ALA F 119 1.93 10.28 11.66
CA ALA F 119 2.26 11.70 11.48
C ALA F 119 3.42 11.92 10.51
N SER F 120 4.37 10.98 10.50
CA SER F 120 5.54 11.07 9.60
C SER F 120 5.12 11.06 8.13
N LEU F 121 4.03 10.34 7.83
CA LEU F 121 3.51 10.26 6.48
C LEU F 121 2.90 11.58 6.00
N HIS F 122 2.69 12.49 6.95
CA HIS F 122 2.18 13.83 6.64
C HIS F 122 3.32 14.79 6.26
N PHE F 123 4.53 14.23 6.13
CA PHE F 123 5.71 15.03 5.84
C PHE F 123 6.51 14.47 4.68
N ALA F 124 6.59 13.14 4.62
CA ALA F 124 7.32 12.44 3.56
C ALA F 124 6.67 11.08 3.32
N PRO F 125 6.81 10.54 2.09
CA PRO F 125 6.34 9.16 1.86
C PRO F 125 7.15 8.16 2.68
N MET F 126 6.67 6.92 2.77
CA MET F 126 7.29 5.91 3.63
C MET F 126 8.73 5.57 3.22
N GLU F 127 9.05 5.75 1.93
CA GLU F 127 10.39 5.48 1.40
C GLU F 127 11.45 6.37 2.04
N PHE F 128 11.07 7.60 2.35
CA PHE F 128 11.94 8.56 3.03
C PHE F 128 12.30 8.04 4.43
N PRO F 129 13.61 8.07 4.77
CA PRO F 129 14.05 7.54 6.05
C PRO F 129 13.82 8.49 7.22
N ALA F 130 13.45 7.92 8.37
CA ALA F 130 13.34 8.70 9.60
C ALA F 130 14.70 8.77 10.28
N VAL F 131 15.61 9.52 9.66
CA VAL F 131 16.99 9.63 10.12
C VAL F 131 17.25 10.88 10.95
N ALA F 132 18.02 10.72 12.02
CA ALA F 132 18.45 11.83 12.86
C ALA F 132 19.57 12.62 12.19
N ASP F 133 19.70 13.90 12.56
CA ASP F 133 20.75 14.78 12.06
C ASP F 133 22.11 14.22 12.48
N PHE F 134 23.09 14.27 11.57
CA PHE F 134 24.42 13.75 11.84
C PHE F 134 25.14 14.47 12.98
N ALA F 135 25.06 15.79 12.99
CA ALA F 135 25.70 16.60 14.03
C ALA F 135 25.03 16.41 15.39
N CYS F 136 23.70 16.31 15.38
CA CYS F 136 22.93 16.07 16.60
C CYS F 136 23.30 14.74 17.26
N THR F 137 23.33 13.68 16.45
CA THR F 137 23.67 12.34 16.94
C THR F 137 25.10 12.31 17.48
N THR F 138 26.02 12.93 16.73
CA THR F 138 27.43 13.00 17.10
C THR F 138 27.61 13.58 18.51
N ALA F 139 26.97 14.72 18.76
CA ALA F 139 27.04 15.39 20.06
C ALA F 139 26.40 14.57 21.18
N LEU F 140 25.36 13.81 20.84
CA LEU F 140 24.68 12.93 21.80
C LEU F 140 25.55 11.74 22.21
N VAL F 141 26.21 11.13 21.23
CA VAL F 141 27.16 10.06 21.49
C VAL F 141 28.36 10.58 22.28
N GLU F 142 28.84 11.77 21.89
CA GLU F 142 29.97 12.41 22.57
C GLU F 142 29.62 12.81 24.00
N ALA F 143 28.42 13.36 24.19
CA ALA F 143 27.91 13.68 25.52
C ALA F 143 27.76 12.42 26.35
N ALA F 144 27.40 11.31 25.70
CA ALA F 144 27.28 10.02 26.36
C ALA F 144 28.60 9.55 26.97
N LYS F 145 29.70 9.76 26.25
CA LYS F 145 31.03 9.45 26.77
C LYS F 145 31.34 10.35 27.96
N SER F 146 31.00 11.63 27.82
CA SER F 146 31.24 12.66 28.82
C SER F 146 30.57 12.34 30.16
N ILE F 147 29.26 12.08 30.11
CA ILE F 147 28.50 11.69 31.31
C ILE F 147 28.86 10.27 31.77
N GLY F 148 29.32 9.44 30.83
CA GLY F 148 29.79 8.10 31.13
C GLY F 148 28.66 7.15 31.48
N ALA F 149 28.11 6.50 30.46
CA ALA F 149 26.99 5.60 30.64
C ALA F 149 27.01 4.52 29.57
N THR F 150 26.41 3.37 29.88
CA THR F 150 26.28 2.30 28.90
C THR F 150 25.34 2.78 27.79
N THR F 151 25.94 3.13 26.67
CA THR F 151 25.21 3.72 25.55
C THR F 151 25.20 2.75 24.37
N HIS F 152 24.04 2.64 23.74
CA HIS F 152 23.92 1.89 22.49
C HIS F 152 23.36 2.81 21.41
N VAL F 153 23.93 2.72 20.22
CA VAL F 153 23.56 3.56 19.10
C VAL F 153 22.99 2.67 17.99
N GLY F 154 21.81 3.03 17.47
CA GLY F 154 21.18 2.26 16.40
C GLY F 154 19.73 2.59 16.09
N VAL F 155 19.03 1.60 15.53
CA VAL F 155 17.65 1.77 15.05
C VAL F 155 16.64 1.64 16.18
N THR F 156 15.61 2.49 16.12
CA THR F 156 14.51 2.48 17.09
C THR F 156 13.19 2.19 16.39
N ALA F 157 12.33 1.41 17.02
CA ALA F 157 10.98 1.19 16.53
C ALA F 157 10.02 2.19 17.17
N SER F 158 9.41 3.03 16.36
CA SER F 158 8.61 4.14 16.84
C SER F 158 7.11 3.94 16.58
N SER F 159 6.40 3.47 17.61
CA SER F 159 5.00 3.07 17.48
C SER F 159 4.01 4.19 17.81
N ASP F 160 2.86 4.17 17.11
CA ASP F 160 1.77 5.09 17.41
C ASP F 160 0.89 4.61 18.56
N THR F 161 1.23 3.46 19.13
CA THR F 161 0.54 2.96 20.32
C THR F 161 1.55 2.44 21.33
N PHE F 162 1.21 2.58 22.61
CA PHE F 162 2.02 2.04 23.68
C PHE F 162 1.86 0.51 23.72
N TYR F 163 0.70 0.03 23.32
CA TYR F 163 0.33 -1.37 23.53
C TYR F 163 0.49 -2.28 22.30
N PRO F 164 -0.47 -2.27 21.34
CA PRO F 164 -0.39 -3.25 20.25
C PRO F 164 0.79 -3.04 19.29
N GLY F 165 1.15 -1.79 19.01
CA GLY F 165 2.25 -1.48 18.10
C GLY F 165 3.60 -1.85 18.67
N GLN F 166 3.66 -1.97 19.98
CA GLN F 166 4.85 -2.43 20.68
C GLN F 166 4.65 -3.89 21.11
N GLU F 167 3.70 -4.55 20.45
CA GLU F 167 3.28 -5.92 20.75
C GLU F 167 3.23 -6.23 22.24
N ARG F 168 2.37 -5.48 22.94
CA ARG F 168 2.07 -5.74 24.35
C ARG F 168 0.80 -6.55 24.44
N TYR F 169 0.73 -7.43 25.44
CA TYR F 169 -0.44 -8.29 25.61
C TYR F 169 -1.16 -8.12 26.95
N ASP F 170 -0.59 -7.33 27.86
CA ASP F 170 -1.24 -6.98 29.12
C ASP F 170 -2.35 -5.96 28.88
N THR F 171 -3.20 -6.25 27.90
CA THR F 171 -4.21 -5.32 27.43
C THR F 171 -5.62 -5.86 27.63
N TYR F 172 -6.59 -4.95 27.59
CA TYR F 172 -8.01 -5.28 27.74
C TYR F 172 -8.48 -6.47 26.89
N SER F 173 -8.08 -6.48 25.62
CA SER F 173 -8.50 -7.51 24.66
C SER F 173 -7.59 -8.74 24.66
N GLY F 174 -6.32 -8.53 24.98
CA GLY F 174 -5.32 -9.61 24.98
C GLY F 174 -4.93 -10.06 23.59
N ARG F 175 -5.32 -9.29 22.59
CA ARG F 175 -5.17 -9.62 21.18
C ARG F 175 -4.37 -8.53 20.47
N VAL F 176 -3.63 -8.91 19.43
CA VAL F 176 -2.85 -7.96 18.63
C VAL F 176 -3.12 -8.15 17.13
N VAL F 177 -3.38 -7.04 16.43
CA VAL F 177 -3.69 -7.04 15.00
C VAL F 177 -2.59 -7.73 14.17
N ARG F 178 -2.99 -8.42 13.10
CA ARG F 178 -2.08 -9.20 12.25
C ARG F 178 -0.72 -8.51 12.01
N ARG F 179 -0.79 -7.24 11.61
CA ARG F 179 0.40 -6.45 11.30
C ARG F 179 1.48 -6.52 12.37
N PHE F 180 1.06 -6.47 13.64
CA PHE F 180 2.00 -6.42 14.75
C PHE F 180 2.17 -7.73 15.53
N LYS F 181 1.43 -8.77 15.14
CA LYS F 181 1.55 -10.08 15.81
C LYS F 181 2.87 -10.75 15.45
N GLY F 182 3.74 -10.87 16.43
CA GLY F 182 5.08 -11.42 16.25
C GLY F 182 6.04 -10.39 15.66
N SER F 183 5.75 -9.11 15.86
CA SER F 183 6.57 -8.04 15.28
C SER F 183 7.78 -7.67 16.12
N MET F 184 7.70 -7.86 17.44
CA MET F 184 8.80 -7.51 18.34
C MET F 184 10.06 -8.32 18.07
N GLU F 185 9.92 -9.63 17.97
CA GLU F 185 11.04 -10.52 17.68
C GLU F 185 11.55 -10.33 16.26
N GLU F 186 10.66 -9.90 15.36
CA GLU F 186 11.05 -9.51 14.01
C GLU F 186 11.98 -8.30 14.06
N TRP F 187 11.62 -7.32 14.87
CA TRP F 187 12.47 -6.14 15.08
C TRP F 187 13.79 -6.51 15.75
N GLN F 188 13.74 -7.51 16.63
CA GLN F 188 14.94 -8.03 17.29
C GLN F 188 15.95 -8.57 16.28
N ALA F 189 15.49 -9.46 15.41
CA ALA F 189 16.35 -10.07 14.40
C ALA F 189 16.95 -9.04 13.45
N MET F 190 16.24 -7.91 13.28
CA MET F 190 16.72 -6.80 12.45
C MET F 190 17.65 -5.87 13.24
N GLY F 191 17.85 -6.16 14.52
CA GLY F 191 18.78 -5.40 15.36
C GLY F 191 18.24 -4.07 15.85
N VAL F 192 16.91 -3.92 15.84
CA VAL F 192 16.27 -2.76 16.44
C VAL F 192 16.47 -2.81 17.95
N MET F 193 16.80 -1.66 18.54
CA MET F 193 17.17 -1.59 19.95
C MET F 193 15.97 -1.52 20.89
N ASN F 194 14.98 -0.73 20.51
CA ASN F 194 13.96 -0.30 21.46
C ASN F 194 12.64 0.19 20.84
N TYR F 195 11.61 0.23 21.69
CA TYR F 195 10.33 0.85 21.35
C TYR F 195 10.23 2.22 22.03
N GLU F 196 9.73 3.19 21.27
CA GLU F 196 9.30 4.50 21.81
C GLU F 196 8.23 5.04 20.86
N MET F 197 7.73 6.26 21.11
CA MET F 197 6.53 6.70 20.40
C MET F 197 6.59 8.01 19.61
N GLU F 198 7.76 8.64 19.55
CA GLU F 198 7.86 10.00 18.99
C GLU F 198 8.96 10.24 17.95
N SER F 199 9.95 9.36 17.88
CA SER F 199 11.13 9.58 17.02
C SER F 199 10.83 9.58 15.53
N ALA F 200 10.00 8.63 15.08
CA ALA F 200 9.65 8.54 13.66
C ALA F 200 9.05 9.84 13.12
N THR F 201 8.16 10.44 13.90
CA THR F 201 7.55 11.71 13.52
C THR F 201 8.57 12.85 13.59
N LEU F 202 9.28 12.95 14.71
CA LEU F 202 10.26 14.00 14.94
C LEU F 202 11.34 14.03 13.86
N LEU F 203 11.99 12.88 13.64
CA LEU F 203 13.10 12.79 12.69
C LEU F 203 12.65 12.98 11.24
N THR F 204 11.54 12.36 10.87
CA THR F 204 10.97 12.53 9.52
C THR F 204 10.63 13.99 9.24
N MET F 205 9.92 14.63 10.16
CA MET F 205 9.47 16.00 9.96
C MET F 205 10.62 17.02 10.00
N CYS F 206 11.72 16.66 10.64
CA CYS F 206 12.89 17.53 10.69
C CYS F 206 13.83 17.32 9.50
N ALA F 207 14.08 16.06 9.16
CA ALA F 207 14.95 15.71 8.04
C ALA F 207 14.39 16.16 6.69
N SER F 208 13.08 16.06 6.54
CA SER F 208 12.40 16.44 5.29
C SER F 208 11.99 17.92 5.26
N GLN F 209 12.39 18.67 6.28
CA GLN F 209 12.04 20.10 6.37
C GLN F 209 13.25 21.00 6.66
N GLY F 210 14.45 20.43 6.57
CA GLY F 210 15.69 21.19 6.79
C GLY F 210 15.87 21.66 8.23
N LEU F 211 15.46 20.80 9.18
CA LEU F 211 15.67 21.04 10.60
C LEU F 211 16.56 19.94 11.18
N ARG F 212 17.36 20.29 12.18
CA ARG F 212 18.26 19.32 12.81
C ARG F 212 17.57 18.63 13.98
N ALA F 213 17.60 17.31 14.00
CA ALA F 213 16.96 16.53 15.07
C ALA F 213 17.86 15.47 15.68
N GLY F 214 17.81 15.35 17.00
CA GLY F 214 18.53 14.32 17.74
C GLY F 214 17.58 13.57 18.67
N MET F 215 17.88 12.30 18.90
CA MET F 215 17.03 11.44 19.70
C MET F 215 17.82 10.55 20.67
N VAL F 216 17.61 10.78 21.96
CA VAL F 216 18.22 9.99 23.03
C VAL F 216 17.12 9.51 23.97
N ALA F 217 17.36 8.38 24.65
CA ALA F 217 16.36 7.81 25.56
C ALA F 217 16.99 7.01 26.70
N GLY F 218 16.24 6.90 27.80
CA GLY F 218 16.65 6.09 28.95
C GLY F 218 15.76 4.86 29.10
N VAL F 219 16.40 3.69 29.12
CA VAL F 219 15.69 2.41 29.20
C VAL F 219 15.05 2.22 30.58
N ILE F 220 13.72 2.09 30.58
CA ILE F 220 12.97 1.88 31.83
C ILE F 220 12.45 0.45 31.95
N VAL F 221 12.48 -0.29 30.85
CA VAL F 221 12.07 -1.69 30.82
C VAL F 221 12.76 -2.47 29.69
N ASN F 222 13.11 -3.73 29.97
CA ASN F 222 13.59 -4.63 28.93
C ASN F 222 12.49 -5.63 28.57
N ARG F 223 12.04 -5.56 27.33
CA ARG F 223 10.83 -6.27 26.89
C ARG F 223 11.01 -7.77 26.69
N THR F 224 12.25 -8.25 26.63
CA THR F 224 12.53 -9.67 26.57
C THR F 224 12.31 -10.33 27.94
N GLN F 225 12.32 -9.49 28.98
CA GLN F 225 12.16 -9.93 30.37
C GLN F 225 10.78 -9.60 30.93
N GLN F 226 10.33 -8.36 30.75
CA GLN F 226 8.99 -7.96 31.18
C GLN F 226 8.28 -7.03 30.20
N GLU F 227 7.22 -6.36 30.66
CA GLU F 227 6.37 -5.58 29.77
C GLU F 227 5.95 -4.22 30.34
N ILE F 228 6.18 -3.97 31.63
CA ILE F 228 5.65 -2.75 32.27
C ILE F 228 6.71 -1.71 32.76
N PRO F 229 7.01 -1.64 34.08
CA PRO F 229 7.82 -0.52 34.53
C PRO F 229 9.30 -0.87 34.72
N SER F 239 18.09 9.86 34.15
CA SER F 239 18.85 11.07 34.49
C SER F 239 20.14 11.16 33.67
N HIS F 240 20.77 10.01 33.41
CA HIS F 240 21.90 9.95 32.49
C HIS F 240 21.49 10.55 31.15
N ALA F 241 20.39 10.05 30.60
CA ALA F 241 19.81 10.57 29.36
C ALA F 241 19.52 12.06 29.44
N VAL F 242 19.05 12.52 30.60
CA VAL F 242 18.79 13.93 30.85
C VAL F 242 20.08 14.75 30.77
N LYS F 243 21.09 14.32 31.51
CA LYS F 243 22.40 14.99 31.52
C LYS F 243 23.05 14.98 30.15
N ILE F 244 22.88 13.86 29.43
CA ILE F 244 23.45 13.68 28.10
C ILE F 244 22.82 14.65 27.10
N VAL F 245 21.50 14.77 27.12
CA VAL F 245 20.79 15.67 26.21
C VAL F 245 21.09 17.16 26.49
N VAL F 246 21.43 17.47 27.74
CA VAL F 246 21.82 18.82 28.13
C VAL F 246 23.24 19.14 27.65
N GLU F 247 24.16 18.20 27.93
CA GLU F 247 25.55 18.31 27.49
C GLU F 247 25.68 18.30 25.97
N ALA F 248 24.81 17.55 25.30
CA ALA F 248 24.76 17.51 23.84
C ALA F 248 24.34 18.86 23.28
N ALA F 249 23.41 19.52 23.97
CA ALA F 249 22.94 20.85 23.59
C ALA F 249 24.08 21.86 23.60
N ARG F 250 24.94 21.77 24.62
CA ARG F 250 26.11 22.64 24.76
C ARG F 250 27.03 22.58 23.54
N ARG F 251 27.02 21.44 22.87
CA ARG F 251 27.92 21.19 21.74
C ARG F 251 27.34 21.63 20.38
N LEU F 252 26.10 22.11 20.39
CA LEU F 252 25.41 22.50 19.15
C LEU F 252 24.86 23.93 19.17
N LEU F 253 25.12 24.67 20.25
CA LEU F 253 24.56 26.02 20.43
C LEU F 253 25.21 27.05 19.53
P PO4 G . -9.79 18.59 21.20
O1 PO4 G . -9.91 20.05 21.57
O2 PO4 G . -10.66 17.76 22.11
O3 PO4 G . -10.25 18.40 19.76
O4 PO4 G . -8.35 18.16 21.34
N1 URI H . -8.75 20.72 15.86
C2 URI H . -8.09 20.34 14.65
N3 URI H . -8.22 21.12 13.54
C4 URI H . -8.95 22.25 13.54
C5 URI H . -9.59 22.64 14.72
C6 URI H . -9.48 21.86 15.86
O2 URI H . -7.40 19.31 14.55
O4 URI H . -9.04 22.95 12.51
C1' URI H . -8.69 19.97 17.12
C2' URI H . -8.05 18.58 17.05
C3' URI H . -6.95 18.57 18.08
C4' URI H . -6.91 19.97 18.69
O2' URI H . -9.03 17.57 17.33
O3' URI H . -7.24 17.63 19.12
O4' URI H . -7.95 20.73 18.08
C5' URI H . -5.58 20.66 18.42
O5' URI H . -5.80 22.07 18.39
N1 URI I . 24.55 7.14 -10.76
C2 URI I . 23.15 7.35 -10.84
N3 URI I . 22.66 8.57 -11.16
C4 URI I . 23.48 9.61 -11.44
C5 URI I . 24.86 9.42 -11.37
C6 URI I . 25.37 8.18 -11.04
O2 URI I . 22.31 6.45 -10.60
O4 URI I . 23.01 10.71 -11.74
C1' URI I . 25.22 5.86 -10.43
C2' URI I . 24.30 4.74 -9.94
C3' URI I . 24.81 3.48 -10.61
C4' URI I . 25.65 3.96 -11.78
O2' URI I . 24.33 4.62 -8.51
O3' URI I . 25.66 2.75 -9.73
O4' URI I . 25.91 5.36 -11.57
C5' URI I . 24.92 3.73 -13.10
O5' URI I . 25.04 4.90 -13.93
N1 URI J . -18.04 -2.92 -21.15
C2 URI J . -17.42 -2.04 -20.22
N3 URI J . -16.81 -0.91 -20.66
C4 URI J . -16.79 -0.61 -21.98
C5 URI J . -17.39 -1.45 -22.90
C6 URI J . -18.02 -2.62 -22.45
O2 URI J . -17.41 -2.26 -18.99
O4 URI J . -16.23 0.44 -22.37
C1' URI J . -18.74 -4.17 -20.78
C2' URI J . -18.13 -4.96 -19.62
C3' URI J . -19.25 -5.17 -18.62
C4' URI J . -20.49 -4.56 -19.24
O2' URI J . -17.62 -6.20 -20.11
O3' URI J . -19.49 -6.57 -18.40
O4' URI J . -20.07 -3.81 -20.39
C5' URI J . -21.23 -3.65 -18.28
O5' URI J . -22.32 -3.06 -19.00
N1 URI K . 18.99 -17.28 -11.47
C2 URI K . 18.23 -16.84 -10.35
N3 URI K . 17.75 -17.75 -9.46
C4 URI K . 17.98 -19.08 -9.62
C5 URI K . 18.73 -19.52 -10.72
C6 URI K . 19.22 -18.59 -11.63
O2 URI K . 17.97 -15.63 -10.13
O4 URI K . 17.53 -19.90 -8.79
C1' URI K . 19.57 -16.39 -12.50
C2' URI K . 18.85 -15.07 -12.73
C3' URI K . 19.85 -13.99 -12.34
C4' URI K . 21.18 -14.70 -12.16
O2' URI K . 18.49 -14.95 -14.10
O3' URI K . 19.97 -13.00 -13.36
O4' URI K . 20.92 -16.10 -12.15
C5' URI K . 21.88 -14.28 -10.87
O5' URI K . 22.51 -15.42 -10.28
N1 URI L . -24.12 -13.68 0.47
C2 URI L . -22.70 -13.68 0.60
N3 URI L . -22.11 -14.41 1.58
C4 URI L . -22.84 -15.16 2.43
C5 URI L . -24.23 -15.17 2.32
C6 URI L . -24.85 -14.43 1.33
O2 URI L . -21.96 -13.02 -0.15
O4 URI L . -22.27 -15.82 3.32
C1' URI L . -24.88 -12.93 -0.55
C2' URI L . -24.17 -11.71 -1.14
C3' URI L . -24.19 -11.91 -2.64
C4' URI L . -25.05 -13.13 -2.89
O2' URI L . -24.88 -10.52 -0.76
O3' URI L . -24.75 -10.78 -3.30
O4' URI L . -25.19 -13.81 -1.64
C5' URI L . -24.43 -14.06 -3.92
O5' URI L . -25.24 -15.23 -4.02
N1 URI M . 7.73 4.44 26.13
C2 URI M . 7.23 3.59 25.10
N3 URI M . 7.34 2.25 25.24
C4 URI M . 7.90 1.68 26.33
C5 URI M . 8.39 2.51 27.35
C6 URI M . 8.29 3.88 27.22
O2 URI M . 6.71 4.04 24.06
O4 URI M . 7.98 0.44 26.42
C1' URI M . 7.69 5.92 26.10
C2' URI M . 7.23 6.58 24.80
C3' URI M . 6.15 7.56 25.18
C4' URI M . 5.89 7.36 26.66
O2' URI M . 8.34 7.23 24.17
O3' URI M . 6.57 8.91 24.97
O4' URI M . 6.81 6.37 27.15
C5' URI M . 4.48 6.87 26.93
O5' URI M . 4.43 6.37 28.28
#